data_3KGL
#
_entry.id   3KGL
#
_cell.length_a   100.102
_cell.length_b   190.412
_cell.length_c   99.901
_cell.angle_alpha   90.00
_cell.angle_beta   114.00
_cell.angle_gamma   90.00
#
_symmetry.space_group_name_H-M   'P 1 21 1'
#
loop_
_entity.id
_entity.type
_entity.pdbx_description
1 polymer Cruciferin
2 non-polymer GLYCEROL
3 non-polymer 'SULFATE ION'
4 water water
#
_entity_poly.entity_id   1
_entity_poly.type   'polypeptide(L)'
_entity_poly.pdbx_seq_one_letter_code
;QQFPNECQLDQLNALEPSHVLKAEAGRIEVWDHHAPQLRCSGVSFVRYIIESKGLYLPSFFSTAKLSFVAKGEGLMGRVV
PGCAETFQDSSVFQPGGGSPFGEGQGQGQQGQGQGHQGQGQGQQGQQGQQGQQSQGQGFRDMHQKVEHIRTGDTIATHPG
VAQWFYNDGNQPLVIVSVLDLASHQNQLDRNPRPFYLAGNNPQGQVWIEGREQQPQKNILNGFTPEVLAKAFKIDVRTAQ
QLQNQQDNRGNIIRVQGPFSVIRPPLRSQRPQEEVNGLEETICSARCTDNLDDPSNADVYKPQLGYISTLNSYDLPILRF
LRLSALRGSIRQNAMVLPQWNANANAVLYVTDGEAHVQVVNDNGDRVFDGQVSQGQLLSIPQGFSVVKRATSEQFRWIEF
KTNANAQINTLAGRTSVLRGLPLEVISNGYQISLEEARRVKFNTIETTLTHSSGPASYGGPRKADA
;
_entity_poly.pdbx_strand_id   A,B,C,D,E,F
#
loop_
_chem_comp.id
_chem_comp.type
_chem_comp.name
_chem_comp.formula
GOL non-polymer GLYCEROL 'C3 H8 O3'
SO4 non-polymer 'SULFATE ION' 'O4 S -2'
#
# COMPACT_ATOMS: atom_id res chain seq x y z
N GLN A 1 8.62 -6.82 -9.33
CA GLN A 1 7.86 -6.66 -8.09
C GLN A 1 7.32 -5.24 -7.90
N GLN A 2 7.18 -4.80 -6.64
CA GLN A 2 6.59 -3.50 -6.31
C GLN A 2 7.17 -2.78 -5.07
N PHE A 3 7.01 -1.45 -5.05
CA PHE A 3 7.57 -0.53 -4.03
C PHE A 3 7.39 -1.00 -2.60
N PRO A 4 8.48 -0.99 -1.82
CA PRO A 4 9.75 -0.38 -2.19
C PRO A 4 10.75 -1.40 -2.74
N ASN A 5 10.27 -2.50 -3.30
CA ASN A 5 11.15 -3.42 -4.01
C ASN A 5 10.90 -3.35 -5.51
N GLU A 6 10.70 -2.12 -5.98
CA GLU A 6 10.38 -1.82 -7.38
C GLU A 6 11.52 -2.21 -8.31
N CYS A 7 12.66 -2.55 -7.72
CA CYS A 7 13.86 -2.90 -8.51
C CYS A 7 14.40 -4.33 -8.35
N GLN A 8 13.62 -5.18 -7.68
CA GLN A 8 13.80 -6.63 -7.75
C GLN A 8 13.27 -7.11 -9.09
N LEU A 9 14.10 -6.95 -10.13
CA LEU A 9 13.76 -7.32 -11.50
C LEU A 9 14.56 -8.54 -11.89
N ASP A 10 13.89 -9.51 -12.49
CA ASP A 10 14.54 -10.76 -12.86
C ASP A 10 14.54 -10.95 -14.35
N GLN A 11 13.69 -10.20 -15.03
CA GLN A 11 13.61 -10.26 -16.47
C GLN A 11 13.16 -8.91 -17.04
N LEU A 12 13.96 -8.35 -17.94
CA LEU A 12 13.58 -7.13 -18.67
C LEU A 12 13.23 -7.51 -20.11
N ASN A 13 12.43 -6.69 -20.76
CA ASN A 13 12.02 -6.95 -22.13
C ASN A 13 12.09 -5.72 -23.02
N ALA A 14 12.46 -5.90 -24.27
CA ALA A 14 12.29 -4.84 -25.27
C ALA A 14 10.80 -4.43 -25.28
N LEU A 15 10.53 -3.16 -24.98
CA LEU A 15 9.17 -2.69 -24.79
C LEU A 15 8.64 -1.84 -25.94
N GLU A 16 7.32 -1.83 -26.10
CA GLU A 16 6.68 -0.98 -27.08
C GLU A 16 5.46 -0.31 -26.45
N PRO A 17 4.84 0.64 -27.17
CA PRO A 17 3.72 1.39 -26.60
C PRO A 17 2.59 0.48 -26.10
N SER A 18 1.82 0.94 -25.11
CA SER A 18 0.77 0.13 -24.52
C SER A 18 -0.60 0.71 -24.67
N HIS A 19 -0.67 1.94 -25.18
CA HIS A 19 -1.94 2.61 -25.45
C HIS A 19 -1.68 3.53 -26.62
N VAL A 20 -2.67 3.73 -27.49
CA VAL A 20 -2.48 4.71 -28.55
C VAL A 20 -3.62 5.72 -28.66
N LEU A 21 -3.26 6.98 -28.84
CA LEU A 21 -4.24 8.04 -28.99
C LEU A 21 -4.19 8.46 -30.44
N LYS A 22 -5.19 8.03 -31.18
CA LYS A 22 -5.24 8.27 -32.61
C LYS A 22 -5.89 9.62 -32.85
N ALA A 23 -5.16 10.51 -33.50
CA ALA A 23 -5.67 11.83 -33.82
C ALA A 23 -5.83 12.04 -35.32
N GLU A 24 -6.66 13.00 -35.69
CA GLU A 24 -6.86 13.45 -37.08
C GLU A 24 -5.62 13.30 -37.96
N ALA A 25 -4.48 13.82 -37.51
CA ALA A 25 -3.26 13.81 -38.33
C ALA A 25 -2.03 13.27 -37.62
N GLY A 26 -2.20 12.23 -36.83
CA GLY A 26 -1.07 11.62 -36.18
C GLY A 26 -1.53 10.89 -34.94
N ARG A 27 -0.59 10.33 -34.20
CA ARG A 27 -0.97 9.63 -32.99
C ARG A 27 0.11 9.66 -31.91
N ILE A 28 -0.35 9.62 -30.67
CA ILE A 28 0.52 9.62 -29.51
C ILE A 28 0.60 8.19 -28.97
N GLU A 29 1.77 7.59 -29.06
CA GLU A 29 1.95 6.24 -28.56
C GLU A 29 2.67 6.27 -27.24
N VAL A 30 1.99 5.81 -26.20
CA VAL A 30 2.50 6.00 -24.86
C VAL A 30 2.79 4.67 -24.16
N TRP A 31 3.99 4.60 -23.58
CA TRP A 31 4.51 3.42 -22.87
C TRP A 31 3.90 3.29 -21.48
N ASP A 32 3.91 2.07 -20.96
CA ASP A 32 3.34 1.83 -19.65
C ASP A 32 4.35 2.00 -18.50
N HIS A 33 4.11 2.98 -17.64
CA HIS A 33 5.03 3.23 -16.54
C HIS A 33 4.74 2.32 -15.35
N HIS A 34 3.64 1.59 -15.40
CA HIS A 34 3.28 0.59 -14.37
C HIS A 34 3.99 -0.74 -14.61
N ALA A 35 4.69 -0.86 -15.72
CA ALA A 35 5.52 -2.01 -15.95
C ALA A 35 6.61 -2.02 -14.87
N PRO A 36 6.80 -3.16 -14.19
CA PRO A 36 7.84 -3.23 -13.16
C PRO A 36 9.14 -2.64 -13.66
N GLN A 37 9.59 -3.05 -14.83
CA GLN A 37 10.82 -2.55 -15.44
C GLN A 37 10.89 -1.03 -15.63
N LEU A 38 9.76 -0.42 -16.00
CA LEU A 38 9.73 1.04 -16.18
C LEU A 38 9.57 1.78 -14.86
N ARG A 39 8.83 1.19 -13.94
CA ARG A 39 8.59 1.77 -12.62
C ARG A 39 9.89 1.95 -11.83
N CYS A 40 10.76 0.94 -11.87
CA CYS A 40 12.08 1.03 -11.29
C CYS A 40 12.85 2.27 -11.77
N SER A 41 13.00 2.40 -13.10
CA SER A 41 13.74 3.51 -13.67
C SER A 41 13.13 4.86 -13.35
N GLY A 42 11.90 4.83 -12.84
CA GLY A 42 11.20 6.04 -12.46
C GLY A 42 10.90 6.99 -13.60
N VAL A 43 10.58 6.45 -14.78
CA VAL A 43 10.21 7.29 -15.92
C VAL A 43 9.09 6.69 -16.77
N SER A 44 8.49 7.53 -17.59
CA SER A 44 7.59 7.07 -18.64
C SER A 44 8.22 7.48 -19.97
N PHE A 45 7.67 6.98 -21.06
CA PHE A 45 8.21 7.25 -22.39
C PHE A 45 7.03 7.41 -23.33
N VAL A 46 7.21 8.18 -24.41
CA VAL A 46 6.12 8.44 -25.34
C VAL A 46 6.71 8.75 -26.71
N ARG A 47 5.96 8.44 -27.76
CA ARG A 47 6.41 8.75 -29.10
C ARG A 47 5.30 9.49 -29.79
N TYR A 48 5.58 10.68 -30.28
CA TYR A 48 4.65 11.38 -31.16
C TYR A 48 4.95 10.89 -32.55
N ILE A 49 3.91 10.44 -33.27
CA ILE A 49 4.07 10.20 -34.71
C ILE A 49 3.21 11.11 -35.55
N ILE A 50 3.82 12.20 -36.05
CA ILE A 50 3.06 13.28 -36.68
C ILE A 50 3.08 13.22 -38.21
N GLU A 51 1.88 13.20 -38.80
CA GLU A 51 1.73 13.07 -40.25
C GLU A 51 2.03 14.38 -40.94
N SER A 52 1.73 14.47 -42.23
CA SER A 52 2.03 15.69 -42.95
C SER A 52 0.91 16.70 -42.83
N LYS A 53 1.28 17.99 -42.75
CA LYS A 53 0.35 19.08 -42.49
C LYS A 53 -0.11 18.97 -41.04
N GLY A 54 0.54 18.09 -40.30
CA GLY A 54 0.09 17.71 -38.98
C GLY A 54 0.66 18.57 -37.87
N LEU A 55 -0.24 19.10 -37.04
CA LEU A 55 0.16 19.93 -35.93
C LEU A 55 -0.15 19.21 -34.63
N TYR A 56 0.87 19.07 -33.78
CA TYR A 56 0.68 18.60 -32.41
C TYR A 56 0.49 19.83 -31.50
N LEU A 57 -0.69 19.94 -30.89
CA LEU A 57 -1.13 21.18 -30.24
C LEU A 57 -0.51 21.35 -28.87
N PRO A 58 -0.27 22.61 -28.47
CA PRO A 58 0.44 23.02 -27.26
C PRO A 58 0.01 22.26 -26.00
N SER A 59 1.00 21.61 -25.39
CA SER A 59 0.81 20.90 -24.13
C SER A 59 1.96 21.22 -23.19
N PHE A 60 1.67 21.27 -21.90
CA PHE A 60 2.73 21.35 -20.90
C PHE A 60 2.63 20.22 -19.88
N PHE A 61 3.77 19.89 -19.29
CA PHE A 61 3.88 18.74 -18.42
C PHE A 61 4.27 19.11 -17.00
N SER A 62 4.07 18.17 -16.08
CA SER A 62 4.36 18.37 -14.65
C SER A 62 5.75 17.84 -14.28
N THR A 63 6.45 17.31 -15.27
CA THR A 63 7.77 16.74 -15.07
C THR A 63 8.71 17.24 -16.15
N ALA A 64 10.00 17.04 -15.93
CA ALA A 64 10.98 17.34 -16.96
C ALA A 64 10.71 16.50 -18.22
N LYS A 65 11.14 17.02 -19.36
CA LYS A 65 10.88 16.38 -20.63
C LYS A 65 12.14 16.52 -21.44
N LEU A 66 12.61 15.41 -21.97
CA LEU A 66 13.76 15.44 -22.87
C LEU A 66 13.33 14.73 -24.14
N SER A 67 13.28 15.47 -25.24
CA SER A 67 12.73 14.94 -26.48
C SER A 67 13.86 14.67 -27.46
N PHE A 68 13.65 13.70 -28.35
CA PHE A 68 14.57 13.40 -29.46
C PHE A 68 13.76 13.25 -30.74
N VAL A 69 14.26 13.79 -31.84
CA VAL A 69 13.59 13.66 -33.12
C VAL A 69 14.25 12.50 -33.84
N ALA A 70 13.50 11.42 -34.06
CA ALA A 70 14.08 10.17 -34.53
C ALA A 70 13.98 10.06 -36.04
N LYS A 71 12.84 10.50 -36.57
CA LYS A 71 12.60 10.52 -38.01
C LYS A 71 11.92 11.82 -38.37
N GLY A 72 12.43 12.53 -39.36
CA GLY A 72 11.66 13.59 -39.94
C GLY A 72 12.24 14.96 -39.69
N GLU A 73 11.40 15.96 -39.91
CA GLU A 73 11.83 17.35 -39.89
C GLU A 73 10.57 18.18 -39.66
N GLY A 74 10.72 19.34 -39.01
CA GLY A 74 9.59 20.21 -38.80
C GLY A 74 9.85 21.46 -37.98
N LEU A 75 8.77 22.02 -37.42
CA LEU A 75 8.83 23.24 -36.63
C LEU A 75 8.50 22.94 -35.17
N MET A 76 9.08 23.72 -34.25
CA MET A 76 8.72 23.64 -32.83
C MET A 76 8.60 25.00 -32.16
N GLY A 77 7.68 25.08 -31.21
CA GLY A 77 7.46 26.30 -30.46
C GLY A 77 7.43 26.01 -28.98
N ARG A 78 8.30 26.70 -28.25
CA ARG A 78 8.32 26.64 -26.81
C ARG A 78 7.70 27.96 -26.40
N VAL A 79 7.10 27.99 -25.21
CA VAL A 79 6.58 29.24 -24.64
C VAL A 79 6.84 29.23 -23.15
N VAL A 80 7.71 30.12 -22.70
CA VAL A 80 8.05 30.17 -21.28
C VAL A 80 7.21 31.22 -20.52
N PRO A 81 7.23 31.17 -19.18
CA PRO A 81 6.53 32.18 -18.36
C PRO A 81 7.17 33.57 -18.48
N GLY A 82 6.52 34.46 -19.23
CA GLY A 82 6.96 35.84 -19.34
C GLY A 82 8.26 36.07 -20.08
N CYS A 83 8.25 35.84 -21.39
CA CYS A 83 9.40 36.19 -22.22
C CYS A 83 8.99 37.09 -23.38
N ALA A 84 9.97 37.81 -23.92
CA ALA A 84 9.72 38.73 -25.02
C ALA A 84 9.28 37.94 -26.25
N GLU A 85 8.82 38.66 -27.27
CA GLU A 85 8.41 38.01 -28.51
C GLU A 85 9.47 38.19 -29.60
N THR A 86 10.14 37.08 -29.92
CA THR A 86 11.26 37.05 -30.84
C THR A 86 10.81 37.20 -32.30
N PHE A 87 10.18 36.16 -32.84
CA PHE A 87 9.78 36.13 -34.24
C PHE A 87 8.58 37.03 -34.57
N GLN A 88 8.39 37.26 -35.87
CA GLN A 88 7.35 38.15 -36.39
C GLN A 88 6.77 37.55 -37.68
N ASP A 89 5.45 37.68 -37.86
CA ASP A 89 4.75 37.05 -38.99
C ASP A 89 4.09 38.03 -39.96
N SER A 90 4.55 38.04 -41.20
CA SER A 90 3.90 38.82 -42.24
C SER A 90 2.41 38.50 -42.27
N SER A 91 1.58 39.53 -42.34
CA SER A 91 0.16 39.33 -42.62
C SER A 91 -0.02 39.32 -44.13
N VAL A 92 -0.65 38.26 -44.64
CA VAL A 92 -0.78 38.05 -46.08
C VAL A 92 -1.33 39.28 -46.83
N PHE A 93 -2.65 39.48 -46.82
CA PHE A 93 -3.25 40.68 -47.40
C PHE A 93 -3.74 41.57 -46.26
N GLN A 94 -3.14 42.76 -46.14
CA GLN A 94 -3.25 43.59 -44.94
C GLN A 94 -4.29 44.72 -44.98
N PRO A 95 -5.38 44.58 -44.20
CA PRO A 95 -6.31 45.68 -43.92
C PRO A 95 -6.08 46.27 -42.53
N GLY A 96 -6.78 45.73 -41.54
CA GLY A 96 -6.66 46.19 -40.17
C GLY A 96 -7.32 45.24 -39.19
N GLY A 138 -2.17 46.99 -42.09
CA GLY A 138 -2.55 45.74 -41.47
C GLY A 138 -1.53 45.27 -40.45
N PHE A 139 -1.99 44.49 -39.48
CA PHE A 139 -1.12 44.01 -38.41
C PHE A 139 -0.41 42.70 -38.78
N ARG A 140 0.80 42.53 -38.23
CA ARG A 140 1.50 41.27 -38.33
C ARG A 140 1.33 40.52 -37.01
N ASP A 141 2.11 39.46 -36.80
CA ASP A 141 1.93 38.65 -35.61
C ASP A 141 3.19 38.54 -34.78
N MET A 142 3.08 38.96 -33.52
CA MET A 142 4.17 38.80 -32.58
C MET A 142 3.97 37.49 -31.81
N HIS A 143 5.05 36.76 -31.60
CA HIS A 143 4.97 35.48 -30.89
C HIS A 143 6.35 34.87 -30.66
N GLN A 144 6.41 33.88 -29.78
CA GLN A 144 7.68 33.27 -29.37
C GLN A 144 8.47 32.70 -30.55
N LYS A 145 9.73 32.38 -30.31
CA LYS A 145 10.58 31.85 -31.35
C LYS A 145 10.10 30.49 -31.83
N VAL A 146 9.85 30.38 -33.12
CA VAL A 146 9.55 29.11 -33.75
C VAL A 146 10.83 28.56 -34.35
N GLU A 147 11.34 27.49 -33.76
CA GLU A 147 12.56 26.85 -34.21
C GLU A 147 12.28 25.80 -35.31
N HIS A 148 13.29 25.48 -36.11
CA HIS A 148 13.20 24.36 -37.05
C HIS A 148 13.91 23.18 -36.40
N ILE A 149 13.35 22.00 -36.60
CA ILE A 149 13.94 20.77 -36.05
C ILE A 149 14.13 19.73 -37.14
N ARG A 150 15.22 18.98 -37.03
CA ARG A 150 15.56 17.91 -37.96
C ARG A 150 16.02 16.73 -37.15
N THR A 151 16.16 15.58 -37.79
CA THR A 151 16.54 14.36 -37.10
C THR A 151 17.84 14.53 -36.29
N GLY A 152 17.81 14.07 -35.04
CA GLY A 152 18.96 14.14 -34.18
C GLY A 152 18.91 15.28 -33.17
N ASP A 153 18.02 16.24 -33.40
CA ASP A 153 17.85 17.32 -32.45
C ASP A 153 17.42 16.73 -31.11
N THR A 154 17.99 17.24 -30.03
CA THR A 154 17.61 16.84 -28.70
C THR A 154 17.09 18.07 -27.94
N ILE A 155 15.80 18.03 -27.59
CA ILE A 155 15.12 19.17 -26.96
C ILE A 155 14.91 18.99 -25.47
N ALA A 156 15.07 20.07 -24.69
CA ALA A 156 14.79 20.04 -23.25
C ALA A 156 13.65 20.96 -22.84
N THR A 157 12.87 20.49 -21.87
CA THR A 157 11.68 21.20 -21.43
C THR A 157 11.51 21.16 -19.93
N HIS A 158 11.44 22.35 -19.33
CA HIS A 158 11.19 22.52 -17.90
C HIS A 158 9.76 22.18 -17.58
N PRO A 159 9.49 21.60 -16.40
CA PRO A 159 8.08 21.48 -16.01
C PRO A 159 7.40 22.84 -16.16
N GLY A 160 6.26 22.87 -16.84
CA GLY A 160 5.51 24.11 -16.97
C GLY A 160 5.67 24.81 -18.31
N VAL A 161 6.66 24.40 -19.09
CA VAL A 161 6.86 24.94 -20.43
C VAL A 161 5.94 24.27 -21.47
N ALA A 162 5.22 25.06 -22.24
CA ALA A 162 4.34 24.52 -23.28
C ALA A 162 5.06 24.40 -24.61
N GLN A 163 4.84 23.30 -25.32
CA GLN A 163 5.43 23.07 -26.65
C GLN A 163 4.42 22.49 -27.64
N TRP A 164 4.57 22.87 -28.90
CA TRP A 164 3.77 22.34 -30.00
C TRP A 164 4.69 22.00 -31.16
N PHE A 165 4.37 20.95 -31.91
CA PHE A 165 5.18 20.54 -33.06
C PHE A 165 4.38 20.54 -34.35
N TYR A 166 5.04 20.92 -35.45
CA TYR A 166 4.40 20.93 -36.77
C TYR A 166 5.27 20.23 -37.80
N ASN A 167 4.65 19.33 -38.56
CA ASN A 167 5.31 18.69 -39.67
C ASN A 167 5.06 19.43 -40.98
N ASP A 168 5.95 20.38 -41.29
CA ASP A 168 5.99 21.06 -42.57
C ASP A 168 6.49 20.05 -43.60
N GLY A 169 7.09 19.00 -43.09
CA GLY A 169 7.89 18.09 -43.88
C GLY A 169 7.13 17.07 -44.72
N ASN A 170 7.91 16.34 -45.50
CA ASN A 170 7.40 15.39 -46.47
C ASN A 170 6.95 14.10 -45.82
N GLN A 171 7.93 13.42 -45.22
CA GLN A 171 7.69 12.17 -44.51
C GLN A 171 7.14 12.42 -43.10
N PRO A 172 6.75 11.35 -42.40
CA PRO A 172 6.29 11.51 -41.02
C PRO A 172 7.40 12.03 -40.09
N LEU A 173 7.01 12.93 -39.21
CA LEU A 173 7.91 13.45 -38.19
C LEU A 173 7.72 12.67 -36.91
N VAL A 174 8.81 12.09 -36.39
CA VAL A 174 8.73 11.24 -35.22
C VAL A 174 9.53 11.82 -34.08
N ILE A 175 8.84 12.33 -33.06
CA ILE A 175 9.53 12.74 -31.86
C ILE A 175 9.34 11.64 -30.80
N VAL A 176 10.42 11.37 -30.05
CA VAL A 176 10.43 10.43 -28.96
C VAL A 176 10.83 11.18 -27.67
N SER A 177 10.17 10.90 -26.55
CA SER A 177 10.28 11.72 -25.33
C SER A 177 10.35 10.90 -24.04
N VAL A 178 11.25 11.27 -23.13
CA VAL A 178 11.22 10.71 -21.78
C VAL A 178 10.57 11.71 -20.82
N LEU A 179 9.78 11.20 -19.89
CA LEU A 179 9.23 12.04 -18.84
C LEU A 179 9.77 11.54 -17.50
N ASP A 180 10.40 12.43 -16.73
CA ASP A 180 11.06 12.08 -15.47
C ASP A 180 10.08 12.13 -14.31
N LEU A 181 9.57 10.97 -13.90
CA LEU A 181 8.49 10.90 -12.93
C LEU A 181 9.00 10.99 -11.50
N ALA A 182 10.14 10.36 -11.25
CA ALA A 182 10.74 10.34 -9.93
C ALA A 182 11.23 11.73 -9.51
N SER A 183 11.79 12.47 -10.47
CA SER A 183 12.41 13.78 -10.20
C SER A 183 11.67 14.65 -9.18
N HIS A 184 12.43 15.39 -8.39
CA HIS A 184 11.80 16.23 -7.39
C HIS A 184 10.91 17.28 -8.05
N GLN A 185 11.19 17.63 -9.30
CA GLN A 185 10.43 18.67 -10.01
C GLN A 185 8.97 18.35 -10.31
N ASN A 186 8.65 17.06 -10.40
CA ASN A 186 7.27 16.64 -10.52
C ASN A 186 6.64 16.75 -9.14
N GLN A 187 5.72 17.69 -8.99
CA GLN A 187 5.13 17.97 -7.69
C GLN A 187 3.91 17.09 -7.54
N LEU A 188 3.62 16.35 -8.60
CA LEU A 188 2.39 15.59 -8.63
C LEU A 188 2.56 14.11 -8.28
N ASP A 189 2.79 13.29 -9.30
CA ASP A 189 2.42 11.88 -9.26
C ASP A 189 3.31 10.94 -10.01
N ARG A 190 3.15 9.66 -9.73
CA ARG A 190 3.86 8.64 -10.48
C ARG A 190 3.35 8.40 -11.90
N ASN A 191 2.47 9.27 -12.40
CA ASN A 191 2.07 9.26 -13.81
C ASN A 191 2.57 10.48 -14.59
N PRO A 192 2.70 10.34 -15.92
CA PRO A 192 3.00 11.48 -16.77
C PRO A 192 1.70 12.23 -16.95
N ARG A 193 1.73 13.55 -16.90
CA ARG A 193 0.49 14.29 -17.03
C ARG A 193 0.61 15.41 -18.03
N PRO A 194 0.04 15.20 -19.22
CA PRO A 194 -0.06 16.24 -20.23
C PRO A 194 -1.13 17.21 -19.78
N PHE A 195 -0.86 18.50 -19.96
CA PHE A 195 -1.90 19.48 -19.80
C PHE A 195 -2.14 20.07 -21.15
N TYR A 196 -3.33 19.80 -21.70
CA TYR A 196 -3.65 20.16 -23.05
C TYR A 196 -4.30 21.53 -23.14
N LEU A 197 -3.68 22.42 -23.90
CA LEU A 197 -4.22 23.78 -24.06
C LEU A 197 -5.38 23.89 -25.08
N ALA A 198 -5.43 23.00 -26.06
CA ALA A 198 -6.37 23.17 -27.16
C ALA A 198 -7.06 21.86 -27.51
N GLY A 199 -6.23 20.88 -27.86
CA GLY A 199 -6.72 19.59 -28.29
C GLY A 199 -7.65 18.92 -27.30
N ASN A 200 -8.67 18.28 -27.84
CA ASN A 200 -9.51 17.40 -27.06
C ASN A 200 -8.94 15.97 -27.16
N ASN A 201 -9.02 15.21 -26.08
CA ASN A 201 -8.74 13.78 -26.17
C ASN A 201 -9.93 12.98 -25.72
N PRO A 202 -10.72 12.46 -26.67
CA PRO A 202 -11.95 11.77 -26.30
C PRO A 202 -11.65 10.40 -25.66
N GLN A 203 -10.43 9.91 -25.84
CA GLN A 203 -10.04 8.62 -25.28
C GLN A 203 -9.72 8.70 -23.81
N GLY A 204 -9.34 9.90 -23.36
CA GLY A 204 -9.04 10.13 -21.96
C GLY A 204 -7.67 9.66 -21.52
N GLN A 205 -7.46 9.63 -20.21
CA GLN A 205 -6.13 9.38 -19.65
C GLN A 205 -5.93 7.88 -19.43
N VAL A 206 -5.88 7.16 -20.54
CA VAL A 206 -5.93 5.71 -20.56
C VAL A 206 -4.65 5.11 -20.00
N TRP A 207 -3.62 5.95 -19.86
CA TRP A 207 -2.31 5.53 -19.36
C TRP A 207 -2.22 5.60 -17.84
N ILE A 208 -3.21 6.23 -17.21
CA ILE A 208 -3.39 6.23 -15.76
C ILE A 208 -4.46 5.20 -15.37
N GLU A 209 -4.42 4.68 -14.15
CA GLU A 209 -5.31 3.57 -13.75
C GLU A 209 -6.83 3.79 -13.78
N GLY A 210 -7.35 4.52 -12.80
CA GLY A 210 -8.79 4.59 -12.63
C GLY A 210 -9.48 5.75 -13.31
N ARG A 211 -9.15 5.98 -14.58
CA ARG A 211 -9.77 7.07 -15.33
C ARG A 211 -11.20 6.75 -15.86
N GLU A 212 -11.51 5.47 -15.96
CA GLU A 212 -12.84 5.01 -16.36
C GLU A 212 -13.40 5.70 -17.63
N GLN A 213 -12.55 5.81 -18.64
CA GLN A 213 -13.03 6.20 -19.95
C GLN A 213 -13.81 7.48 -19.86
N GLN A 214 -13.30 8.42 -19.09
CA GLN A 214 -13.80 9.78 -19.20
C GLN A 214 -12.94 10.51 -20.20
N PRO A 215 -13.56 11.33 -21.02
CA PRO A 215 -12.81 12.10 -22.01
C PRO A 215 -11.90 13.14 -21.34
N GLN A 216 -10.84 13.51 -22.06
CA GLN A 216 -9.92 14.48 -21.54
C GLN A 216 -10.00 15.70 -22.40
N LYS A 217 -10.51 16.76 -21.79
CA LYS A 217 -10.66 18.03 -22.44
C LYS A 217 -9.44 18.92 -22.20
N ASN A 218 -9.29 19.97 -22.99
CA ASN A 218 -8.26 20.97 -22.73
C ASN A 218 -8.54 21.74 -21.46
N ILE A 219 -7.56 22.54 -21.05
CA ILE A 219 -7.67 23.31 -19.82
C ILE A 219 -8.85 24.27 -19.85
N LEU A 220 -8.98 24.99 -20.97
CA LEU A 220 -10.09 25.93 -21.17
C LEU A 220 -11.49 25.35 -20.96
N ASN A 221 -11.68 24.08 -21.30
CA ASN A 221 -12.96 23.42 -21.10
C ASN A 221 -13.46 23.43 -19.64
N GLY A 222 -12.54 23.62 -18.71
CA GLY A 222 -12.86 23.46 -17.31
C GLY A 222 -13.41 24.71 -16.67
N PHE A 223 -13.31 25.82 -17.39
CA PHE A 223 -13.83 27.08 -16.89
C PHE A 223 -15.17 27.33 -17.57
N THR A 224 -16.07 27.98 -16.86
CA THR A 224 -17.32 28.38 -17.48
C THR A 224 -17.02 29.34 -18.61
N PRO A 225 -17.78 29.23 -19.70
CA PRO A 225 -17.59 30.11 -20.85
C PRO A 225 -17.61 31.59 -20.46
N GLU A 226 -18.35 31.93 -19.41
CA GLU A 226 -18.49 33.32 -18.99
C GLU A 226 -17.21 33.91 -18.41
N VAL A 227 -16.61 33.22 -17.45
CA VAL A 227 -15.37 33.68 -16.83
C VAL A 227 -14.29 33.77 -17.91
N LEU A 228 -14.30 32.81 -18.83
CA LEU A 228 -13.32 32.76 -19.91
C LEU A 228 -13.47 33.99 -20.76
N ALA A 229 -14.71 34.37 -21.03
CA ALA A 229 -15.03 35.57 -21.80
C ALA A 229 -14.56 36.85 -21.10
N LYS A 230 -14.84 36.92 -19.80
CA LYS A 230 -14.39 38.05 -19.00
C LYS A 230 -12.85 38.11 -18.97
N ALA A 231 -12.18 36.96 -18.98
CA ALA A 231 -10.74 36.91 -18.95
C ALA A 231 -10.12 37.29 -20.30
N PHE A 232 -10.69 36.76 -21.37
CA PHE A 232 -10.19 37.06 -22.71
C PHE A 232 -10.84 38.30 -23.32
N LYS A 233 -11.75 38.91 -22.58
CA LYS A 233 -12.42 40.11 -23.08
C LYS A 233 -12.90 39.80 -24.49
N ILE A 234 -13.55 38.64 -24.63
CA ILE A 234 -14.13 38.22 -25.90
C ILE A 234 -15.59 37.85 -25.71
N ASP A 235 -16.26 37.55 -26.81
CA ASP A 235 -17.68 37.21 -26.76
C ASP A 235 -17.89 35.83 -26.17
N VAL A 236 -18.83 35.70 -25.23
CA VAL A 236 -19.17 34.42 -24.61
C VAL A 236 -19.45 33.25 -25.60
N ARG A 237 -19.84 33.57 -26.82
CA ARG A 237 -20.11 32.54 -27.81
C ARG A 237 -18.78 32.03 -28.35
N THR A 238 -17.80 32.93 -28.47
CA THR A 238 -16.47 32.59 -28.92
C THR A 238 -15.70 31.84 -27.82
N ALA A 239 -15.98 32.15 -26.57
CA ALA A 239 -15.32 31.48 -25.45
C ALA A 239 -15.73 30.01 -25.41
N GLN A 240 -16.99 29.74 -25.75
CA GLN A 240 -17.45 28.35 -25.91
C GLN A 240 -16.56 27.60 -26.89
N GLN A 241 -16.25 28.22 -28.02
CA GLN A 241 -15.49 27.56 -29.07
C GLN A 241 -14.12 27.15 -28.62
N LEU A 242 -13.53 27.99 -27.78
CA LEU A 242 -12.20 27.73 -27.26
C LEU A 242 -12.15 26.41 -26.52
N GLN A 243 -13.26 26.04 -25.90
CA GLN A 243 -13.34 24.83 -25.09
C GLN A 243 -13.36 23.51 -25.87
N ASN A 244 -13.18 23.58 -27.18
CA ASN A 244 -13.28 22.42 -28.04
C ASN A 244 -14.10 21.27 -27.49
N GLN A 245 -15.30 21.56 -27.02
CA GLN A 245 -16.14 20.49 -26.48
C GLN A 245 -16.60 19.60 -27.60
N GLN A 246 -16.36 18.31 -27.45
CA GLN A 246 -16.83 17.30 -28.40
C GLN A 246 -15.95 17.18 -29.66
N ASP A 247 -14.95 18.04 -29.80
CA ASP A 247 -14.01 17.95 -30.91
C ASP A 247 -13.32 16.59 -30.92
N ASN A 248 -13.46 15.87 -32.03
CA ASN A 248 -12.93 14.50 -32.15
C ASN A 248 -11.66 14.38 -32.98
N ARG A 249 -10.90 15.47 -33.10
CA ARG A 249 -9.64 15.44 -33.83
C ARG A 249 -8.49 14.90 -32.97
N GLY A 250 -8.66 14.96 -31.67
CA GLY A 250 -7.57 14.61 -30.77
C GLY A 250 -6.57 15.75 -30.73
N ASN A 251 -5.34 15.42 -30.40
CA ASN A 251 -4.37 16.47 -30.14
C ASN A 251 -3.38 16.73 -31.27
N ILE A 252 -3.36 15.86 -32.29
CA ILE A 252 -2.57 16.09 -33.51
C ILE A 252 -3.54 16.32 -34.67
N ILE A 253 -3.62 17.55 -35.17
CA ILE A 253 -4.66 17.92 -36.14
C ILE A 253 -4.15 18.23 -37.55
N ARG A 254 -5.05 18.14 -38.51
CA ARG A 254 -4.74 18.54 -39.87
C ARG A 254 -4.82 20.06 -39.96
N VAL A 255 -3.71 20.67 -40.33
CA VAL A 255 -3.70 22.11 -40.48
C VAL A 255 -4.13 22.46 -41.88
N GLN A 256 -5.33 23.02 -41.97
CA GLN A 256 -5.79 23.58 -43.24
C GLN A 256 -5.18 24.97 -43.41
N GLY A 257 -4.52 25.19 -44.53
CA GLY A 257 -4.17 26.54 -44.90
C GLY A 257 -2.78 27.07 -44.58
N PRO A 258 -2.65 28.40 -44.62
CA PRO A 258 -1.39 29.16 -44.63
C PRO A 258 -0.72 29.22 -43.28
N PHE A 259 -0.11 28.10 -42.88
CA PHE A 259 0.70 28.06 -41.67
C PHE A 259 1.99 28.88 -41.83
N SER A 260 1.86 30.08 -42.38
CA SER A 260 2.96 31.03 -42.48
C SER A 260 3.37 31.55 -41.09
N VAL A 261 4.24 30.79 -40.42
CA VAL A 261 4.63 31.03 -39.02
C VAL A 261 6.02 31.66 -38.86
N ILE A 262 6.83 31.61 -39.91
CA ILE A 262 8.03 32.44 -40.04
C ILE A 262 8.10 32.92 -41.47
N ARG A 263 8.02 34.24 -41.69
CA ARG A 263 7.94 34.73 -43.07
C ARG A 263 9.32 35.04 -43.70
N PRO A 264 9.91 36.21 -43.39
CA PRO A 264 11.32 36.31 -43.75
C PRO A 264 12.20 36.41 -42.51
N PRO A 265 13.11 35.45 -42.30
CA PRO A 265 14.10 35.53 -41.21
C PRO A 265 15.31 36.38 -41.62
N LEU A 266 15.61 37.41 -40.84
CA LEU A 266 16.65 38.36 -41.19
C LEU A 266 17.92 38.13 -40.37
N THR A 281 17.69 32.02 -13.66
CA THR A 281 18.11 33.29 -14.25
C THR A 281 18.16 33.23 -15.77
N ILE A 282 18.24 32.02 -16.32
CA ILE A 282 18.44 31.83 -17.75
C ILE A 282 17.12 31.76 -18.53
N CYS A 283 16.75 32.87 -19.17
CA CYS A 283 15.53 32.91 -19.98
C CYS A 283 15.86 32.73 -21.46
N SER A 284 17.10 33.01 -21.83
CA SER A 284 17.53 32.82 -23.20
C SER A 284 18.74 31.90 -23.25
N ALA A 285 18.65 30.79 -22.52
CA ALA A 285 19.68 29.75 -22.60
C ALA A 285 19.43 28.90 -23.84
N ARG A 286 20.40 28.06 -24.19
CA ARG A 286 20.24 27.11 -25.29
C ARG A 286 19.56 25.85 -24.79
N CYS A 287 18.45 25.47 -25.42
CA CYS A 287 17.66 24.33 -24.99
C CYS A 287 17.57 23.19 -26.03
N THR A 288 18.00 23.46 -27.27
CA THR A 288 18.05 22.44 -28.32
C THR A 288 19.50 22.12 -28.70
N ASP A 289 19.72 20.95 -29.29
CA ASP A 289 21.07 20.54 -29.70
C ASP A 289 21.00 19.29 -30.58
N ASN A 290 21.96 19.11 -31.48
CA ASN A 290 21.91 17.96 -32.38
C ASN A 290 22.97 16.89 -32.12
N LEU A 291 22.49 15.69 -31.79
CA LEU A 291 23.36 14.60 -31.36
C LEU A 291 23.86 13.76 -32.54
N ASP A 292 23.28 13.97 -33.71
CA ASP A 292 23.78 13.33 -34.93
C ASP A 292 25.00 14.06 -35.50
N ASP A 293 25.54 15.00 -34.72
CA ASP A 293 26.73 15.75 -35.09
C ASP A 293 27.97 15.15 -34.43
N PRO A 294 28.74 14.37 -35.21
CA PRO A 294 29.96 13.65 -34.82
C PRO A 294 31.14 14.56 -34.43
N SER A 295 31.09 15.84 -34.77
CA SER A 295 32.14 16.77 -34.38
C SER A 295 32.01 17.06 -32.89
N ASN A 296 30.89 16.65 -32.31
CA ASN A 296 30.65 16.81 -30.88
C ASN A 296 30.45 15.47 -30.16
N ALA A 297 31.31 14.51 -30.46
CA ALA A 297 31.19 13.19 -29.87
C ALA A 297 32.31 12.90 -28.87
N ASP A 298 32.02 12.05 -27.89
CA ASP A 298 33.02 11.59 -26.93
C ASP A 298 34.01 10.65 -27.59
N VAL A 299 33.48 9.77 -28.45
CA VAL A 299 34.28 8.79 -29.18
C VAL A 299 33.82 8.72 -30.63
N TYR A 300 34.77 8.78 -31.56
CA TYR A 300 34.47 8.73 -32.99
C TYR A 300 35.48 7.88 -33.75
N LYS A 301 35.28 6.56 -33.73
CA LYS A 301 36.06 5.62 -34.51
C LYS A 301 35.25 5.36 -35.83
N PRO A 302 35.65 5.99 -36.95
CA PRO A 302 34.86 6.05 -38.20
C PRO A 302 34.74 4.72 -38.95
N GLN A 303 35.60 3.77 -38.62
CA GLN A 303 35.37 2.39 -39.00
C GLN A 303 34.19 1.80 -38.20
N LEU A 304 34.13 2.11 -36.92
CA LEU A 304 33.20 1.50 -35.96
C LEU A 304 31.91 2.30 -35.70
N GLY A 305 32.04 3.61 -35.49
CA GLY A 305 30.89 4.47 -35.25
C GLY A 305 31.18 5.54 -34.21
N TYR A 306 30.15 6.23 -33.72
CA TYR A 306 30.34 7.21 -32.63
C TYR A 306 29.38 7.07 -31.47
N ILE A 307 29.74 7.72 -30.36
CA ILE A 307 28.80 7.98 -29.29
C ILE A 307 28.90 9.43 -28.89
N SER A 308 27.78 10.14 -28.93
CA SER A 308 27.76 11.55 -28.59
C SER A 308 26.98 11.69 -27.30
N THR A 309 27.14 12.79 -26.60
CA THR A 309 26.53 12.91 -25.28
C THR A 309 26.12 14.31 -24.90
N LEU A 310 24.94 14.42 -24.28
CA LEU A 310 24.47 15.67 -23.70
C LEU A 310 24.58 15.72 -22.17
N ASN A 311 25.78 16.00 -21.66
CA ASN A 311 25.97 16.24 -20.25
C ASN A 311 25.35 17.60 -19.93
N SER A 312 25.45 18.04 -18.68
CA SER A 312 25.01 19.38 -18.32
C SER A 312 26.11 20.37 -18.69
N TYR A 313 27.24 19.85 -19.13
CA TYR A 313 28.36 20.69 -19.51
C TYR A 313 28.13 21.20 -20.91
N ASP A 314 27.00 20.83 -21.47
CA ASP A 314 26.69 21.19 -22.84
C ASP A 314 25.44 22.06 -22.80
N LEU A 315 24.38 21.56 -22.15
CA LEU A 315 23.16 22.33 -21.95
C LEU A 315 22.93 22.59 -20.46
N PRO A 316 23.53 23.67 -19.95
CA PRO A 316 23.45 24.13 -18.57
C PRO A 316 22.06 24.05 -17.94
N ILE A 317 21.00 24.19 -18.75
CA ILE A 317 19.64 24.06 -18.25
C ILE A 317 19.36 22.62 -17.76
N LEU A 318 20.16 21.66 -18.21
CA LEU A 318 20.01 20.27 -17.80
C LEU A 318 20.28 20.03 -16.32
N ARG A 319 21.15 20.84 -15.72
CA ARG A 319 21.49 20.72 -14.30
C ARG A 319 20.24 20.92 -13.44
N PHE A 320 19.22 21.52 -14.02
CA PHE A 320 17.97 21.71 -13.32
C PHE A 320 17.03 20.57 -13.61
N LEU A 321 16.98 20.16 -14.88
CA LEU A 321 16.16 19.01 -15.32
C LEU A 321 16.55 17.67 -14.72
N ARG A 322 17.80 17.53 -14.28
CA ARG A 322 18.29 16.26 -13.76
C ARG A 322 18.15 15.16 -14.84
N LEU A 323 18.53 15.49 -16.07
CA LEU A 323 18.45 14.58 -17.22
C LEU A 323 19.64 14.71 -18.17
N SER A 324 19.90 13.66 -18.93
CA SER A 324 21.16 13.46 -19.65
C SER A 324 20.81 12.60 -20.86
N ALA A 325 21.52 12.75 -21.97
CA ALA A 325 21.26 11.88 -23.12
C ALA A 325 22.54 11.35 -23.75
N LEU A 326 22.39 10.25 -24.48
CA LEU A 326 23.50 9.58 -25.19
C LEU A 326 23.02 8.99 -26.53
N ARG A 327 23.49 9.55 -27.64
CA ARG A 327 23.18 9.03 -28.97
C ARG A 327 24.34 8.25 -29.53
N GLY A 328 24.06 7.12 -30.17
CA GLY A 328 25.10 6.30 -30.76
C GLY A 328 24.74 5.65 -32.08
N SER A 329 25.70 5.65 -32.99
CA SER A 329 25.62 4.93 -34.27
C SER A 329 26.80 3.99 -34.42
N ILE A 330 26.53 2.68 -34.48
CA ILE A 330 27.59 1.72 -34.75
C ILE A 330 27.29 0.82 -35.95
N ARG A 331 28.34 0.25 -36.54
CA ARG A 331 28.17 -0.57 -37.74
C ARG A 331 28.20 -2.03 -37.37
N GLN A 332 27.50 -2.84 -38.17
CA GLN A 332 27.38 -4.27 -37.92
C GLN A 332 28.60 -4.87 -37.22
N ASN A 333 28.34 -5.64 -36.16
CA ASN A 333 29.38 -6.35 -35.44
C ASN A 333 30.26 -5.50 -34.53
N ALA A 334 30.03 -4.19 -34.51
CA ALA A 334 30.66 -3.35 -33.51
C ALA A 334 30.05 -3.62 -32.13
N MET A 335 30.89 -3.54 -31.09
CA MET A 335 30.42 -3.82 -29.75
C MET A 335 30.71 -2.66 -28.80
N VAL A 336 29.72 -2.37 -27.95
CA VAL A 336 29.89 -1.41 -26.88
C VAL A 336 30.20 -2.17 -25.62
N LEU A 337 31.49 -2.18 -25.27
CA LEU A 337 31.97 -2.84 -24.07
C LEU A 337 31.02 -2.71 -22.88
N PRO A 338 30.91 -3.81 -22.11
CA PRO A 338 30.08 -3.90 -20.91
C PRO A 338 30.28 -2.71 -19.98
N GLN A 339 29.25 -1.88 -19.87
CA GLN A 339 29.26 -0.70 -19.00
C GLN A 339 28.06 -0.69 -18.07
N TRP A 340 28.14 0.08 -16.99
CA TRP A 340 26.96 0.36 -16.18
C TRP A 340 26.90 1.85 -15.93
N ASN A 341 25.81 2.33 -15.35
CA ASN A 341 25.74 3.73 -15.01
C ASN A 341 25.88 3.92 -13.50
N ALA A 342 26.82 4.75 -13.09
CA ALA A 342 27.19 4.91 -11.69
C ALA A 342 26.14 5.67 -10.89
N ASN A 343 25.39 6.54 -11.57
CA ASN A 343 24.51 7.49 -10.88
C ASN A 343 23.21 7.81 -11.60
N ALA A 344 22.86 7.00 -12.59
CA ALA A 344 21.65 7.25 -13.36
C ALA A 344 20.90 6.00 -13.75
N ASN A 345 19.59 6.14 -13.92
CA ASN A 345 18.82 5.12 -14.57
C ASN A 345 18.75 5.45 -16.03
N ALA A 346 18.88 4.45 -16.88
CA ALA A 346 18.84 4.68 -18.31
C ALA A 346 17.54 4.16 -18.90
N VAL A 347 17.23 4.66 -20.09
CA VAL A 347 16.13 4.14 -20.89
C VAL A 347 16.58 4.20 -22.34
N LEU A 348 16.59 3.05 -23.01
CA LEU A 348 17.24 2.93 -24.31
C LEU A 348 16.24 2.73 -25.42
N TYR A 349 16.38 3.52 -26.48
CA TYR A 349 15.47 3.43 -27.60
C TYR A 349 16.26 3.20 -28.88
N VAL A 350 15.83 2.22 -29.65
CA VAL A 350 16.45 1.93 -30.94
C VAL A 350 15.76 2.77 -32.00
N THR A 351 16.54 3.53 -32.77
CA THR A 351 15.95 4.34 -33.84
C THR A 351 16.19 3.68 -35.18
N ASP A 352 17.14 2.75 -35.24
CA ASP A 352 17.54 2.15 -36.50
C ASP A 352 18.25 0.82 -36.32
N GLY A 353 17.71 -0.22 -36.95
CA GLY A 353 18.38 -1.50 -36.94
C GLY A 353 18.27 -2.33 -35.68
N GLU A 354 19.24 -3.21 -35.50
CA GLU A 354 19.13 -4.26 -34.52
C GLU A 354 20.47 -4.47 -33.83
N ALA A 355 20.42 -4.87 -32.57
CA ALA A 355 21.62 -5.29 -31.87
C ALA A 355 21.29 -6.31 -30.79
N HIS A 356 22.29 -7.11 -30.42
CA HIS A 356 22.07 -8.12 -29.43
C HIS A 356 22.67 -7.66 -28.11
N VAL A 357 21.82 -7.56 -27.09
CA VAL A 357 22.28 -7.05 -25.81
C VAL A 357 22.10 -8.02 -24.66
N GLN A 358 23.01 -7.92 -23.70
CA GLN A 358 22.86 -8.60 -22.45
C GLN A 358 22.86 -7.57 -21.31
N VAL A 359 21.94 -7.77 -20.38
CA VAL A 359 21.83 -6.93 -19.20
C VAL A 359 21.94 -7.85 -17.99
N VAL A 360 22.87 -7.54 -17.08
CA VAL A 360 23.04 -8.34 -15.87
C VAL A 360 22.74 -7.52 -14.60
N ASN A 361 21.94 -8.05 -13.68
CA ASN A 361 21.62 -7.31 -12.46
C ASN A 361 22.62 -7.52 -11.32
N ASP A 362 22.19 -7.19 -10.10
CA ASP A 362 23.07 -7.25 -8.95
C ASP A 362 23.15 -8.66 -8.34
N ASN A 363 22.19 -9.51 -8.70
CA ASN A 363 22.23 -10.93 -8.32
C ASN A 363 23.18 -11.71 -9.22
N GLY A 364 23.69 -11.06 -10.26
CA GLY A 364 24.62 -11.69 -11.18
C GLY A 364 23.89 -12.43 -12.26
N ASP A 365 22.57 -12.38 -12.24
CA ASP A 365 21.74 -13.05 -13.23
C ASP A 365 21.65 -12.24 -14.50
N ARG A 366 21.32 -12.92 -15.60
CA ARG A 366 21.13 -12.26 -16.87
C ARG A 366 19.66 -11.93 -17.01
N VAL A 367 19.31 -10.65 -17.02
CA VAL A 367 17.90 -10.26 -17.00
C VAL A 367 17.38 -9.88 -18.39
N PHE A 368 18.30 -9.84 -19.36
CA PHE A 368 17.92 -9.71 -20.76
C PHE A 368 19.05 -10.23 -21.63
N ASP A 369 18.70 -10.94 -22.69
CA ASP A 369 19.69 -11.53 -23.58
C ASP A 369 19.00 -11.84 -24.91
N GLY A 370 19.04 -10.87 -25.82
CA GLY A 370 18.29 -10.94 -27.06
C GLY A 370 18.28 -9.70 -27.93
N GLN A 371 17.47 -9.78 -28.97
CA GLN A 371 17.45 -8.77 -29.99
C GLN A 371 16.61 -7.57 -29.59
N VAL A 372 17.00 -6.41 -30.07
CA VAL A 372 16.34 -5.16 -29.76
C VAL A 372 16.41 -4.34 -31.03
N SER A 373 15.27 -3.90 -31.52
CA SER A 373 15.22 -3.30 -32.85
C SER A 373 14.40 -2.02 -32.88
N GLN A 374 14.33 -1.40 -34.06
CA GLN A 374 13.64 -0.13 -34.24
C GLN A 374 12.35 0.02 -33.44
N GLY A 375 12.28 1.09 -32.65
CA GLY A 375 11.07 1.46 -31.92
C GLY A 375 10.89 0.77 -30.59
N GLN A 376 11.75 -0.18 -30.28
CA GLN A 376 11.71 -0.83 -28.96
C GLN A 376 12.54 -0.07 -27.94
N LEU A 377 12.14 -0.21 -26.68
CA LEU A 377 12.72 0.52 -25.57
C LEU A 377 13.13 -0.47 -24.51
N LEU A 378 14.34 -0.30 -23.97
CA LEU A 378 14.88 -1.20 -22.96
C LEU A 378 15.32 -0.38 -21.77
N SER A 379 14.84 -0.76 -20.59
CA SER A 379 15.13 -0.03 -19.37
C SER A 379 16.38 -0.62 -18.65
N ILE A 380 17.29 0.24 -18.23
CA ILE A 380 18.54 -0.19 -17.62
C ILE A 380 18.82 0.58 -16.33
N PRO A 381 18.43 0.04 -15.16
CA PRO A 381 18.53 0.77 -13.90
C PRO A 381 19.98 0.91 -13.44
N GLN A 382 20.28 1.98 -12.71
CA GLN A 382 21.59 2.22 -12.09
C GLN A 382 22.29 0.99 -11.53
N GLY A 383 23.42 0.61 -12.11
CA GLY A 383 24.16 -0.55 -11.63
C GLY A 383 24.05 -1.80 -12.49
N PHE A 384 22.90 -2.00 -13.12
CA PHE A 384 22.78 -3.03 -14.13
C PHE A 384 23.85 -2.77 -15.20
N SER A 385 24.51 -3.84 -15.64
CA SER A 385 25.59 -3.72 -16.60
C SER A 385 25.18 -4.29 -17.94
N VAL A 386 25.56 -3.57 -19.00
CA VAL A 386 24.99 -3.79 -20.32
C VAL A 386 26.07 -4.00 -21.36
N VAL A 387 25.90 -5.03 -22.19
CA VAL A 387 26.67 -5.12 -23.43
C VAL A 387 25.74 -5.16 -24.65
N LYS A 388 26.18 -4.58 -25.75
CA LYS A 388 25.37 -4.55 -26.96
C LYS A 388 26.26 -4.72 -28.18
N ARG A 389 25.91 -5.65 -29.07
CA ARG A 389 26.64 -5.85 -30.32
C ARG A 389 25.71 -5.51 -31.47
N ALA A 390 26.18 -4.72 -32.43
CA ALA A 390 25.32 -4.33 -33.55
C ALA A 390 25.14 -5.53 -34.46
N THR A 391 23.96 -5.63 -35.06
CA THR A 391 23.55 -6.84 -35.76
C THR A 391 23.06 -6.57 -37.17
N SER A 392 22.33 -5.47 -37.32
CA SER A 392 21.93 -5.01 -38.63
C SER A 392 23.11 -4.26 -39.21
N GLU A 393 22.95 -3.73 -40.42
CA GLU A 393 24.05 -3.05 -41.07
C GLU A 393 24.63 -1.94 -40.20
N GLN A 394 23.78 -1.03 -39.75
CA GLN A 394 24.21 -0.17 -38.64
C GLN A 394 23.15 -0.02 -37.57
N PHE A 395 23.62 0.03 -36.33
CA PHE A 395 22.77 0.16 -35.15
C PHE A 395 22.78 1.61 -34.67
N ARG A 396 21.60 2.18 -34.43
CA ARG A 396 21.55 3.53 -33.89
C ARG A 396 20.47 3.66 -32.85
N TRP A 397 20.78 4.38 -31.79
CA TRP A 397 19.92 4.39 -30.63
C TRP A 397 20.09 5.66 -29.84
N ILE A 398 19.17 5.89 -28.92
CA ILE A 398 19.26 7.05 -28.03
C ILE A 398 18.99 6.57 -26.60
N GLU A 399 19.92 6.83 -25.66
CA GLU A 399 19.72 6.58 -24.23
C GLU A 399 19.32 7.87 -23.50
N PHE A 400 18.32 7.81 -22.64
CA PHE A 400 17.99 8.92 -21.75
C PHE A 400 18.33 8.55 -20.31
N LYS A 401 19.33 9.21 -19.74
CA LYS A 401 19.76 8.93 -18.37
C LYS A 401 19.14 9.90 -17.35
N THR A 402 18.94 9.45 -16.10
CA THR A 402 18.28 10.28 -15.09
C THR A 402 19.26 10.99 -14.18
N ASN A 403 20.30 11.55 -14.77
CA ASN A 403 21.21 12.43 -14.08
C ASN A 403 21.61 13.51 -15.05
N ALA A 404 21.63 14.76 -14.60
CA ALA A 404 22.10 15.85 -15.45
C ALA A 404 23.45 15.52 -16.09
N ASN A 405 24.36 14.94 -15.30
CA ASN A 405 25.63 14.43 -15.82
C ASN A 405 25.87 12.95 -15.46
N ALA A 406 25.80 12.07 -16.46
CA ALA A 406 25.91 10.64 -16.20
C ALA A 406 27.34 10.12 -16.25
N GLN A 407 27.70 9.29 -15.27
CA GLN A 407 29.00 8.63 -15.26
C GLN A 407 28.89 7.16 -15.72
N ILE A 408 29.44 6.85 -16.90
CA ILE A 408 29.54 5.46 -17.33
C ILE A 408 30.83 4.81 -16.79
N ASN A 409 30.72 3.58 -16.30
CA ASN A 409 31.85 2.78 -15.85
C ASN A 409 31.96 1.52 -16.69
N THR A 410 33.12 1.30 -17.30
CA THR A 410 33.29 0.14 -18.16
C THR A 410 33.81 -1.05 -17.34
N LEU A 411 33.51 -2.27 -17.79
CA LEU A 411 34.10 -3.45 -17.16
C LEU A 411 35.30 -3.94 -17.93
N ALA A 412 35.37 -3.59 -19.21
CA ALA A 412 36.50 -4.00 -20.05
C ALA A 412 37.06 -2.84 -20.85
N GLY A 413 38.38 -2.76 -20.92
CA GLY A 413 39.03 -1.77 -21.76
C GLY A 413 40.00 -0.86 -21.03
N ARG A 414 40.42 0.21 -21.70
CA ARG A 414 41.42 1.13 -21.20
C ARG A 414 40.98 1.92 -19.95
N THR A 415 39.68 2.05 -19.73
CA THR A 415 39.20 2.68 -18.49
C THR A 415 38.52 1.70 -17.53
N SER A 416 38.56 0.42 -17.86
CA SER A 416 37.95 -0.64 -17.07
C SER A 416 38.06 -0.44 -15.57
N VAL A 417 37.04 -0.89 -14.83
CA VAL A 417 37.10 -0.93 -13.37
C VAL A 417 38.21 -1.89 -12.97
N LEU A 418 38.32 -2.99 -13.72
CA LEU A 418 39.34 -3.99 -13.49
C LEU A 418 40.75 -3.44 -13.73
N ARG A 419 40.86 -2.62 -14.77
CA ARG A 419 42.12 -2.01 -15.12
C ARG A 419 42.71 -1.33 -13.90
N GLY A 420 41.84 -0.89 -12.99
CA GLY A 420 42.25 -0.14 -11.81
C GLY A 420 42.43 -1.00 -10.58
N LEU A 421 42.44 -2.31 -10.78
CA LEU A 421 42.73 -3.26 -9.71
C LEU A 421 44.16 -3.77 -9.82
N PRO A 422 44.78 -4.05 -8.67
CA PRO A 422 46.08 -4.73 -8.61
C PRO A 422 45.96 -6.13 -9.17
N LEU A 423 46.96 -6.62 -9.90
CA LEU A 423 46.87 -7.95 -10.47
C LEU A 423 46.41 -9.00 -9.46
N GLU A 424 47.00 -8.99 -8.27
CA GLU A 424 46.72 -10.04 -7.30
C GLU A 424 45.26 -10.09 -6.80
N VAL A 425 44.52 -9.00 -7.03
CA VAL A 425 43.09 -8.96 -6.70
C VAL A 425 42.29 -9.66 -7.80
N ILE A 426 42.71 -9.44 -9.05
CA ILE A 426 42.10 -10.10 -10.21
C ILE A 426 42.43 -11.58 -10.16
N SER A 427 43.69 -11.90 -9.89
CA SER A 427 44.12 -13.30 -9.91
C SER A 427 43.59 -14.05 -8.69
N ASN A 428 43.69 -13.46 -7.51
CA ASN A 428 43.15 -14.12 -6.32
C ASN A 428 41.63 -14.11 -6.29
N GLY A 429 41.05 -13.21 -7.07
CA GLY A 429 39.62 -13.04 -7.11
C GLY A 429 38.93 -14.10 -7.94
N TYR A 430 39.36 -14.25 -9.19
CA TYR A 430 38.75 -15.23 -10.08
C TYR A 430 39.49 -16.56 -10.02
N GLN A 431 40.53 -16.59 -9.21
CA GLN A 431 41.43 -17.73 -9.16
C GLN A 431 41.94 -18.08 -10.55
N ILE A 432 42.67 -17.15 -11.18
CA ILE A 432 43.31 -17.39 -12.46
C ILE A 432 44.82 -17.23 -12.38
N SER A 433 45.49 -17.47 -13.51
CA SER A 433 46.95 -17.33 -13.64
C SER A 433 47.32 -15.87 -13.48
N LEU A 434 48.48 -15.62 -12.88
CA LEU A 434 49.00 -14.27 -12.87
C LEU A 434 49.16 -13.78 -14.31
N GLU A 435 49.51 -14.71 -15.21
CA GLU A 435 49.59 -14.41 -16.64
C GLU A 435 48.20 -14.08 -17.20
N GLU A 436 47.25 -14.95 -16.91
CA GLU A 436 45.86 -14.74 -17.33
C GLU A 436 45.35 -13.39 -16.83
N ALA A 437 45.73 -13.00 -15.62
CA ALA A 437 45.34 -11.69 -15.12
C ALA A 437 45.93 -10.55 -15.96
N ARG A 438 47.24 -10.60 -16.21
CA ARG A 438 47.87 -9.58 -17.04
C ARG A 438 47.00 -9.38 -18.29
N ARG A 439 46.51 -10.50 -18.84
CA ARG A 439 45.69 -10.48 -20.05
C ARG A 439 44.34 -9.81 -19.87
N VAL A 440 43.50 -10.37 -18.99
CA VAL A 440 42.18 -9.81 -18.71
C VAL A 440 42.22 -8.30 -18.56
N LYS A 441 43.24 -7.84 -17.85
CA LYS A 441 43.37 -6.45 -17.44
C LYS A 441 43.86 -5.51 -18.55
N PHE A 442 44.58 -6.06 -19.52
CA PHE A 442 45.28 -5.22 -20.49
C PHE A 442 44.99 -5.48 -21.98
N ASN A 443 44.60 -6.70 -22.33
CA ASN A 443 44.44 -7.09 -23.74
C ASN A 443 43.59 -6.12 -24.56
N THR A 444 42.45 -5.72 -24.01
CA THR A 444 41.60 -4.75 -24.70
C THR A 444 42.10 -3.35 -24.44
N ILE A 445 42.49 -2.65 -25.50
CA ILE A 445 42.99 -1.29 -25.30
C ILE A 445 41.96 -0.24 -25.68
N GLU A 446 40.96 -0.61 -26.46
CA GLU A 446 39.87 0.31 -26.77
C GLU A 446 39.09 0.67 -25.50
N THR A 447 38.50 1.87 -25.49
CA THR A 447 37.88 2.41 -24.29
C THR A 447 36.41 2.01 -24.16
N THR A 448 35.68 2.20 -25.25
CA THR A 448 34.23 2.04 -25.25
C THR A 448 33.76 1.21 -26.46
N LEU A 449 34.14 1.64 -27.66
CA LEU A 449 33.80 0.93 -28.91
C LEU A 449 34.85 -0.08 -29.33
N THR A 450 34.43 -1.14 -30.01
CA THR A 450 35.38 -2.11 -30.56
C THR A 450 34.75 -2.99 -31.67
N HIS A 451 35.59 -3.69 -32.42
CA HIS A 451 35.09 -4.65 -33.41
C HIS A 451 35.04 -6.06 -32.83
N SER A 452 34.11 -6.89 -33.29
CA SER A 452 34.10 -8.31 -32.94
C SER A 452 33.38 -9.18 -33.97
N SER A 453 32.58 -10.13 -33.49
CA SER A 453 31.81 -10.99 -34.39
C SER A 453 30.61 -11.63 -33.68
N PHE B 3 -2.61 7.09 -3.49
CA PHE B 3 -1.26 6.72 -3.93
C PHE B 3 -1.33 5.42 -4.72
N PRO B 4 -0.37 5.16 -5.62
CA PRO B 4 0.74 6.03 -6.03
C PRO B 4 0.20 7.06 -7.00
N ASN B 5 -1.11 7.30 -6.87
CA ASN B 5 -1.87 8.23 -7.69
C ASN B 5 -2.36 9.41 -6.88
N GLU B 6 -1.68 9.71 -5.76
CA GLU B 6 -2.04 10.78 -4.84
C GLU B 6 -2.66 12.04 -5.47
N CYS B 7 -2.34 12.32 -6.73
CA CYS B 7 -2.77 13.56 -7.38
C CYS B 7 -3.91 13.44 -8.41
N GLN B 8 -4.56 12.28 -8.46
CA GLN B 8 -5.72 12.08 -9.30
C GLN B 8 -6.92 12.65 -8.57
N LEU B 9 -7.04 13.97 -8.61
CA LEU B 9 -8.05 14.69 -7.87
C LEU B 9 -9.26 14.99 -8.74
N ASP B 10 -10.45 14.70 -8.24
CA ASP B 10 -11.67 14.97 -8.99
C ASP B 10 -12.48 16.11 -8.37
N GLN B 11 -12.34 16.30 -7.05
CA GLN B 11 -12.92 17.43 -6.32
C GLN B 11 -11.89 18.18 -5.47
N LEU B 12 -11.99 19.51 -5.46
CA LEU B 12 -11.33 20.31 -4.44
C LEU B 12 -12.44 20.91 -3.62
N ASN B 13 -12.20 21.04 -2.32
CA ASN B 13 -13.13 21.71 -1.43
C ASN B 13 -12.33 22.67 -0.59
N ALA B 14 -12.91 23.82 -0.30
CA ALA B 14 -12.28 24.80 0.55
C ALA B 14 -12.31 24.29 2.00
N LEU B 15 -11.11 24.01 2.55
CA LEU B 15 -10.99 23.26 3.79
C LEU B 15 -10.85 24.15 5.02
N GLU B 16 -11.23 23.59 6.16
CA GLU B 16 -11.07 24.27 7.41
C GLU B 16 -10.35 23.32 8.38
N PRO B 17 -10.05 23.77 9.60
CA PRO B 17 -9.28 22.82 10.41
C PRO B 17 -10.07 21.57 10.80
N SER B 18 -9.34 20.48 11.04
CA SER B 18 -9.93 19.17 11.36
C SER B 18 -9.83 18.90 12.84
N HIS B 19 -8.69 19.27 13.42
CA HIS B 19 -8.46 19.08 14.84
C HIS B 19 -8.08 20.41 15.45
N VAL B 20 -8.59 20.66 16.65
CA VAL B 20 -8.34 21.93 17.33
C VAL B 20 -7.81 21.69 18.73
N LEU B 21 -6.51 21.91 18.90
CA LEU B 21 -5.95 21.86 20.25
C LEU B 21 -6.41 23.10 21.00
N LYS B 22 -7.25 22.89 22.00
CA LYS B 22 -7.70 23.97 22.86
C LYS B 22 -6.68 24.16 23.98
N ALA B 23 -6.08 25.34 24.05
CA ALA B 23 -5.13 25.69 25.10
C ALA B 23 -5.69 26.75 26.04
N GLU B 24 -4.85 27.18 26.97
CA GLU B 24 -5.28 28.11 28.02
C GLU B 24 -5.37 29.55 27.53
N ALA B 25 -4.63 29.89 26.49
CA ALA B 25 -4.54 31.26 26.07
C ALA B 25 -4.64 31.39 24.58
N GLY B 26 -5.40 30.50 23.97
CA GLY B 26 -5.51 30.48 22.52
C GLY B 26 -5.59 29.05 22.05
N ARG B 27 -5.66 28.85 20.75
CA ARG B 27 -5.85 27.51 20.22
C ARG B 27 -5.13 27.22 18.92
N ILE B 28 -4.33 26.17 18.94
CA ILE B 28 -3.69 25.67 17.75
C ILE B 28 -4.73 24.94 16.94
N GLU B 29 -4.81 25.24 15.66
CA GLU B 29 -5.81 24.63 14.81
C GLU B 29 -5.14 23.96 13.63
N VAL B 30 -5.32 22.64 13.50
CA VAL B 30 -4.59 21.89 12.48
C VAL B 30 -5.47 21.28 11.41
N TRP B 31 -5.06 21.43 10.16
CA TRP B 31 -5.71 20.89 8.99
C TRP B 31 -5.35 19.42 8.80
N ASP B 32 -6.25 18.62 8.23
CA ASP B 32 -5.97 17.20 7.99
C ASP B 32 -5.16 17.03 6.71
N HIS B 33 -3.89 16.68 6.88
CA HIS B 33 -3.01 16.41 5.76
C HIS B 33 -3.32 15.04 5.12
N HIS B 34 -4.38 14.39 5.57
CA HIS B 34 -4.81 13.15 4.93
C HIS B 34 -5.82 13.45 3.82
N ALA B 35 -6.34 14.66 3.80
CA ALA B 35 -7.15 15.11 2.70
C ALA B 35 -6.38 14.88 1.40
N PRO B 36 -7.02 14.21 0.44
CA PRO B 36 -6.35 13.91 -0.83
C PRO B 36 -5.66 15.13 -1.40
N GLN B 37 -6.29 16.29 -1.30
CA GLN B 37 -5.76 17.51 -1.90
C GLN B 37 -4.49 18.00 -1.20
N LEU B 38 -4.42 17.82 0.12
CA LEU B 38 -3.21 18.17 0.83
C LEU B 38 -2.15 17.11 0.59
N ARG B 39 -2.58 15.86 0.65
CA ARG B 39 -1.68 14.75 0.37
C ARG B 39 -1.04 14.90 -1.02
N CYS B 40 -1.78 15.46 -1.96
CA CYS B 40 -1.20 15.75 -3.26
C CYS B 40 -0.16 16.88 -3.19
N SER B 41 -0.45 17.90 -2.40
CA SER B 41 0.39 19.09 -2.21
C SER B 41 1.74 18.78 -1.60
N GLY B 42 1.74 17.91 -0.60
CA GLY B 42 2.97 17.55 0.09
C GLY B 42 3.12 18.24 1.43
N VAL B 43 2.05 18.90 1.87
CA VAL B 43 2.12 19.82 2.99
C VAL B 43 0.96 19.65 4.00
N SER B 44 1.19 20.09 5.24
CA SER B 44 0.09 20.28 6.18
C SER B 44 -0.06 21.77 6.42
N PHE B 45 -1.07 22.14 7.19
CA PHE B 45 -1.31 23.53 7.44
C PHE B 45 -1.74 23.64 8.91
N VAL B 46 -1.38 24.73 9.56
CA VAL B 46 -1.83 24.93 10.92
C VAL B 46 -1.97 26.42 11.16
N ARG B 47 -2.89 26.81 12.03
CA ARG B 47 -3.07 28.22 12.39
C ARG B 47 -3.10 28.42 13.89
N TYR B 48 -2.17 29.20 14.39
CA TYR B 48 -2.18 29.54 15.79
C TYR B 48 -3.13 30.71 15.94
N ILE B 49 -4.01 30.61 16.92
CA ILE B 49 -4.80 31.75 17.39
C ILE B 49 -4.38 32.07 18.81
N ILE B 50 -3.74 33.23 18.99
CA ILE B 50 -3.14 33.57 20.26
C ILE B 50 -3.81 34.79 20.95
N GLU B 51 -4.37 34.53 22.13
CA GLU B 51 -5.11 35.51 22.91
C GLU B 51 -4.15 36.43 23.68
N SER B 52 -4.69 37.53 24.20
CA SER B 52 -3.94 38.49 25.00
C SER B 52 -3.12 37.82 26.12
N LYS B 53 -1.88 38.28 26.29
CA LYS B 53 -0.98 37.74 27.30
C LYS B 53 -0.71 36.25 27.08
N GLY B 54 -0.81 35.81 25.83
CA GLY B 54 -0.61 34.41 25.52
C GLY B 54 0.76 34.10 24.94
N LEU B 55 1.36 33.02 25.40
CA LEU B 55 2.63 32.56 24.86
C LEU B 55 2.49 31.17 24.19
N TYR B 56 2.86 31.10 22.90
CA TYR B 56 3.05 29.82 22.25
C TYR B 56 4.43 29.27 22.63
N LEU B 57 4.44 28.24 23.49
CA LEU B 57 5.71 27.75 24.04
C LEU B 57 6.58 27.12 22.99
N PRO B 58 7.90 27.24 23.16
CA PRO B 58 8.90 26.79 22.18
C PRO B 58 8.66 25.37 21.66
N SER B 59 8.75 25.25 20.34
CA SER B 59 8.66 23.97 19.69
C SER B 59 9.56 24.02 18.49
N PHE B 60 9.72 22.87 17.85
CA PHE B 60 10.50 22.79 16.64
C PHE B 60 9.98 21.62 15.84
N PHE B 61 10.28 21.64 14.55
CA PHE B 61 9.69 20.67 13.65
C PHE B 61 10.74 19.90 12.89
N SER B 62 10.28 18.91 12.16
CA SER B 62 11.12 18.03 11.37
C SER B 62 11.09 18.53 9.94
N THR B 63 10.26 19.53 9.69
CA THR B 63 10.00 20.00 8.35
C THR B 63 10.34 21.47 8.26
N ALA B 64 10.77 21.92 7.08
CA ALA B 64 10.83 23.36 6.82
C ALA B 64 9.44 23.97 7.09
N LYS B 65 9.40 25.18 7.64
CA LYS B 65 8.11 25.83 7.93
C LYS B 65 8.11 27.17 7.26
N LEU B 66 6.92 27.65 6.89
CA LEU B 66 6.79 29.03 6.40
C LEU B 66 5.57 29.61 7.06
N SER B 67 5.74 30.72 7.77
CA SER B 67 4.64 31.30 8.55
C SER B 67 4.23 32.69 8.06
N PHE B 68 2.97 33.02 8.23
CA PHE B 68 2.47 34.33 7.86
C PHE B 68 1.55 34.76 8.97
N VAL B 69 1.82 35.92 9.53
CA VAL B 69 0.99 36.47 10.60
C VAL B 69 -0.18 37.23 9.97
N ALA B 70 -1.34 36.60 10.04
CA ALA B 70 -2.50 37.07 9.31
C ALA B 70 -3.22 38.15 10.10
N LYS B 71 -3.14 38.10 11.42
CA LYS B 71 -3.84 39.09 12.25
C LYS B 71 -3.11 39.53 13.53
N GLY B 72 -3.36 40.77 13.96
CA GLY B 72 -2.76 41.28 15.18
C GLY B 72 -1.26 41.52 15.09
N GLU B 73 -0.58 41.47 16.25
CA GLU B 73 0.88 41.55 16.27
C GLU B 73 1.40 41.06 17.59
N GLY B 74 2.71 40.85 17.65
CA GLY B 74 3.35 40.41 18.88
C GLY B 74 4.86 40.24 18.77
N LEU B 75 5.39 39.38 19.63
CA LEU B 75 6.81 39.04 19.58
C LEU B 75 6.98 37.59 19.14
N MET B 76 7.98 37.33 18.31
CA MET B 76 8.39 35.96 18.03
C MET B 76 9.84 35.76 18.46
N GLY B 77 10.15 34.60 19.02
CA GLY B 77 11.50 34.32 19.47
C GLY B 77 12.10 33.12 18.76
N ARG B 78 13.24 33.33 18.11
CA ARG B 78 13.92 32.26 17.42
C ARG B 78 15.16 31.80 18.20
N VAL B 79 15.53 30.52 18.07
CA VAL B 79 16.75 29.99 18.66
C VAL B 79 17.37 28.89 17.78
N VAL B 80 18.61 29.07 17.36
CA VAL B 80 19.27 28.07 16.52
C VAL B 80 20.53 27.46 17.18
N PRO B 81 21.23 26.59 16.44
CA PRO B 81 22.52 26.10 16.94
C PRO B 81 23.66 27.09 16.69
N GLY B 82 24.38 27.45 17.76
CA GLY B 82 25.62 28.19 17.61
C GLY B 82 25.55 29.70 17.66
N CYS B 83 24.39 30.26 17.36
CA CYS B 83 24.21 31.71 17.42
C CYS B 83 24.48 32.26 18.83
N ALA B 84 24.60 33.58 18.93
CA ALA B 84 25.02 34.23 20.16
C ALA B 84 23.87 34.57 21.11
N GLU B 85 23.59 33.63 22.01
CA GLU B 85 22.57 33.80 23.04
C GLU B 85 22.89 34.97 23.97
N ASP B 141 19.17 39.71 31.51
CA ASP B 141 18.90 38.48 30.78
C ASP B 141 19.56 38.53 29.41
N MET B 142 20.28 37.47 29.05
CA MET B 142 20.92 37.38 27.74
C MET B 142 20.44 36.18 26.93
N HIS B 143 19.59 36.46 25.94
CA HIS B 143 19.01 35.42 25.09
C HIS B 143 19.31 35.72 23.63
N GLN B 144 18.92 34.79 22.75
CA GLN B 144 19.02 35.05 21.33
C GLN B 144 17.99 36.11 20.99
N LYS B 145 17.95 36.55 19.74
CA LYS B 145 17.17 37.74 19.43
C LYS B 145 15.67 37.51 19.37
N VAL B 146 14.99 38.47 19.98
CA VAL B 146 13.55 38.57 19.93
C VAL B 146 13.23 39.51 18.77
N GLU B 147 11.97 39.59 18.36
CA GLU B 147 11.57 40.28 17.14
C GLU B 147 10.14 40.73 17.30
N HIS B 148 9.83 41.91 16.78
CA HIS B 148 8.44 42.34 16.72
C HIS B 148 7.87 41.82 15.42
N ILE B 149 6.80 41.06 15.51
CA ILE B 149 6.12 40.58 14.31
C ILE B 149 4.79 41.30 14.21
N ARG B 150 4.42 41.66 12.98
CA ARG B 150 3.10 42.24 12.73
C ARG B 150 2.46 41.65 11.47
N THR B 151 1.17 41.92 11.31
CA THR B 151 0.43 41.39 10.18
C THR B 151 1.12 41.68 8.85
N GLY B 152 1.25 40.65 8.01
CA GLY B 152 1.88 40.79 6.71
C GLY B 152 3.28 40.19 6.69
N ASP B 153 3.85 39.99 7.88
CA ASP B 153 5.17 39.39 8.02
C ASP B 153 5.18 37.92 7.66
N THR B 154 6.11 37.54 6.80
CA THR B 154 6.37 36.15 6.50
C THR B 154 7.58 35.72 7.32
N ILE B 155 7.60 34.47 7.78
CA ILE B 155 8.65 33.97 8.65
C ILE B 155 9.19 32.61 8.23
N ALA B 156 10.49 32.52 7.94
CA ALA B 156 11.09 31.25 7.52
C ALA B 156 11.83 30.50 8.63
N THR B 157 11.54 29.21 8.75
CA THR B 157 12.22 28.37 9.72
C THR B 157 12.76 27.11 9.06
N HIS B 158 14.04 26.80 9.31
CA HIS B 158 14.67 25.55 8.91
C HIS B 158 14.12 24.42 9.77
N PRO B 159 14.22 23.17 9.30
CA PRO B 159 13.76 22.14 10.23
C PRO B 159 14.62 22.15 11.50
N GLY B 160 14.05 21.75 12.64
CA GLY B 160 14.80 21.58 13.87
C GLY B 160 15.05 22.87 14.64
N VAL B 161 14.52 23.98 14.13
CA VAL B 161 14.63 25.28 14.78
C VAL B 161 13.46 25.56 15.71
N ALA B 162 13.78 25.90 16.95
CA ALA B 162 12.77 26.24 17.95
C ALA B 162 12.22 27.64 17.72
N GLN B 163 10.95 27.85 18.02
CA GLN B 163 10.33 29.16 17.93
C GLN B 163 9.19 29.28 18.93
N TRP B 164 9.06 30.47 19.49
CA TRP B 164 7.94 30.79 20.35
C TRP B 164 7.26 32.05 19.82
N PHE B 165 5.99 32.25 20.16
CA PHE B 165 5.35 33.54 19.87
C PHE B 165 4.65 34.09 21.12
N TYR B 166 4.62 35.42 21.24
CA TYR B 166 3.91 36.09 22.35
C TYR B 166 3.04 37.22 21.88
N ASN B 167 1.78 37.23 22.33
CA ASN B 167 0.86 38.33 22.04
C ASN B 167 0.81 39.28 23.23
N ASP B 168 1.10 40.55 22.97
CA ASP B 168 1.03 41.60 23.98
C ASP B 168 -0.35 42.29 24.02
N GLY B 169 -0.93 42.55 22.86
CA GLY B 169 -2.18 43.31 22.77
C GLY B 169 -3.45 42.57 23.14
N ASN B 170 -4.59 43.04 22.64
CA ASN B 170 -5.86 42.35 22.90
C ASN B 170 -6.41 41.69 21.64
N GLN B 171 -6.25 42.39 20.52
CA GLN B 171 -6.43 41.75 19.23
C GLN B 171 -5.69 40.42 19.29
N PRO B 172 -6.40 39.34 18.94
CA PRO B 172 -5.78 38.02 18.83
C PRO B 172 -4.65 38.02 17.80
N LEU B 173 -3.56 37.35 18.13
CA LEU B 173 -2.45 37.16 17.21
C LEU B 173 -2.70 35.87 16.40
N VAL B 174 -2.95 36.03 15.11
CA VAL B 174 -3.20 34.88 14.25
C VAL B 174 -1.94 34.65 13.44
N ILE B 175 -1.37 33.46 13.59
CA ILE B 175 -0.24 33.04 12.77
C ILE B 175 -0.63 31.76 12.01
N VAL B 176 -0.39 31.79 10.72
CA VAL B 176 -0.86 30.77 9.80
C VAL B 176 0.37 30.13 9.11
N SER B 177 0.47 28.79 9.14
CA SER B 177 1.71 28.13 8.65
C SER B 177 1.54 26.88 7.76
N VAL B 178 2.41 26.76 6.75
CA VAL B 178 2.58 25.55 5.98
C VAL B 178 3.84 24.77 6.39
N LEU B 179 3.61 23.54 6.84
CA LEU B 179 4.66 22.55 7.06
C LEU B 179 4.85 21.72 5.80
N ASP B 180 6.07 21.72 5.26
CA ASP B 180 6.41 21.02 4.01
C ASP B 180 6.84 19.59 4.33
N LEU B 181 5.93 18.66 4.08
CA LEU B 181 6.11 17.26 4.45
C LEU B 181 6.92 16.47 3.42
N ALA B 182 6.78 16.86 2.16
CA ALA B 182 7.41 16.13 1.06
C ALA B 182 8.87 16.47 0.83
N SER B 183 9.28 17.69 1.22
CA SER B 183 10.66 18.14 1.11
C SER B 183 11.62 17.04 1.58
N HIS B 184 12.81 16.96 0.98
CA HIS B 184 13.80 16.00 1.46
C HIS B 184 14.20 16.32 2.90
N GLN B 185 14.07 17.58 3.28
CA GLN B 185 14.46 18.08 4.59
C GLN B 185 13.70 17.42 5.71
N ASN B 186 12.57 16.82 5.36
CA ASN B 186 11.79 16.11 6.35
C ASN B 186 12.32 14.71 6.40
N GLN B 187 13.17 14.41 7.35
CA GLN B 187 13.78 13.10 7.31
C GLN B 187 13.08 12.12 8.22
N LEU B 188 11.77 12.30 8.36
CA LEU B 188 10.99 11.43 9.21
C LEU B 188 9.84 10.69 8.49
N ASP B 189 8.84 11.41 8.06
CA ASP B 189 7.49 10.86 8.05
C ASP B 189 6.58 11.77 7.25
N ARG B 190 5.43 11.27 6.86
CA ARG B 190 4.51 12.09 6.12
C ARG B 190 3.39 12.55 7.09
N ASN B 191 3.81 13.05 8.23
CA ASN B 191 2.92 13.80 9.13
C ASN B 191 3.60 15.08 9.64
N PRO B 192 2.80 16.07 10.08
CA PRO B 192 3.41 17.20 10.77
C PRO B 192 3.82 16.71 12.14
N ARG B 193 5.10 16.82 12.48
CA ARG B 193 5.57 16.36 13.78
C ARG B 193 6.22 17.46 14.62
N PRO B 194 5.42 18.16 15.44
CA PRO B 194 5.97 19.15 16.36
C PRO B 194 6.65 18.48 17.53
N PHE B 195 7.73 19.09 18.02
CA PHE B 195 8.42 18.65 19.23
C PHE B 195 8.31 19.77 20.26
N TYR B 196 7.55 19.56 21.33
CA TYR B 196 7.38 20.61 22.32
C TYR B 196 8.45 20.61 23.38
N LEU B 197 9.09 21.77 23.58
CA LEU B 197 10.07 21.95 24.64
C LEU B 197 9.44 22.21 26.02
N ALA B 198 8.24 22.77 26.09
CA ALA B 198 7.64 23.02 27.39
C ALA B 198 6.20 22.53 27.57
N GLY B 199 5.34 22.88 26.63
CA GLY B 199 3.92 22.56 26.76
C GLY B 199 3.57 21.08 26.85
N ASN B 200 2.50 20.81 27.61
CA ASN B 200 1.87 19.50 27.63
C ASN B 200 0.61 19.54 26.78
N ASN B 201 0.35 18.46 26.03
CA ASN B 201 -0.79 18.42 25.14
C ASN B 201 -1.70 17.24 25.45
N PRO B 202 -2.52 17.38 26.51
CA PRO B 202 -3.35 16.27 26.99
C PRO B 202 -4.26 15.63 25.93
N GLN B 203 -4.51 16.31 24.82
CA GLN B 203 -5.31 15.74 23.71
C GLN B 203 -4.48 14.75 22.87
N GLY B 204 -3.16 14.92 22.91
CA GLY B 204 -2.27 14.07 22.13
C GLY B 204 -2.20 14.42 20.63
N GLN B 205 -1.54 13.55 19.88
CA GLN B 205 -1.32 13.80 18.48
C GLN B 205 -2.53 13.37 17.66
N VAL B 206 -3.63 14.10 17.80
CA VAL B 206 -4.87 13.70 17.10
C VAL B 206 -4.79 13.88 15.58
N TRP B 207 -3.92 14.78 15.11
CA TRP B 207 -3.69 14.98 13.68
C TRP B 207 -2.89 13.87 13.01
N ILE B 208 -2.36 12.93 13.80
CA ILE B 208 -1.63 11.75 13.30
C ILE B 208 -2.30 10.43 13.71
N GLU B 209 -2.93 9.76 12.75
CA GLU B 209 -3.67 8.53 13.09
C GLU B 209 -2.77 7.46 13.70
N GLY B 210 -3.39 6.54 14.43
CA GLY B 210 -2.63 5.51 15.11
C GLY B 210 -2.14 5.97 16.46
N ARG B 211 -2.58 7.16 16.88
CA ARG B 211 -2.16 7.69 18.18
C ARG B 211 -2.80 6.97 19.37
N GLU B 212 -4.07 6.63 19.22
CA GLU B 212 -4.82 5.90 20.23
C GLU B 212 -5.03 6.68 21.53
N GLN B 213 -5.17 8.00 21.40
CA GLN B 213 -5.76 8.81 22.48
C GLN B 213 -4.89 8.89 23.70
N GLN B 214 -3.58 9.02 23.50
CA GLN B 214 -2.74 9.27 24.65
C GLN B 214 -2.10 10.65 24.61
N PRO B 215 -1.77 11.20 25.78
CA PRO B 215 -1.25 12.57 25.81
C PRO B 215 0.08 12.71 25.10
N GLN B 216 0.39 13.95 24.73
CA GLN B 216 1.68 14.29 24.17
C GLN B 216 2.35 15.24 25.14
N LYS B 217 3.27 14.70 25.93
CA LYS B 217 4.00 15.51 26.87
C LYS B 217 5.16 16.19 26.15
N ASN B 218 5.84 17.09 26.84
CA ASN B 218 7.00 17.73 26.28
C ASN B 218 8.21 16.80 26.22
N ILE B 219 9.15 17.17 25.38
CA ILE B 219 10.40 16.45 25.22
C ILE B 219 11.05 16.08 26.54
N LEU B 220 11.03 17.01 27.49
CA LEU B 220 11.71 16.79 28.75
C LEU B 220 11.06 15.67 29.58
N ASN B 221 9.76 15.44 29.37
CA ASN B 221 9.01 14.43 30.12
C ASN B 221 9.46 13.02 29.80
N GLY B 222 10.05 12.84 28.64
CA GLY B 222 10.46 11.52 28.19
C GLY B 222 11.70 11.04 28.92
N PHE B 223 12.49 11.98 29.43
CA PHE B 223 13.65 11.59 30.18
C PHE B 223 13.26 11.31 31.62
N THR B 224 14.06 10.50 32.31
CA THR B 224 13.88 10.30 33.73
C THR B 224 14.25 11.62 34.39
N PRO B 225 13.66 11.92 35.55
CA PRO B 225 13.93 13.19 36.24
C PRO B 225 15.35 13.28 36.81
N GLU B 226 15.96 12.15 37.18
CA GLU B 226 17.34 12.14 37.64
C GLU B 226 18.37 12.50 36.56
N VAL B 227 18.27 11.88 35.38
CA VAL B 227 19.20 12.22 34.31
C VAL B 227 19.04 13.69 33.93
N LEU B 228 17.81 14.20 33.95
CA LEU B 228 17.56 15.64 33.83
C LEU B 228 18.34 16.41 34.88
N ALA B 229 18.19 16.01 36.12
CA ALA B 229 18.83 16.67 37.24
C ALA B 229 20.33 16.78 37.01
N LYS B 230 20.97 15.67 36.66
CA LYS B 230 22.42 15.65 36.46
C LYS B 230 22.88 16.39 35.19
N ALA B 231 21.93 16.73 34.33
CA ALA B 231 22.27 17.34 33.05
C ALA B 231 22.22 18.86 33.10
N PHE B 232 21.24 19.36 33.85
CA PHE B 232 20.93 20.78 33.97
C PHE B 232 21.59 21.31 35.21
N LYS B 233 21.99 20.35 36.06
CA LYS B 233 22.58 20.61 37.36
C LYS B 233 21.53 21.21 38.30
N ILE B 234 20.30 20.72 38.21
CA ILE B 234 19.25 21.19 39.09
C ILE B 234 18.83 20.12 40.10
N ASP B 235 17.98 20.50 41.06
CA ASP B 235 17.41 19.54 42.01
C ASP B 235 16.44 18.58 41.35
N VAL B 236 16.39 17.34 41.81
CA VAL B 236 15.45 16.36 41.23
C VAL B 236 13.99 16.85 41.23
N ARG B 237 13.62 17.69 42.19
CA ARG B 237 12.25 18.21 42.22
C ARG B 237 12.06 19.33 41.19
N THR B 238 13.11 20.08 40.89
CA THR B 238 13.00 21.08 39.85
C THR B 238 12.99 20.36 38.51
N ALA B 239 13.72 19.25 38.44
CA ALA B 239 13.70 18.47 37.23
C ALA B 239 12.26 18.09 36.84
N GLN B 240 11.52 17.43 37.76
CA GLN B 240 10.13 17.05 37.52
C GLN B 240 9.20 18.21 37.11
N GLN B 241 9.47 19.41 37.62
CA GLN B 241 8.66 20.57 37.31
C GLN B 241 8.63 20.80 35.82
N LEU B 242 9.81 20.67 35.21
CA LEU B 242 9.98 20.95 33.79
C LEU B 242 9.25 19.92 32.95
N GLN B 243 8.84 18.82 33.56
CA GLN B 243 8.23 17.75 32.80
C GLN B 243 6.76 18.04 32.51
N ASN B 244 6.26 19.11 33.12
CA ASN B 244 4.85 19.51 32.99
C ASN B 244 3.85 18.35 32.94
N GLN B 245 4.11 17.33 33.74
CA GLN B 245 3.19 16.21 33.89
C GLN B 245 1.81 16.71 34.30
N GLN B 246 0.78 16.19 33.66
CA GLN B 246 -0.60 16.46 34.06
C GLN B 246 -0.98 17.93 33.86
N ASP B 247 0.01 18.75 33.50
CA ASP B 247 -0.21 20.16 33.18
C ASP B 247 -1.31 20.29 32.12
N ASN B 248 -2.36 21.04 32.44
CA ASN B 248 -3.57 21.12 31.61
C ASN B 248 -3.60 22.25 30.58
N ARG B 249 -2.63 23.16 30.68
CA ARG B 249 -2.65 24.40 29.91
C ARG B 249 -2.58 24.27 28.37
N GLY B 250 -1.86 23.28 27.87
CA GLY B 250 -1.67 23.19 26.43
C GLY B 250 -0.39 23.91 26.07
N ASN B 251 -0.24 24.29 24.80
CA ASN B 251 1.01 24.92 24.41
C ASN B 251 0.97 26.44 24.35
N ILE B 252 -0.23 26.98 24.30
CA ILE B 252 -0.42 28.42 24.37
C ILE B 252 -0.84 28.78 25.82
N ILE B 253 0.14 29.15 26.64
CA ILE B 253 -0.12 29.42 28.04
C ILE B 253 -0.29 30.91 28.29
N ARG B 254 -0.90 31.25 29.43
CA ARG B 254 -1.05 32.66 29.80
C ARG B 254 0.08 33.08 30.70
N VAL B 255 0.64 34.26 30.44
CA VAL B 255 1.81 34.73 31.17
C VAL B 255 1.39 35.46 32.44
N GLN B 256 1.90 35.00 33.57
CA GLN B 256 1.64 35.64 34.85
C GLN B 256 2.58 36.80 35.03
N GLY B 257 2.04 37.96 35.39
CA GLY B 257 2.83 39.16 35.50
C GLY B 257 3.18 39.68 34.12
N PRO B 258 4.39 40.23 33.95
CA PRO B 258 4.75 40.89 32.70
C PRO B 258 5.65 40.01 31.87
N PHE B 259 6.23 40.63 30.85
CA PHE B 259 7.06 39.91 29.92
C PHE B 259 8.12 40.86 29.40
N SER B 260 9.02 41.25 30.30
CA SER B 260 10.11 42.17 29.98
C SER B 260 11.18 41.47 29.14
N VAL B 261 10.72 40.79 28.10
CA VAL B 261 11.59 40.02 27.21
C VAL B 261 12.53 40.90 26.41
N ILE B 262 11.96 41.76 25.57
CA ILE B 262 12.74 42.75 24.85
C ILE B 262 12.08 44.09 25.09
N ARG B 263 12.90 45.13 25.21
CA ARG B 263 12.36 46.48 25.38
C ARG B 263 12.02 47.06 24.01
N PRO B 264 10.74 47.41 23.80
CA PRO B 264 10.40 48.15 22.57
C PRO B 264 10.88 49.58 22.73
N PRO B 265 12.08 49.90 22.21
CA PRO B 265 12.60 51.26 22.41
C PRO B 265 11.58 52.29 21.95
N LEU B 266 11.02 53.02 22.91
CA LEU B 266 10.12 54.11 22.61
C LEU B 266 10.94 55.24 21.99
N ARG B 267 12.26 55.07 22.02
CA ARG B 267 13.20 56.06 21.48
C ARG B 267 13.20 56.07 19.95
N SER B 268 13.34 54.89 19.37
CA SER B 268 13.29 54.66 17.92
C SER B 268 14.55 55.13 17.18
N GLU B 280 22.85 28.02 6.68
CA GLU B 280 24.05 27.54 6.02
C GLU B 280 25.29 28.22 6.60
N THR B 281 26.00 28.98 5.75
CA THR B 281 27.05 29.86 6.22
C THR B 281 26.37 31.19 6.53
N ILE B 282 25.03 31.15 6.55
CA ILE B 282 24.22 32.30 6.90
C ILE B 282 23.36 32.06 8.16
N CYS B 283 23.99 32.30 9.32
CA CYS B 283 23.32 32.31 10.61
C CYS B 283 22.95 33.75 10.92
N SER B 284 23.55 34.66 10.17
CA SER B 284 23.25 36.08 10.26
C SER B 284 22.10 36.44 9.33
N ALA B 285 21.79 35.53 8.41
CA ALA B 285 20.73 35.75 7.44
C ALA B 285 19.43 36.21 8.10
N ARG B 286 18.68 37.07 7.41
CA ARG B 286 17.38 37.54 7.89
C ARG B 286 16.26 36.59 7.45
N CYS B 287 15.34 36.30 8.36
CA CYS B 287 14.31 35.30 8.11
C CYS B 287 12.87 35.86 8.13
N THR B 288 12.73 37.19 8.24
CA THR B 288 11.43 37.88 8.19
C THR B 288 11.38 38.86 7.01
N ASP B 289 10.22 39.01 6.39
CA ASP B 289 9.98 40.16 5.49
C ASP B 289 8.50 40.44 5.41
N ASN B 290 8.14 41.70 5.21
CA ASN B 290 6.73 42.07 5.06
C ASN B 290 6.21 41.97 3.64
N LEU B 291 5.04 41.34 3.50
CA LEU B 291 4.41 41.14 2.21
C LEU B 291 3.36 42.20 1.92
N ASP B 292 2.72 42.71 2.96
CA ASP B 292 1.71 43.75 2.83
C ASP B 292 2.29 45.09 2.35
N ASP B 293 3.60 45.11 2.13
CA ASP B 293 4.31 46.31 1.74
C ASP B 293 4.32 46.49 0.23
N PRO B 294 3.48 47.39 -0.29
CA PRO B 294 3.26 47.53 -1.74
C PRO B 294 4.45 48.17 -2.44
N SER B 295 5.35 48.74 -1.66
CA SER B 295 6.59 49.22 -2.24
C SER B 295 7.24 48.06 -2.97
N ASN B 296 7.16 46.87 -2.38
CA ASN B 296 7.86 45.70 -2.88
C ASN B 296 6.96 44.69 -3.61
N ALA B 297 5.88 45.17 -4.19
CA ALA B 297 4.93 44.28 -4.86
C ALA B 297 5.37 43.93 -6.27
N ASP B 298 4.97 42.75 -6.73
CA ASP B 298 5.29 42.27 -8.07
C ASP B 298 4.36 42.94 -9.08
N VAL B 299 3.18 43.34 -8.63
CA VAL B 299 2.28 44.14 -9.43
C VAL B 299 1.42 45.08 -8.56
N TYR B 300 1.26 46.31 -9.02
CA TYR B 300 0.54 47.33 -8.27
C TYR B 300 -0.41 48.20 -9.15
N LYS B 301 -1.57 47.66 -9.52
CA LYS B 301 -2.60 48.44 -10.19
C LYS B 301 -3.57 48.89 -9.10
N PRO B 302 -3.38 50.10 -8.55
CA PRO B 302 -3.97 50.54 -7.28
C PRO B 302 -5.49 50.46 -7.25
N GLN B 303 -6.12 50.69 -8.39
CA GLN B 303 -7.55 50.52 -8.58
C GLN B 303 -8.00 49.05 -8.43
N LEU B 304 -7.16 48.12 -8.88
CA LEU B 304 -7.50 46.70 -8.84
C LEU B 304 -7.05 46.01 -7.59
N GLY B 305 -5.74 46.07 -7.33
CA GLY B 305 -5.16 45.44 -6.16
C GLY B 305 -3.68 45.30 -6.37
N TYR B 306 -2.98 44.68 -5.41
CA TYR B 306 -1.56 44.35 -5.57
C TYR B 306 -1.28 42.87 -5.27
N ILE B 307 -0.26 42.32 -5.93
CA ILE B 307 0.22 40.99 -5.56
C ILE B 307 1.71 41.05 -5.27
N SER B 308 2.15 40.36 -4.24
CA SER B 308 3.51 40.50 -3.75
C SER B 308 4.09 39.12 -3.54
N THR B 309 5.36 38.94 -3.88
CA THR B 309 5.96 37.61 -3.86
C THR B 309 7.09 37.51 -2.82
N LEU B 310 7.55 36.28 -2.52
CA LEU B 310 8.72 36.09 -1.64
C LEU B 310 9.69 35.00 -2.12
N ASN B 311 10.68 35.40 -2.91
CA ASN B 311 11.58 34.49 -3.62
C ASN B 311 12.81 34.10 -2.85
N SER B 312 13.61 33.24 -3.44
CA SER B 312 14.95 33.02 -2.92
C SER B 312 15.72 34.34 -3.06
N TYR B 313 15.36 35.14 -4.06
CA TYR B 313 16.06 36.39 -4.33
C TYR B 313 15.71 37.47 -3.32
N ASP B 314 14.67 37.24 -2.51
CA ASP B 314 14.30 38.19 -1.46
C ASP B 314 14.74 37.70 -0.09
N LEU B 315 14.78 36.38 0.09
CA LEU B 315 15.32 35.78 1.31
C LEU B 315 16.15 34.57 0.93
N PRO B 316 17.47 34.74 0.84
CA PRO B 316 18.36 33.67 0.39
C PRO B 316 18.11 32.34 1.12
N ILE B 317 17.68 32.43 2.38
CA ILE B 317 17.45 31.23 3.18
C ILE B 317 16.40 30.28 2.55
N LEU B 318 15.67 30.78 1.56
CA LEU B 318 14.59 30.02 0.93
C LEU B 318 15.09 29.02 -0.12
N ARG B 319 16.23 29.30 -0.71
CA ARG B 319 16.80 28.39 -1.70
C ARG B 319 16.87 27.00 -1.08
N PHE B 320 17.08 26.95 0.23
CA PHE B 320 17.30 25.70 0.96
C PHE B 320 15.99 25.11 1.48
N LEU B 321 15.07 25.98 1.88
CA LEU B 321 13.77 25.54 2.34
C LEU B 321 12.94 24.97 1.20
N ARG B 322 13.37 25.23 -0.03
CA ARG B 322 12.57 24.97 -1.23
C ARG B 322 11.13 25.55 -1.11
N LEU B 323 10.95 26.63 -0.36
CA LEU B 323 9.61 27.22 -0.18
C LEU B 323 9.49 28.67 -0.64
N SER B 324 8.25 29.10 -0.89
CA SER B 324 7.97 30.40 -1.47
C SER B 324 6.65 30.96 -0.94
N ALA B 325 6.41 32.27 -1.10
CA ALA B 325 5.14 32.83 -0.64
C ALA B 325 4.63 33.97 -1.52
N LEU B 326 3.31 34.07 -1.65
CA LEU B 326 2.70 35.16 -2.37
C LEU B 326 1.60 35.78 -1.52
N ARG B 327 1.51 37.12 -1.58
CA ARG B 327 0.43 37.86 -0.94
C ARG B 327 -0.40 38.61 -1.98
N GLY B 328 -1.71 38.66 -1.77
CA GLY B 328 -2.58 39.35 -2.71
C GLY B 328 -3.66 40.12 -1.99
N SER B 329 -3.76 41.40 -2.30
CA SER B 329 -4.87 42.21 -1.83
C SER B 329 -5.59 42.84 -3.02
N ILE B 330 -6.79 42.37 -3.33
CA ILE B 330 -7.53 42.95 -4.43
C ILE B 330 -8.89 43.52 -4.01
N ARG B 331 -9.53 44.25 -4.93
CA ARG B 331 -10.78 44.92 -4.62
C ARG B 331 -11.98 44.30 -5.32
N GLN B 332 -13.15 44.40 -4.69
CA GLN B 332 -14.35 43.79 -5.24
C GLN B 332 -14.43 43.85 -6.76
N ASN B 333 -14.64 42.68 -7.37
CA ASN B 333 -14.80 42.53 -8.81
C ASN B 333 -13.50 42.61 -9.62
N ALA B 334 -12.38 42.68 -8.93
CA ALA B 334 -11.11 42.54 -9.61
C ALA B 334 -10.92 41.07 -9.86
N MET B 335 -10.32 40.76 -11.00
CA MET B 335 -10.07 39.38 -11.35
C MET B 335 -8.58 39.12 -11.47
N VAL B 336 -8.16 38.00 -10.90
CA VAL B 336 -6.80 37.51 -11.09
C VAL B 336 -6.88 36.57 -12.27
N LEU B 337 -6.13 36.90 -13.32
CA LEU B 337 -6.21 36.18 -14.58
C LEU B 337 -5.83 34.73 -14.32
N PRO B 338 -6.44 33.81 -15.08
CA PRO B 338 -6.28 32.36 -14.97
C PRO B 338 -4.84 31.98 -15.13
N GLN B 339 -4.34 31.21 -14.18
CA GLN B 339 -2.92 30.95 -14.15
C GLN B 339 -2.67 29.56 -13.64
N TRP B 340 -1.45 29.08 -13.80
CA TRP B 340 -1.05 27.81 -13.21
C TRP B 340 0.37 27.98 -12.72
N ASN B 341 0.73 27.24 -11.68
CA ASN B 341 2.09 27.22 -11.18
C ASN B 341 2.87 26.21 -11.95
N ALA B 342 3.87 26.66 -12.70
CA ALA B 342 4.63 25.73 -13.50
C ALA B 342 5.36 24.71 -12.62
N ASN B 343 6.00 25.18 -11.55
CA ASN B 343 6.90 24.32 -10.78
C ASN B 343 6.63 24.20 -9.27
N ALA B 344 5.39 24.42 -8.86
CA ALA B 344 5.06 24.33 -7.44
C ALA B 344 3.62 23.97 -7.15
N ASN B 345 3.42 23.23 -6.07
CA ASN B 345 2.10 23.11 -5.45
C ASN B 345 1.79 24.34 -4.63
N ALA B 346 0.59 24.88 -4.81
CA ALA B 346 0.15 26.01 -4.01
C ALA B 346 -0.80 25.52 -2.93
N VAL B 347 -0.95 26.33 -1.90
CA VAL B 347 -2.00 26.15 -0.92
C VAL B 347 -2.42 27.59 -0.57
N LEU B 348 -3.68 27.94 -0.82
CA LEU B 348 -4.10 29.35 -0.74
C LEU B 348 -4.99 29.64 0.48
N TYR B 349 -4.53 30.55 1.34
CA TYR B 349 -5.24 30.83 2.58
C TYR B 349 -5.83 32.25 2.60
N VAL B 350 -7.14 32.34 2.75
CA VAL B 350 -7.83 33.62 2.69
C VAL B 350 -7.75 34.32 4.02
N THR B 351 -7.28 35.57 3.96
CA THR B 351 -7.02 36.41 5.13
C THR B 351 -8.24 37.26 5.40
N ASP B 352 -8.60 38.07 4.42
CA ASP B 352 -9.73 38.96 4.54
C ASP B 352 -10.63 38.85 3.30
N GLY B 353 -11.94 38.76 3.53
CA GLY B 353 -12.90 38.83 2.44
C GLY B 353 -13.22 37.52 1.77
N GLU B 354 -13.87 37.58 0.60
CA GLU B 354 -14.19 36.39 -0.18
C GLU B 354 -14.15 36.63 -1.68
N ALA B 355 -13.77 35.59 -2.42
CA ALA B 355 -13.72 35.67 -3.86
C ALA B 355 -14.32 34.40 -4.44
N HIS B 356 -14.66 34.46 -5.71
CA HIS B 356 -15.19 33.30 -6.38
C HIS B 356 -14.09 32.71 -7.23
N VAL B 357 -13.79 31.46 -7.02
CA VAL B 357 -12.69 30.89 -7.79
C VAL B 357 -13.08 29.60 -8.50
N GLN B 358 -12.44 29.35 -9.64
CA GLN B 358 -12.58 28.11 -10.38
C GLN B 358 -11.22 27.43 -10.55
N VAL B 359 -11.19 26.10 -10.46
CA VAL B 359 -9.95 25.38 -10.65
C VAL B 359 -10.10 24.24 -11.66
N VAL B 360 -9.11 24.10 -12.52
CA VAL B 360 -9.18 23.16 -13.61
C VAL B 360 -7.98 22.23 -13.54
N ASN B 361 -8.23 20.93 -13.62
CA ASN B 361 -7.16 19.93 -13.54
C ASN B 361 -6.56 19.51 -14.89
N ASP B 362 -5.74 18.46 -14.86
CA ASP B 362 -5.06 17.96 -16.05
C ASP B 362 -5.99 17.31 -17.06
N ASN B 363 -7.14 16.83 -16.58
CA ASN B 363 -8.13 16.23 -17.46
C ASN B 363 -9.06 17.26 -18.05
N GLY B 364 -8.82 18.53 -17.73
CA GLY B 364 -9.68 19.61 -18.19
C GLY B 364 -11.00 19.68 -17.42
N ASP B 365 -11.08 18.93 -16.33
CA ASP B 365 -12.27 18.93 -15.49
C ASP B 365 -12.21 20.10 -14.55
N ARG B 366 -13.36 20.61 -14.12
CA ARG B 366 -13.39 21.67 -13.12
C ARG B 366 -13.48 21.09 -11.71
N VAL B 367 -12.35 21.09 -11.01
CA VAL B 367 -12.29 20.44 -9.71
C VAL B 367 -12.78 21.31 -8.58
N PHE B 368 -12.82 22.63 -8.78
CA PHE B 368 -13.45 23.53 -7.80
C PHE B 368 -14.06 24.78 -8.38
N ASP B 369 -15.24 25.14 -7.86
CA ASP B 369 -15.97 26.30 -8.35
C ASP B 369 -16.91 26.80 -7.28
N GLY B 370 -16.51 27.86 -6.58
CA GLY B 370 -17.26 28.31 -5.43
C GLY B 370 -16.62 29.48 -4.73
N GLN B 371 -17.20 29.87 -3.60
CA GLN B 371 -16.61 30.91 -2.78
C GLN B 371 -15.51 30.29 -1.93
N VAL B 372 -14.47 31.06 -1.69
CA VAL B 372 -13.48 30.73 -0.69
C VAL B 372 -13.41 31.93 0.30
N SER B 373 -13.82 31.70 1.54
CA SER B 373 -14.01 32.78 2.49
C SER B 373 -13.01 32.66 3.64
N GLN B 374 -12.77 33.77 4.33
CA GLN B 374 -11.75 33.86 5.36
C GLN B 374 -11.62 32.65 6.27
N GLY B 375 -10.36 32.26 6.51
CA GLY B 375 -10.05 31.15 7.40
C GLY B 375 -9.97 29.84 6.65
N GLN B 376 -10.33 29.89 5.37
CA GLN B 376 -10.38 28.73 4.50
C GLN B 376 -9.09 28.50 3.71
N LEU B 377 -8.95 27.28 3.18
CA LEU B 377 -7.72 26.85 2.54
C LEU B 377 -8.06 26.03 1.31
N LEU B 378 -7.51 26.42 0.15
CA LEU B 378 -7.73 25.70 -1.10
C LEU B 378 -6.39 25.28 -1.67
N SER B 379 -6.26 24.01 -2.00
CA SER B 379 -5.02 23.46 -2.55
C SER B 379 -4.92 23.57 -4.07
N ILE B 380 -3.81 24.09 -4.59
CA ILE B 380 -3.62 24.19 -6.05
C ILE B 380 -2.33 23.52 -6.49
N PRO B 381 -2.38 22.21 -6.74
CA PRO B 381 -1.19 21.41 -7.07
C PRO B 381 -0.64 21.79 -8.43
N GLN B 382 0.64 21.53 -8.62
CA GLN B 382 1.36 21.90 -9.84
C GLN B 382 0.54 21.72 -11.10
N GLY B 383 0.52 22.73 -11.96
CA GLY B 383 -0.16 22.61 -13.24
C GLY B 383 -1.65 22.92 -13.23
N PHE B 384 -2.28 22.87 -12.08
CA PHE B 384 -3.67 23.24 -12.00
C PHE B 384 -3.79 24.74 -12.24
N SER B 385 -4.84 25.13 -12.97
CA SER B 385 -5.08 26.52 -13.32
C SER B 385 -6.18 27.10 -12.47
N VAL B 386 -5.95 28.28 -11.91
CA VAL B 386 -6.97 28.94 -11.10
C VAL B 386 -7.38 30.28 -11.71
N VAL B 387 -8.59 30.70 -11.38
CA VAL B 387 -9.08 32.03 -11.73
C VAL B 387 -9.90 32.50 -10.55
N LYS B 388 -9.63 33.72 -10.10
CA LYS B 388 -10.17 34.23 -8.84
C LYS B 388 -10.83 35.58 -9.12
N ARG B 389 -12.04 35.79 -8.61
CA ARG B 389 -12.67 37.11 -8.71
C ARG B 389 -13.27 37.57 -7.37
N ALA B 390 -12.72 38.64 -6.80
CA ALA B 390 -13.18 39.13 -5.50
C ALA B 390 -14.67 39.39 -5.51
N THR B 391 -15.32 39.11 -4.39
CA THR B 391 -16.76 39.14 -4.25
C THR B 391 -17.13 40.19 -3.24
N SER B 392 -16.35 40.21 -2.17
CA SER B 392 -16.46 41.15 -1.07
C SER B 392 -15.77 42.47 -1.44
N GLU B 393 -15.91 43.48 -0.57
CA GLU B 393 -15.34 44.80 -0.84
C GLU B 393 -13.86 44.61 -1.15
N GLN B 394 -13.10 44.08 -0.19
CA GLN B 394 -11.76 43.64 -0.54
C GLN B 394 -11.48 42.22 -0.11
N PHE B 395 -10.50 41.61 -0.75
CA PHE B 395 -10.20 40.20 -0.61
C PHE B 395 -8.69 40.13 -0.47
N ARG B 396 -8.23 39.56 0.63
CA ARG B 396 -6.79 39.43 0.87
C ARG B 396 -6.41 38.03 1.26
N TRP B 397 -5.51 37.45 0.50
CA TRP B 397 -5.15 36.06 0.65
C TRP B 397 -3.64 35.90 0.71
N ILE B 398 -3.19 34.70 1.05
CA ILE B 398 -1.78 34.42 0.99
C ILE B 398 -1.67 33.03 0.40
N GLU B 399 -0.81 32.87 -0.60
CA GLU B 399 -0.54 31.55 -1.16
C GLU B 399 0.84 31.09 -0.72
N PHE B 400 0.92 29.84 -0.29
CA PHE B 400 2.20 29.17 -0.02
C PHE B 400 2.55 28.18 -1.13
N LYS B 401 3.76 28.27 -1.65
CA LYS B 401 4.17 27.45 -2.77
C LYS B 401 5.40 26.59 -2.46
N THR B 402 5.39 25.34 -2.91
CA THR B 402 6.52 24.44 -2.68
C THR B 402 7.62 24.61 -3.73
N ASN B 403 8.19 25.81 -3.81
CA ASN B 403 9.36 26.06 -4.63
C ASN B 403 9.95 27.43 -4.31
N ALA B 404 11.24 27.46 -3.99
CA ALA B 404 11.90 28.69 -3.56
C ALA B 404 11.80 29.78 -4.62
N ASN B 405 11.41 29.38 -5.83
CA ASN B 405 11.20 30.34 -6.89
C ASN B 405 10.08 29.87 -7.79
N ALA B 406 8.86 30.02 -7.31
CA ALA B 406 7.70 29.55 -8.04
C ALA B 406 7.51 30.37 -9.33
N GLN B 407 7.24 29.70 -10.44
CA GLN B 407 6.84 30.40 -11.68
C GLN B 407 5.36 30.28 -12.00
N ILE B 408 4.79 31.42 -12.39
CA ILE B 408 3.42 31.48 -12.84
C ILE B 408 3.40 31.60 -14.35
N ASN B 409 2.39 31.00 -14.96
CA ASN B 409 2.08 31.22 -16.36
C ASN B 409 0.62 31.59 -16.41
N THR B 410 0.30 32.68 -17.08
CA THR B 410 -1.10 33.06 -17.20
C THR B 410 -1.62 32.44 -18.50
N LEU B 411 -2.92 32.18 -18.56
CA LEU B 411 -3.55 31.70 -19.79
C LEU B 411 -4.14 32.85 -20.61
N ALA B 412 -4.35 33.99 -19.96
CA ALA B 412 -4.89 35.17 -20.63
C ALA B 412 -4.02 36.39 -20.36
N GLY B 413 -4.13 37.40 -21.22
CA GLY B 413 -3.43 38.64 -20.97
C GLY B 413 -2.18 38.77 -21.81
N ARG B 414 -1.39 39.80 -21.52
CA ARG B 414 -0.24 40.14 -22.36
C ARG B 414 1.02 39.31 -22.09
N THR B 415 0.94 38.35 -21.16
CA THR B 415 2.06 37.43 -20.92
C THR B 415 1.62 35.97 -20.84
N SER B 416 0.54 35.67 -21.55
CA SER B 416 -0.08 34.35 -21.50
C SER B 416 0.67 33.37 -22.40
N VAL B 417 0.53 32.09 -22.12
CA VAL B 417 1.10 31.09 -23.02
C VAL B 417 0.49 31.30 -24.40
N LEU B 418 -0.82 31.55 -24.47
CA LEU B 418 -1.48 31.80 -25.75
C LEU B 418 -0.86 32.97 -26.52
N ARG B 419 -0.64 34.06 -25.82
CA ARG B 419 -0.02 35.23 -26.43
C ARG B 419 1.28 34.90 -27.18
N GLY B 420 2.01 33.90 -26.69
CA GLY B 420 3.29 33.51 -27.26
C GLY B 420 3.17 32.51 -28.39
N LEU B 421 1.94 32.07 -28.66
CA LEU B 421 1.67 31.14 -29.75
C LEU B 421 1.45 31.92 -31.03
N PRO B 422 1.74 31.30 -32.18
CA PRO B 422 1.44 31.92 -33.47
C PRO B 422 -0.05 31.85 -33.76
N LEU B 423 -0.64 32.93 -34.29
CA LEU B 423 -2.07 32.99 -34.59
C LEU B 423 -2.59 31.69 -35.21
N GLU B 424 -1.84 31.15 -36.15
CA GLU B 424 -2.28 30.02 -36.96
C GLU B 424 -2.48 28.73 -36.14
N VAL B 425 -1.68 28.56 -35.09
CA VAL B 425 -1.87 27.48 -34.14
C VAL B 425 -3.19 27.70 -33.38
N ILE B 426 -3.48 28.96 -33.07
CA ILE B 426 -4.65 29.27 -32.28
C ILE B 426 -5.93 28.98 -33.05
N SER B 427 -6.00 29.46 -34.31
CA SER B 427 -7.16 29.23 -35.16
C SER B 427 -7.40 27.74 -35.43
N ASN B 428 -6.34 27.03 -35.79
CA ASN B 428 -6.46 25.60 -36.03
C ASN B 428 -6.72 24.77 -34.78
N GLY B 429 -6.22 25.24 -33.65
CA GLY B 429 -6.42 24.55 -32.40
C GLY B 429 -7.88 24.61 -32.00
N TYR B 430 -8.46 25.81 -32.05
CA TYR B 430 -9.79 26.00 -31.51
C TYR B 430 -10.83 25.92 -32.60
N GLN B 431 -10.34 25.77 -33.83
CA GLN B 431 -11.22 25.81 -34.96
C GLN B 431 -12.02 27.08 -34.79
N ILE B 432 -11.34 28.20 -34.96
CA ILE B 432 -11.96 29.51 -34.96
C ILE B 432 -11.33 30.36 -36.04
N SER B 433 -12.01 31.46 -36.34
CA SER B 433 -11.57 32.44 -37.31
C SER B 433 -10.15 32.93 -37.04
N LEU B 434 -9.57 33.61 -38.01
CA LEU B 434 -8.25 34.17 -37.82
C LEU B 434 -8.40 35.44 -37.01
N GLU B 435 -9.55 36.09 -37.17
CA GLU B 435 -9.83 37.35 -36.48
C GLU B 435 -10.18 37.06 -35.04
N GLU B 436 -10.99 36.03 -34.81
CA GLU B 436 -11.36 35.65 -33.45
C GLU B 436 -10.09 35.26 -32.68
N ALA B 437 -9.25 34.46 -33.33
CA ALA B 437 -7.95 34.15 -32.74
C ALA B 437 -7.21 35.44 -32.38
N ARG B 438 -7.22 36.41 -33.29
CA ARG B 438 -6.57 37.69 -33.03
C ARG B 438 -7.11 38.33 -31.74
N ARG B 439 -8.43 38.30 -31.58
CA ARG B 439 -9.06 38.83 -30.36
C ARG B 439 -8.58 38.09 -29.12
N VAL B 440 -8.79 36.78 -29.08
CA VAL B 440 -8.49 36.03 -27.87
C VAL B 440 -7.03 36.23 -27.48
N LYS B 441 -6.22 36.55 -28.48
CA LYS B 441 -4.80 36.61 -28.27
C LYS B 441 -4.35 37.99 -27.78
N PHE B 442 -4.97 39.05 -28.28
CA PHE B 442 -4.47 40.40 -27.98
C PHE B 442 -5.37 41.30 -27.12
N ASN B 443 -6.67 41.04 -27.07
CA ASN B 443 -7.63 41.91 -26.37
C ASN B 443 -7.30 42.24 -24.92
N THR B 444 -7.19 41.22 -24.10
CA THR B 444 -6.89 41.43 -22.69
C THR B 444 -5.52 42.06 -22.60
N ILE B 445 -5.48 43.33 -22.22
CA ILE B 445 -4.24 44.13 -22.29
C ILE B 445 -3.39 44.04 -21.02
N GLU B 446 -4.07 43.77 -19.91
CA GLU B 446 -3.43 43.68 -18.60
C GLU B 446 -2.63 42.39 -18.42
N THR B 447 -1.71 42.39 -17.48
CA THR B 447 -0.84 41.23 -17.29
C THR B 447 -1.33 40.12 -16.36
N THR B 448 -1.82 40.53 -15.18
CA THR B 448 -2.23 39.59 -14.16
C THR B 448 -3.55 39.93 -13.49
N LEU B 449 -3.88 41.23 -13.45
CA LEU B 449 -5.12 41.71 -12.84
C LEU B 449 -5.96 42.51 -13.85
N THR B 450 -7.26 42.29 -13.83
CA THR B 450 -8.16 42.96 -14.75
C THR B 450 -9.48 43.23 -14.05
N HIS B 451 -10.39 43.91 -14.74
CA HIS B 451 -11.73 44.16 -14.21
C HIS B 451 -12.66 43.05 -14.66
N SER B 452 -13.87 43.04 -14.10
CA SER B 452 -14.93 42.12 -14.53
C SER B 452 -16.17 42.40 -13.71
N SER B 453 -17.33 42.11 -14.28
CA SER B 453 -18.60 42.35 -13.60
C SER B 453 -19.52 41.13 -13.71
N GLY B 454 -20.11 40.71 -12.59
CA GLY B 454 -21.04 39.59 -12.64
C GLY B 454 -21.52 39.08 -11.30
N PRO B 455 -21.62 37.74 -11.19
CA PRO B 455 -22.16 37.01 -10.03
C PRO B 455 -21.43 37.36 -8.73
N GLN C 1 2.38 1.29 11.74
CA GLN C 1 3.76 0.88 11.97
C GLN C 1 4.61 1.00 10.71
N GLN C 2 3.96 1.24 9.56
CA GLN C 2 4.63 1.26 8.26
C GLN C 2 4.15 2.40 7.33
N PHE C 3 4.97 2.75 6.33
CA PHE C 3 4.72 3.86 5.39
C PHE C 3 3.22 4.21 5.23
N PRO C 4 2.88 5.51 5.16
CA PRO C 4 3.78 6.67 5.23
C PRO C 4 3.89 7.16 6.67
N ASN C 5 3.58 6.29 7.63
CA ASN C 5 3.75 6.60 9.03
C ASN C 5 4.96 5.83 9.56
N GLU C 6 5.97 5.74 8.70
CA GLU C 6 7.15 4.92 8.90
C GLU C 6 7.91 5.23 10.17
N CYS C 7 7.60 6.39 10.76
CA CYS C 7 8.41 6.91 11.87
C CYS C 7 7.62 7.12 13.15
N GLN C 8 6.41 6.58 13.22
CA GLN C 8 5.71 6.51 14.49
C GLN C 8 6.27 5.35 15.28
N LEU C 9 7.56 5.43 15.60
CA LEU C 9 8.22 4.43 16.45
C LEU C 9 7.81 4.64 17.90
N ASP C 10 7.48 3.56 18.61
CA ASP C 10 7.16 3.69 20.04
C ASP C 10 8.16 2.91 20.92
N GLN C 11 9.12 2.25 20.29
CA GLN C 11 10.20 1.53 20.97
C GLN C 11 11.41 1.52 20.06
N LEU C 12 12.60 1.53 20.65
CA LEU C 12 13.80 1.29 19.89
C LEU C 12 14.46 0.13 20.59
N ASN C 13 15.38 -0.57 19.93
CA ASN C 13 16.17 -1.58 20.64
C ASN C 13 17.60 -1.53 20.19
N ALA C 14 18.50 -2.07 20.98
CA ALA C 14 19.86 -2.16 20.49
C ALA C 14 19.82 -3.26 19.45
N LEU C 15 20.24 -2.94 18.22
CA LEU C 15 20.11 -3.87 17.10
C LEU C 15 21.40 -4.58 16.72
N GLU C 16 21.30 -5.90 16.53
CA GLU C 16 22.42 -6.71 16.03
C GLU C 16 22.15 -7.14 14.58
N PRO C 17 23.16 -7.73 13.91
CA PRO C 17 22.85 -8.02 12.50
C PRO C 17 21.86 -9.17 12.46
N SER C 18 21.08 -9.25 11.38
CA SER C 18 20.04 -10.26 11.24
C SER C 18 20.41 -11.34 10.23
N HIS C 19 21.56 -11.18 9.59
CA HIS C 19 22.01 -12.09 8.53
C HIS C 19 23.52 -12.08 8.46
N VAL C 20 24.12 -13.27 8.51
CA VAL C 20 25.56 -13.38 8.37
C VAL C 20 25.94 -14.19 7.14
N LEU C 21 26.56 -13.52 6.17
CA LEU C 21 27.11 -14.17 4.99
C LEU C 21 28.52 -14.65 5.33
N LYS C 22 28.72 -15.97 5.29
CA LYS C 22 29.97 -16.58 5.74
C LYS C 22 30.94 -16.79 4.59
N ALA C 23 32.12 -16.21 4.71
CA ALA C 23 33.11 -16.33 3.64
C ALA C 23 34.39 -17.00 4.13
N GLU C 24 35.26 -17.34 3.18
CA GLU C 24 36.48 -18.06 3.50
C GLU C 24 37.31 -17.31 4.54
N ALA C 25 37.65 -16.07 4.26
CA ALA C 25 38.52 -15.29 5.12
C ALA C 25 37.82 -14.22 5.98
N GLY C 26 36.61 -14.50 6.46
CA GLY C 26 35.88 -13.57 7.31
C GLY C 26 34.38 -13.56 7.03
N ARG C 27 33.66 -12.62 7.64
CA ARG C 27 32.23 -12.53 7.35
C ARG C 27 31.71 -11.13 7.10
N ILE C 28 30.51 -11.07 6.55
CA ILE C 28 29.83 -9.84 6.24
C ILE C 28 28.51 -9.90 6.98
N GLU C 29 28.41 -9.13 8.06
CA GLU C 29 27.25 -9.19 8.93
C GLU C 29 26.33 -8.00 8.62
N VAL C 30 25.06 -8.28 8.26
CA VAL C 30 24.16 -7.24 7.79
C VAL C 30 22.85 -7.08 8.59
N TRP C 31 22.57 -5.84 9.01
CA TRP C 31 21.41 -5.52 9.81
C TRP C 31 20.14 -5.55 8.97
N ASP C 32 19.02 -5.75 9.65
CA ASP C 32 17.73 -5.78 8.98
C ASP C 32 17.20 -4.38 8.80
N HIS C 33 17.06 -3.98 7.53
CA HIS C 33 16.58 -2.64 7.22
C HIS C 33 15.08 -2.62 7.02
N HIS C 34 14.40 -3.69 7.41
CA HIS C 34 12.95 -3.72 7.38
C HIS C 34 12.44 -3.36 8.75
N ALA C 35 13.35 -3.44 9.72
CA ALA C 35 13.08 -2.98 11.07
C ALA C 35 12.52 -1.57 11.02
N PRO C 36 11.33 -1.37 11.64
CA PRO C 36 10.68 -0.05 11.69
C PRO C 36 11.68 1.05 11.96
N GLN C 37 12.50 0.84 12.98
CA GLN C 37 13.48 1.82 13.40
C GLN C 37 14.51 2.17 12.32
N LEU C 38 14.98 1.17 11.56
CA LEU C 38 15.94 1.43 10.49
C LEU C 38 15.28 1.90 9.20
N ARG C 39 14.01 1.57 9.04
CA ARG C 39 13.27 2.00 7.86
C ARG C 39 12.97 3.49 8.01
N CYS C 40 12.66 3.88 9.25
CA CYS C 40 12.43 5.26 9.59
C CYS C 40 13.61 6.16 9.19
N SER C 41 14.83 5.67 9.38
CA SER C 41 16.06 6.40 9.10
C SER C 41 16.44 6.40 7.62
N GLY C 42 16.08 5.31 6.92
CA GLY C 42 16.37 5.19 5.51
C GLY C 42 17.79 4.73 5.22
N VAL C 43 18.38 4.03 6.17
CA VAL C 43 19.73 3.51 6.02
C VAL C 43 19.76 2.01 6.24
N SER C 44 20.81 1.37 5.78
CA SER C 44 21.08 0.03 6.21
C SER C 44 22.45 0.07 6.82
N PHE C 45 22.85 -1.01 7.47
CA PHE C 45 24.13 -1.06 8.17
C PHE C 45 24.79 -2.41 7.97
N VAL C 46 26.06 -2.42 7.67
CA VAL C 46 26.76 -3.67 7.48
C VAL C 46 28.17 -3.67 8.09
N ARG C 47 28.56 -4.80 8.67
CA ARG C 47 29.89 -4.91 9.28
C ARG C 47 30.72 -5.99 8.60
N TYR C 48 31.94 -5.68 8.17
CA TYR C 48 32.87 -6.69 7.69
C TYR C 48 33.76 -7.17 8.82
N ILE C 49 34.03 -8.48 8.84
CA ILE C 49 35.10 -9.04 9.64
C ILE C 49 36.09 -9.74 8.73
N ILE C 50 37.22 -9.10 8.48
CA ILE C 50 38.24 -9.65 7.61
C ILE C 50 39.40 -10.26 8.43
N GLU C 51 39.47 -11.59 8.44
CA GLU C 51 40.50 -12.28 9.19
C GLU C 51 41.83 -12.06 8.48
N SER C 52 42.93 -12.52 9.09
CA SER C 52 44.26 -12.19 8.57
C SER C 52 44.47 -12.65 7.12
N LYS C 53 44.99 -11.75 6.30
CA LYS C 53 45.34 -12.08 4.91
C LYS C 53 44.09 -12.24 4.06
N GLY C 54 42.94 -11.84 4.59
CA GLY C 54 41.69 -11.93 3.85
C GLY C 54 41.50 -10.71 2.98
N LEU C 55 40.78 -10.87 1.89
CA LEU C 55 40.55 -9.77 0.94
C LEU C 55 39.06 -9.62 0.64
N TYR C 56 38.48 -8.48 0.98
CA TYR C 56 37.12 -8.16 0.56
C TYR C 56 37.15 -7.77 -0.90
N LEU C 57 36.59 -8.62 -1.74
CA LEU C 57 36.66 -8.44 -3.16
C LEU C 57 35.79 -7.26 -3.55
N PRO C 58 36.19 -6.53 -4.59
CA PRO C 58 35.58 -5.31 -5.14
C PRO C 58 34.07 -5.38 -5.39
N SER C 59 33.33 -4.52 -4.71
CA SER C 59 31.91 -4.33 -4.98
C SER C 59 31.67 -2.85 -5.24
N PHE C 60 30.54 -2.53 -5.86
CA PHE C 60 30.07 -1.16 -5.90
C PHE C 60 28.60 -1.15 -5.51
N PHE C 61 28.05 0.02 -5.20
CA PHE C 61 26.68 0.07 -4.71
C PHE C 61 25.88 1.07 -5.49
N SER C 62 24.57 1.07 -5.24
CA SER C 62 23.63 2.00 -5.87
C SER C 62 23.43 3.25 -5.00
N THR C 63 24.16 3.31 -3.89
CA THR C 63 23.84 4.21 -2.80
C THR C 63 25.11 4.77 -2.21
N ALA C 64 25.04 5.96 -1.65
CA ALA C 64 26.19 6.50 -0.97
C ALA C 64 26.55 5.56 0.19
N LYS C 65 27.84 5.45 0.48
CA LYS C 65 28.34 4.54 1.49
C LYS C 65 29.29 5.31 2.38
N LEU C 66 29.16 5.18 3.69
CA LEU C 66 30.09 5.85 4.59
C LEU C 66 30.66 4.88 5.61
N SER C 67 31.91 4.51 5.42
CA SER C 67 32.48 3.41 6.19
C SER C 67 33.36 3.88 7.35
N PHE C 68 33.56 3.01 8.33
CA PHE C 68 34.40 3.34 9.47
C PHE C 68 35.17 2.11 9.92
N VAL C 69 36.49 2.19 9.97
CA VAL C 69 37.27 1.06 10.48
C VAL C 69 37.21 1.03 12.00
N ALA C 70 36.45 0.09 12.55
CA ALA C 70 36.23 0.06 13.99
C ALA C 70 37.44 -0.49 14.77
N LYS C 71 38.08 -1.49 14.18
CA LYS C 71 39.29 -2.07 14.73
C LYS C 71 40.07 -2.78 13.65
N GLY C 72 41.37 -2.93 13.89
CA GLY C 72 42.25 -3.59 12.94
C GLY C 72 43.09 -2.62 12.15
N GLU C 73 43.62 -3.11 11.03
CA GLU C 73 44.47 -2.32 10.16
C GLU C 73 44.53 -3.09 8.87
N GLY C 74 44.73 -2.39 7.75
CA GLY C 74 44.83 -3.08 6.48
C GLY C 74 44.95 -2.13 5.32
N LEU C 75 44.84 -2.67 4.11
CA LEU C 75 44.89 -1.88 2.90
C LEU C 75 43.51 -1.75 2.31
N MET C 76 43.30 -0.72 1.50
CA MET C 76 42.01 -0.50 0.86
C MET C 76 42.20 0.31 -0.41
N GLY C 77 41.50 -0.07 -1.47
CA GLY C 77 41.58 0.64 -2.73
C GLY C 77 40.23 0.99 -3.31
N ARG C 78 40.13 2.20 -3.85
CA ARG C 78 38.97 2.61 -4.64
C ARG C 78 39.30 2.45 -6.13
N VAL C 79 38.28 2.54 -6.96
CA VAL C 79 38.45 2.57 -8.39
C VAL C 79 37.37 3.50 -8.94
N VAL C 80 37.69 4.78 -8.99
CA VAL C 80 36.80 5.78 -9.55
C VAL C 80 36.84 5.65 -11.08
N PRO C 81 35.76 6.08 -11.75
CA PRO C 81 35.56 6.00 -13.20
C PRO C 81 36.70 6.58 -14.08
N GLY C 82 37.75 5.79 -14.30
CA GLY C 82 38.80 6.14 -15.24
C GLY C 82 39.68 7.33 -14.89
N CYS C 83 40.37 7.25 -13.76
CA CYS C 83 41.23 8.34 -13.30
C CYS C 83 42.72 8.03 -13.43
N ALA C 84 43.52 8.81 -12.72
CA ALA C 84 44.97 8.65 -12.74
C ALA C 84 45.35 7.18 -12.58
N GLU C 85 46.05 6.65 -13.57
CA GLU C 85 46.47 5.25 -13.57
C GLU C 85 47.91 5.10 -13.04
N THR C 86 48.11 5.51 -11.79
CA THR C 86 49.42 5.54 -11.16
C THR C 86 49.71 4.25 -10.37
N ARG C 140 55.85 -4.53 -12.30
CA ARG C 140 55.52 -3.94 -13.59
C ARG C 140 54.06 -3.54 -13.66
N ASP C 141 53.34 -3.72 -12.55
CA ASP C 141 51.90 -3.42 -12.53
C ASP C 141 51.59 -2.00 -12.07
N MET C 142 50.71 -1.33 -12.79
CA MET C 142 50.22 0.00 -12.40
C MET C 142 48.72 -0.04 -12.16
N HIS C 143 48.30 0.60 -11.07
CA HIS C 143 46.91 0.56 -10.66
C HIS C 143 46.58 1.80 -9.84
N GLN C 144 45.29 2.05 -9.69
CA GLN C 144 44.83 3.25 -8.99
C GLN C 144 45.37 3.30 -7.55
N LYS C 145 45.13 4.43 -6.88
CA LYS C 145 45.62 4.65 -5.53
C LYS C 145 45.23 3.52 -4.59
N VAL C 146 46.17 3.13 -3.76
CA VAL C 146 45.96 2.10 -2.75
C VAL C 146 46.47 2.63 -1.41
N GLU C 147 45.56 2.98 -0.51
CA GLU C 147 45.95 3.55 0.77
C GLU C 147 45.95 2.55 1.90
N HIS C 148 46.67 2.86 2.97
CA HIS C 148 46.57 2.08 4.19
C HIS C 148 45.39 2.61 4.99
N ILE C 149 44.84 1.80 5.88
CA ILE C 149 43.80 2.26 6.77
C ILE C 149 43.99 1.66 8.14
N ARG C 150 43.61 2.43 9.16
CA ARG C 150 43.80 2.06 10.55
C ARG C 150 42.58 2.52 11.29
N THR C 151 42.36 2.00 12.48
CA THR C 151 41.21 2.39 13.29
C THR C 151 41.08 3.90 13.37
N GLY C 152 39.83 4.38 13.33
CA GLY C 152 39.53 5.80 13.31
C GLY C 152 39.18 6.28 11.91
N ASP C 153 39.83 5.69 10.91
CA ASP C 153 39.59 6.05 9.51
C ASP C 153 38.11 5.95 9.10
N THR C 154 37.63 7.00 8.44
CA THR C 154 36.25 7.09 7.96
C THR C 154 36.26 7.27 6.45
N ILE C 155 35.69 6.32 5.70
CA ILE C 155 35.82 6.35 4.23
C ILE C 155 34.54 6.60 3.44
N ALA C 156 34.59 7.58 2.54
CA ALA C 156 33.44 7.95 1.73
C ALA C 156 33.51 7.25 0.39
N THR C 157 32.35 6.74 -0.05
CA THR C 157 32.22 6.12 -1.37
C THR C 157 30.94 6.58 -2.09
N HIS C 158 31.13 7.14 -3.27
CA HIS C 158 30.05 7.62 -4.10
C HIS C 158 29.32 6.41 -4.69
N PRO C 159 28.06 6.57 -5.14
CA PRO C 159 27.46 5.42 -5.79
C PRO C 159 28.24 5.10 -7.05
N GLY C 160 28.53 3.83 -7.29
CA GLY C 160 29.13 3.41 -8.54
C GLY C 160 30.61 3.12 -8.45
N VAL C 161 31.20 3.43 -7.30
CA VAL C 161 32.64 3.27 -7.09
C VAL C 161 33.01 1.93 -6.46
N ALA C 162 33.87 1.18 -7.12
CA ALA C 162 34.32 -0.10 -6.59
C ALA C 162 35.26 0.06 -5.39
N GLN C 163 35.05 -0.75 -4.37
CA GLN C 163 35.92 -0.74 -3.20
C GLN C 163 36.31 -2.16 -2.81
N TRP C 164 37.57 -2.33 -2.41
CA TRP C 164 38.00 -3.61 -1.86
C TRP C 164 38.85 -3.41 -0.61
N PHE C 165 38.85 -4.37 0.29
CA PHE C 165 39.66 -4.27 1.51
C PHE C 165 40.57 -5.49 1.69
N TYR C 166 41.73 -5.29 2.32
CA TYR C 166 42.63 -6.40 2.59
C TYR C 166 43.24 -6.22 3.96
N ASN C 167 43.15 -7.27 4.78
CA ASN C 167 43.76 -7.27 6.11
C ASN C 167 45.20 -7.75 6.04
N ASP C 168 46.13 -6.81 5.94
CA ASP C 168 47.54 -7.16 5.87
C ASP C 168 48.13 -7.47 7.24
N GLY C 169 47.38 -7.16 8.28
CA GLY C 169 47.81 -7.34 9.65
C GLY C 169 47.50 -8.70 10.22
N ASN C 170 47.61 -8.81 11.54
CA ASN C 170 47.51 -10.09 12.22
C ASN C 170 46.18 -10.22 12.95
N GLN C 171 45.70 -9.09 13.47
CA GLN C 171 44.38 -9.07 14.05
C GLN C 171 43.29 -8.68 13.03
N PRO C 172 42.06 -9.14 13.28
CA PRO C 172 40.88 -8.99 12.42
C PRO C 172 40.62 -7.55 12.03
N LEU C 173 40.31 -7.33 10.75
CA LEU C 173 39.95 -6.02 10.23
C LEU C 173 38.44 -5.84 10.27
N VAL C 174 37.95 -4.86 11.02
CA VAL C 174 36.52 -4.64 11.14
C VAL C 174 36.07 -3.32 10.53
N ILE C 175 35.42 -3.40 9.37
CA ILE C 175 34.90 -2.20 8.75
C ILE C 175 33.40 -2.20 8.98
N VAL C 176 32.87 -1.04 9.30
CA VAL C 176 31.52 -0.95 9.75
C VAL C 176 30.96 0.25 9.00
N SER C 177 29.86 0.07 8.28
CA SER C 177 29.46 1.08 7.30
C SER C 177 27.97 1.16 7.00
N VAL C 178 27.51 2.39 6.78
CA VAL C 178 26.11 2.68 6.51
C VAL C 178 25.85 2.76 5.01
N LEU C 179 24.63 2.45 4.60
CA LEU C 179 24.21 2.68 3.21
C LEU C 179 22.99 3.59 3.22
N ASP C 180 23.08 4.71 2.49
CA ASP C 180 22.00 5.69 2.45
C ASP C 180 20.95 5.28 1.43
N LEU C 181 19.88 4.65 1.90
CA LEU C 181 18.84 4.09 1.03
C LEU C 181 17.89 5.15 0.52
N ALA C 182 17.54 6.06 1.40
CA ALA C 182 16.50 7.02 1.14
C ALA C 182 17.02 8.22 0.33
N SER C 183 18.34 8.31 0.16
CA SER C 183 18.94 9.36 -0.66
C SER C 183 18.50 9.28 -2.11
N HIS C 184 18.47 10.42 -2.79
CA HIS C 184 18.03 10.47 -4.18
C HIS C 184 19.14 9.99 -5.10
N GLN C 185 20.33 9.77 -4.55
CA GLN C 185 21.44 9.22 -5.33
C GLN C 185 21.20 7.74 -5.66
N ASN C 186 20.38 7.12 -4.82
CA ASN C 186 19.98 5.75 -5.01
C ASN C 186 18.78 5.72 -5.89
N GLN C 187 18.98 5.37 -7.15
CA GLN C 187 17.88 5.45 -8.09
C GLN C 187 17.22 4.09 -8.26
N LEU C 188 17.52 3.21 -7.30
CA LEU C 188 16.92 1.91 -7.27
C LEU C 188 15.80 1.82 -6.23
N ASP C 189 16.17 1.38 -5.05
CA ASP C 189 15.30 0.58 -4.20
C ASP C 189 15.57 0.89 -2.75
N ARG C 190 14.54 0.82 -1.92
CA ARG C 190 14.76 0.87 -0.47
C ARG C 190 15.43 -0.45 -0.03
N ASN C 191 16.63 -0.71 -0.56
CA ASN C 191 17.38 -1.95 -0.32
C ASN C 191 18.88 -1.76 -0.51
N PRO C 192 19.67 -2.31 0.41
CA PRO C 192 21.09 -2.46 0.14
C PRO C 192 21.26 -3.33 -1.09
N ARG C 193 21.81 -2.81 -2.19
CA ARG C 193 22.03 -3.63 -3.37
C ARG C 193 23.48 -3.65 -3.85
N PRO C 194 24.31 -4.50 -3.23
CA PRO C 194 25.73 -4.68 -3.55
C PRO C 194 25.86 -5.36 -4.89
N PHE C 195 26.68 -4.81 -5.78
CA PHE C 195 27.00 -5.44 -7.06
C PHE C 195 28.41 -5.98 -6.95
N TYR C 196 28.56 -7.31 -6.96
CA TYR C 196 29.87 -7.93 -6.78
C TYR C 196 30.68 -8.15 -8.07
N LEU C 197 31.91 -7.67 -8.09
CA LEU C 197 32.75 -7.78 -9.26
C LEU C 197 33.28 -9.20 -9.45
N ALA C 198 33.69 -9.84 -8.36
CA ALA C 198 34.32 -11.17 -8.41
C ALA C 198 33.66 -12.20 -7.52
N GLY C 199 33.44 -11.82 -6.27
CA GLY C 199 32.85 -12.69 -5.27
C GLY C 199 31.59 -13.38 -5.75
N ASN C 200 31.60 -14.69 -5.66
CA ASN C 200 30.37 -15.44 -5.84
C ASN C 200 29.84 -15.60 -4.43
N ASN C 201 28.53 -15.51 -4.24
CA ASN C 201 27.95 -15.72 -2.93
C ASN C 201 26.74 -16.64 -2.96
N PRO C 202 26.95 -17.87 -2.47
CA PRO C 202 25.99 -18.96 -2.40
C PRO C 202 24.73 -18.67 -1.56
N GLN C 203 24.84 -17.95 -0.45
CA GLN C 203 23.65 -17.65 0.36
C GLN C 203 22.65 -16.70 -0.33
N GLY C 204 23.16 -15.86 -1.22
CA GLY C 204 22.32 -14.99 -2.00
C GLY C 204 21.85 -13.78 -1.24
N GLN C 205 21.00 -12.98 -1.86
CA GLN C 205 20.57 -11.74 -1.24
C GLN C 205 19.56 -11.96 -0.12
N VAL C 206 20.02 -12.52 0.99
CA VAL C 206 19.13 -12.89 2.07
C VAL C 206 18.54 -11.68 2.80
N TRP C 207 19.04 -10.50 2.47
CA TRP C 207 18.62 -9.26 3.13
C TRP C 207 17.56 -8.51 2.35
N ILE C 208 17.29 -8.97 1.13
CA ILE C 208 16.16 -8.51 0.32
C ILE C 208 15.03 -9.56 0.33
N GLU C 209 13.79 -9.10 0.45
CA GLU C 209 12.65 -9.98 0.70
C GLU C 209 12.34 -10.95 -0.44
N GLY C 210 12.52 -10.49 -1.68
CA GLY C 210 12.07 -11.27 -2.82
C GLY C 210 13.06 -12.31 -3.34
N ARG C 211 14.01 -12.70 -2.49
CA ARG C 211 15.12 -13.51 -2.96
C ARG C 211 14.75 -14.96 -3.33
N GLU C 212 14.11 -15.67 -2.40
CA GLU C 212 13.71 -17.05 -2.63
C GLU C 212 14.91 -18.02 -2.60
N GLN C 213 15.98 -17.67 -1.90
CA GLN C 213 17.11 -18.58 -1.67
C GLN C 213 17.98 -18.89 -2.88
N GLN C 214 17.93 -18.05 -3.90
CA GLN C 214 18.81 -18.27 -5.02
C GLN C 214 20.21 -17.81 -4.64
N PRO C 215 21.24 -18.29 -5.34
CA PRO C 215 22.61 -17.87 -5.05
C PRO C 215 22.87 -16.56 -5.77
N GLN C 216 23.80 -15.75 -5.27
CA GLN C 216 24.11 -14.46 -5.87
C GLN C 216 25.50 -14.40 -6.49
N LYS C 217 25.57 -14.38 -7.81
CA LYS C 217 26.84 -14.47 -8.49
C LYS C 217 27.40 -13.10 -8.84
N ASN C 218 28.68 -13.07 -9.22
CA ASN C 218 29.27 -11.81 -9.59
C ASN C 218 28.69 -11.35 -10.93
N ILE C 219 29.01 -10.12 -11.31
CA ILE C 219 28.49 -9.51 -12.52
C ILE C 219 28.94 -10.25 -13.78
N LEU C 220 30.21 -10.63 -13.81
CA LEU C 220 30.80 -11.32 -14.96
C LEU C 220 30.07 -12.60 -15.25
N ASN C 221 29.69 -13.31 -14.19
CA ASN C 221 28.87 -14.51 -14.33
C ASN C 221 27.65 -14.26 -15.21
N GLY C 222 27.25 -12.98 -15.28
CA GLY C 222 26.02 -12.60 -15.93
C GLY C 222 26.02 -12.71 -17.44
N PHE C 223 27.12 -12.34 -18.07
CA PHE C 223 27.22 -12.39 -19.53
C PHE C 223 27.63 -13.78 -20.00
N THR C 224 27.32 -14.09 -21.25
CA THR C 224 27.76 -15.35 -21.82
C THR C 224 29.27 -15.34 -21.86
N PRO C 225 29.88 -16.52 -21.63
CA PRO C 225 31.34 -16.56 -21.53
C PRO C 225 31.98 -16.13 -22.84
N GLU C 226 31.25 -16.36 -23.92
CA GLU C 226 31.72 -16.01 -25.25
C GLU C 226 31.86 -14.49 -25.42
N VAL C 227 30.84 -13.78 -25.01
CA VAL C 227 30.84 -12.32 -25.10
C VAL C 227 31.86 -11.76 -24.14
N LEU C 228 32.07 -12.45 -23.01
CA LEU C 228 33.07 -12.03 -22.04
C LEU C 228 34.44 -12.22 -22.66
N ALA C 229 34.59 -13.27 -23.46
CA ALA C 229 35.81 -13.49 -24.19
C ALA C 229 36.01 -12.40 -25.24
N LYS C 230 35.00 -12.23 -26.11
CA LYS C 230 35.05 -11.24 -27.18
C LYS C 230 35.35 -9.82 -26.69
N ALA C 231 34.97 -9.53 -25.45
CA ALA C 231 35.11 -8.17 -24.89
C ALA C 231 36.46 -7.92 -24.22
N PHE C 232 36.87 -8.80 -23.32
CA PHE C 232 38.17 -8.68 -22.68
C PHE C 232 39.27 -9.08 -23.64
N LYS C 233 38.85 -9.58 -24.80
CA LYS C 233 39.77 -10.14 -25.80
C LYS C 233 40.62 -11.28 -25.19
N ILE C 234 39.96 -12.36 -24.79
CA ILE C 234 40.65 -13.48 -24.16
C ILE C 234 40.07 -14.83 -24.60
N ASP C 235 40.68 -15.90 -24.12
CA ASP C 235 40.23 -17.26 -24.41
C ASP C 235 38.91 -17.50 -23.70
N VAL C 236 37.98 -18.21 -24.32
CA VAL C 236 36.71 -18.48 -23.65
C VAL C 236 36.92 -19.20 -22.32
N ARG C 237 37.84 -20.16 -22.30
CA ARG C 237 38.22 -20.84 -21.07
C ARG C 237 38.46 -19.86 -19.95
N THR C 238 39.32 -18.88 -20.21
CA THR C 238 39.68 -17.88 -19.22
C THR C 238 38.44 -17.09 -18.80
N ALA C 239 37.61 -16.75 -19.79
CA ALA C 239 36.37 -16.01 -19.52
C ALA C 239 35.49 -16.73 -18.50
N GLN C 240 35.14 -17.98 -18.79
CA GLN C 240 34.33 -18.76 -17.86
C GLN C 240 34.88 -18.67 -16.44
N GLN C 241 36.21 -18.66 -16.33
CA GLN C 241 36.83 -18.66 -15.03
C GLN C 241 36.62 -17.36 -14.27
N LEU C 242 36.36 -16.29 -15.02
CA LEU C 242 36.00 -15.00 -14.43
C LEU C 242 34.65 -15.07 -13.73
N GLN C 243 33.85 -16.07 -14.07
CA GLN C 243 32.46 -16.13 -13.62
C GLN C 243 32.30 -16.79 -12.25
N ASN C 244 33.40 -17.35 -11.75
CA ASN C 244 33.42 -17.98 -10.43
C ASN C 244 32.15 -18.74 -10.09
N GLN C 245 31.74 -19.64 -10.96
CA GLN C 245 30.63 -20.54 -10.65
C GLN C 245 31.00 -21.58 -9.58
N GLN C 246 30.22 -21.58 -8.51
CA GLN C 246 30.44 -22.49 -7.39
C GLN C 246 31.82 -22.33 -6.74
N ASP C 247 32.39 -21.14 -6.85
CA ASP C 247 33.43 -20.71 -5.93
C ASP C 247 32.63 -20.53 -4.65
N ASN C 248 33.04 -21.19 -3.57
CA ASN C 248 32.25 -21.11 -2.35
C ASN C 248 32.83 -20.20 -1.30
N ARG C 249 34.06 -19.78 -1.53
CA ARG C 249 34.75 -18.80 -0.71
C ARG C 249 33.89 -17.60 -0.32
N GLY C 250 33.03 -17.16 -1.22
CA GLY C 250 32.29 -15.95 -0.99
C GLY C 250 33.15 -14.75 -1.37
N ASN C 251 32.87 -13.61 -0.76
CA ASN C 251 33.48 -12.34 -1.16
C ASN C 251 34.74 -11.96 -0.39
N ILE C 252 34.85 -12.46 0.83
CA ILE C 252 36.07 -12.29 1.59
C ILE C 252 36.93 -13.55 1.52
N ILE C 253 37.93 -13.53 0.64
CA ILE C 253 38.77 -14.70 0.39
C ILE C 253 40.15 -14.58 1.02
N ARG C 254 40.73 -15.71 1.39
CA ARG C 254 42.14 -15.74 1.75
C ARG C 254 42.93 -15.47 0.47
N VAL C 255 43.97 -14.66 0.59
CA VAL C 255 44.85 -14.41 -0.54
C VAL C 255 45.90 -15.51 -0.52
N GLN C 256 46.51 -15.78 -1.67
CA GLN C 256 47.62 -16.73 -1.74
C GLN C 256 48.93 -16.05 -2.04
N GLY C 257 49.93 -16.35 -1.21
CA GLY C 257 51.26 -15.84 -1.39
C GLY C 257 51.39 -14.33 -1.23
N PRO C 258 51.96 -13.69 -2.26
CA PRO C 258 52.35 -12.27 -2.29
C PRO C 258 51.18 -11.27 -2.39
N PHE C 259 51.16 -10.30 -1.49
CA PHE C 259 50.25 -9.17 -1.67
C PHE C 259 51.02 -7.82 -1.67
N SER C 260 52.03 -7.77 -2.55
CA SER C 260 52.89 -6.60 -2.70
C SER C 260 52.25 -5.61 -3.65
N VAL C 261 51.20 -4.95 -3.18
CA VAL C 261 50.40 -4.09 -4.03
C VAL C 261 51.05 -2.73 -4.31
N ILE C 262 51.41 -1.98 -3.27
CA ILE C 262 51.98 -0.65 -3.46
C ILE C 262 53.32 -0.69 -4.24
N ARG C 263 53.29 -0.26 -5.51
CA ARG C 263 54.38 -0.51 -6.44
C ARG C 263 54.87 0.69 -7.29
N PRO C 264 54.04 1.13 -8.25
CA PRO C 264 54.51 2.07 -9.29
C PRO C 264 54.78 3.47 -8.76
N GLU C 280 31.89 16.69 -8.02
CA GLU C 280 31.50 16.22 -9.33
C GLU C 280 32.73 16.01 -10.23
N THR C 281 33.67 16.95 -10.15
CA THR C 281 34.94 16.83 -10.86
C THR C 281 36.06 16.60 -9.85
N ILE C 282 35.98 15.50 -9.12
CA ILE C 282 36.92 15.23 -8.04
C ILE C 282 37.46 13.80 -8.07
N CYS C 283 38.49 13.58 -8.89
CA CYS C 283 39.25 12.33 -8.87
C CYS C 283 40.45 12.57 -7.99
N SER C 284 40.52 13.80 -7.48
CA SER C 284 41.67 14.27 -6.72
C SER C 284 41.34 14.37 -5.24
N ALA C 285 40.54 15.38 -4.88
CA ALA C 285 40.26 15.67 -3.46
C ALA C 285 39.98 14.41 -2.64
N ARG C 286 40.22 14.54 -1.34
CA ARG C 286 40.34 13.40 -0.44
C ARG C 286 39.02 12.67 -0.21
N CYS C 287 39.07 11.35 -0.01
CA CYS C 287 37.88 10.59 0.34
C CYS C 287 38.00 9.89 1.71
N THR C 288 39.14 10.04 2.39
CA THR C 288 39.39 9.42 3.72
C THR C 288 39.84 10.41 4.80
N ASP C 289 39.54 10.11 6.07
CA ASP C 289 39.94 10.98 7.18
C ASP C 289 39.79 10.30 8.56
N ASN C 290 40.73 10.52 9.47
CA ASN C 290 40.79 9.81 10.76
C ASN C 290 40.23 10.61 11.94
N LEU C 291 39.24 10.03 12.62
CA LEU C 291 38.52 10.74 13.69
C LEU C 291 39.03 10.42 15.09
N ASP C 292 39.99 9.51 15.20
CA ASP C 292 40.55 9.14 16.50
C ASP C 292 41.69 10.06 16.99
N ASP C 293 41.83 11.24 16.38
CA ASP C 293 42.79 12.24 16.87
C ASP C 293 42.08 13.24 17.78
N PRO C 294 42.40 13.20 19.09
CA PRO C 294 41.73 14.04 20.09
C PRO C 294 42.10 15.52 20.00
N SER C 295 42.99 15.85 19.07
CA SER C 295 43.51 17.21 18.97
C SER C 295 42.88 17.94 17.79
N ASN C 296 42.19 17.18 16.95
CA ASN C 296 41.42 17.75 15.85
C ASN C 296 39.95 17.46 16.05
N ALA C 297 39.60 17.13 17.29
CA ALA C 297 38.22 16.87 17.65
C ALA C 297 37.51 18.18 17.91
N ASP C 298 36.21 18.12 18.15
CA ASP C 298 35.42 19.32 18.39
C ASP C 298 35.48 19.79 19.84
N VAL C 299 35.24 18.88 20.77
CA VAL C 299 35.48 19.12 22.18
C VAL C 299 36.36 17.99 22.70
N TYR C 300 37.42 18.34 23.42
CA TYR C 300 38.29 17.34 24.04
C TYR C 300 38.59 17.75 25.45
N LYS C 301 37.80 17.27 26.39
CA LYS C 301 38.08 17.46 27.81
C LYS C 301 38.69 16.16 28.34
N PRO C 302 40.02 16.14 28.60
CA PRO C 302 40.67 14.86 28.91
C PRO C 302 40.09 14.24 30.18
N GLN C 303 39.56 15.09 31.05
CA GLN C 303 38.84 14.62 32.24
C GLN C 303 37.81 13.58 31.83
N LEU C 304 37.14 13.87 30.71
CA LEU C 304 35.88 13.24 30.31
C LEU C 304 35.97 12.36 29.05
N GLY C 305 36.47 12.93 27.97
CA GLY C 305 36.62 12.23 26.70
C GLY C 305 36.62 13.19 25.54
N TYR C 306 36.67 12.68 24.30
CA TYR C 306 36.60 13.54 23.11
C TYR C 306 35.45 13.19 22.19
N ILE C 307 34.93 14.20 21.49
CA ILE C 307 33.99 13.98 20.39
C ILE C 307 34.50 14.70 19.13
N SER C 308 34.86 13.95 18.10
CA SER C 308 35.31 14.55 16.84
C SER C 308 34.31 14.28 15.71
N THR C 309 34.34 15.11 14.67
CA THR C 309 33.26 15.16 13.68
C THR C 309 33.79 15.30 12.27
N LEU C 310 33.10 14.66 11.32
CA LEU C 310 33.50 14.75 9.93
C LEU C 310 32.45 15.50 9.08
N ASN C 311 32.61 16.82 8.95
CA ASN C 311 31.69 17.68 8.20
C ASN C 311 32.06 17.80 6.73
N SER C 312 31.16 18.36 5.94
CA SER C 312 31.50 18.66 4.55
C SER C 312 32.64 19.68 4.50
N TYR C 313 32.86 20.40 5.60
CA TYR C 313 33.97 21.32 5.63
C TYR C 313 35.26 20.51 5.70
N ASP C 314 35.24 19.45 6.50
CA ASP C 314 36.40 18.58 6.64
C ASP C 314 36.70 17.84 5.33
N LEU C 315 35.73 17.08 4.84
CA LEU C 315 35.87 16.34 3.59
C LEU C 315 34.88 16.87 2.58
N PRO C 316 35.28 17.88 1.80
CA PRO C 316 34.31 18.57 0.96
C PRO C 316 33.51 17.65 0.04
N ILE C 317 33.96 16.40 -0.12
CA ILE C 317 33.22 15.47 -0.98
C ILE C 317 31.87 15.07 -0.37
N LEU C 318 31.79 15.06 0.95
CA LEU C 318 30.54 14.73 1.61
C LEU C 318 29.40 15.64 1.16
N ARG C 319 29.75 16.81 0.60
CA ARG C 319 28.73 17.74 0.12
C ARG C 319 27.74 16.99 -0.76
N PHE C 320 28.25 15.99 -1.50
CA PHE C 320 27.46 15.21 -2.45
C PHE C 320 26.80 13.95 -1.87
N LEU C 321 27.58 13.21 -1.08
CA LEU C 321 27.11 12.02 -0.38
C LEU C 321 25.95 12.23 0.58
N ARG C 322 25.72 13.46 1.02
CA ARG C 322 24.70 13.76 2.05
C ARG C 322 24.86 12.84 3.26
N LEU C 323 26.09 12.74 3.76
CA LEU C 323 26.42 11.92 4.92
C LEU C 323 27.53 12.58 5.72
N SER C 324 27.35 12.63 7.03
CA SER C 324 28.34 13.14 7.95
C SER C 324 28.60 12.01 8.93
N ALA C 325 29.65 12.14 9.74
CA ALA C 325 29.87 11.17 10.80
C ALA C 325 30.38 11.84 12.08
N LEU C 326 30.26 11.14 13.19
CA LEU C 326 30.66 11.65 14.49
C LEU C 326 31.25 10.50 15.27
N ARG C 327 32.37 10.75 15.94
CA ARG C 327 33.11 9.72 16.65
C ARG C 327 33.25 10.10 18.10
N GLY C 328 32.81 9.23 18.99
CA GLY C 328 32.83 9.57 20.40
C GLY C 328 33.64 8.60 21.22
N SER C 329 34.44 9.13 22.14
CA SER C 329 35.18 8.31 23.06
C SER C 329 35.13 8.98 24.44
N ILE C 330 34.38 8.40 25.38
CA ILE C 330 34.25 8.98 26.71
C ILE C 330 34.42 7.93 27.79
N ARG C 331 34.90 8.33 28.95
CA ARG C 331 35.23 7.38 30.01
C ARG C 331 34.12 7.31 31.05
N GLN C 332 34.21 6.34 31.96
CA GLN C 332 33.10 6.05 32.86
C GLN C 332 32.34 7.27 33.38
N ASN C 333 31.06 7.07 33.63
CA ASN C 333 30.12 8.12 34.01
C ASN C 333 30.11 9.43 33.20
N ALA C 334 31.02 9.60 32.26
CA ALA C 334 30.91 10.77 31.38
C ALA C 334 29.55 10.74 30.71
N MET C 335 28.91 11.89 30.62
CA MET C 335 27.60 11.95 30.02
C MET C 335 27.60 12.93 28.85
N VAL C 336 26.90 12.58 27.79
CA VAL C 336 26.77 13.47 26.67
C VAL C 336 25.41 14.11 26.83
N LEU C 337 25.43 15.41 27.13
CA LEU C 337 24.22 16.18 27.40
C LEU C 337 23.13 15.93 26.36
N PRO C 338 21.88 15.82 26.81
CA PRO C 338 20.73 15.65 25.92
C PRO C 338 20.80 16.49 24.65
N GLN C 339 20.80 15.85 23.49
CA GLN C 339 20.93 16.54 22.21
C GLN C 339 19.97 15.94 21.19
N TRP C 340 19.66 16.70 20.13
CA TRP C 340 18.92 16.19 18.98
C TRP C 340 19.50 16.75 17.68
N ASN C 341 19.43 15.97 16.60
CA ASN C 341 19.87 16.51 15.32
C ASN C 341 18.72 17.25 14.67
N ALA C 342 18.98 18.43 14.18
CA ALA C 342 17.91 19.23 13.61
C ALA C 342 17.58 18.68 12.24
N ASN C 343 18.58 18.10 11.59
CA ASN C 343 18.48 17.87 10.17
C ASN C 343 19.08 16.57 9.66
N ALA C 344 19.12 15.55 10.52
CA ALA C 344 19.72 14.29 10.09
C ALA C 344 19.19 13.12 10.88
N ASN C 345 18.95 12.01 10.19
CA ASN C 345 18.70 10.75 10.85
C ASN C 345 20.04 10.19 11.23
N ALA C 346 20.12 9.55 12.39
CA ALA C 346 21.40 8.98 12.81
C ALA C 346 21.34 7.49 13.12
N VAL C 347 22.50 6.86 12.99
CA VAL C 347 22.65 5.47 13.33
C VAL C 347 23.91 5.39 14.22
N LEU C 348 23.72 5.00 15.47
CA LEU C 348 24.80 4.96 16.42
C LEU C 348 25.25 3.51 16.57
N TYR C 349 26.57 3.31 16.49
CA TYR C 349 27.20 1.99 16.63
C TYR C 349 28.23 2.05 17.73
N VAL C 350 28.16 1.10 18.65
CA VAL C 350 29.10 1.06 19.75
C VAL C 350 30.30 0.23 19.36
N THR C 351 31.48 0.84 19.31
CA THR C 351 32.72 0.16 18.91
C THR C 351 33.43 -0.52 20.09
N ASP C 352 33.35 0.09 21.28
CA ASP C 352 33.99 -0.41 22.49
C ASP C 352 33.17 -0.02 23.72
N GLY C 353 33.00 -0.93 24.66
CA GLY C 353 32.39 -0.58 25.92
C GLY C 353 30.87 -0.61 25.94
N GLU C 354 30.30 0.01 26.97
CA GLU C 354 28.85 0.03 27.14
C GLU C 354 28.40 1.37 27.71
N ALA C 355 27.31 1.89 27.17
CA ALA C 355 26.71 3.13 27.68
C ALA C 355 25.27 2.86 28.01
N HIS C 356 24.69 3.69 28.84
CA HIS C 356 23.27 3.62 29.08
C HIS C 356 22.65 4.86 28.43
N VAL C 357 21.62 4.68 27.62
CA VAL C 357 21.10 5.83 26.91
C VAL C 357 19.58 5.92 26.98
N GLN C 358 19.06 7.12 26.84
CA GLN C 358 17.62 7.31 26.77
C GLN C 358 17.32 8.04 25.48
N VAL C 359 16.15 7.77 24.91
CA VAL C 359 15.73 8.45 23.69
C VAL C 359 14.29 8.89 23.80
N VAL C 360 13.98 10.05 23.23
CA VAL C 360 12.63 10.59 23.39
C VAL C 360 11.90 10.93 22.11
N ASN C 361 10.64 10.51 22.06
CA ASN C 361 9.69 10.81 20.98
C ASN C 361 9.41 12.27 20.74
N ASP C 362 8.75 12.52 19.63
CA ASP C 362 8.01 13.76 19.48
C ASP C 362 6.74 13.73 20.37
N ASN C 363 6.38 12.56 20.88
CA ASN C 363 5.28 12.47 21.83
C ASN C 363 5.77 12.78 23.24
N GLY C 364 7.10 12.85 23.37
CA GLY C 364 7.71 13.10 24.66
C GLY C 364 7.67 11.82 25.46
N ASP C 365 7.73 10.71 24.74
CA ASP C 365 7.73 9.41 25.38
C ASP C 365 9.15 8.90 25.38
N ARG C 366 9.50 8.11 26.39
CA ARG C 366 10.79 7.45 26.34
C ARG C 366 10.68 6.21 25.45
N VAL C 367 11.21 6.28 24.23
CA VAL C 367 11.19 5.11 23.35
C VAL C 367 12.39 4.19 23.50
N PHE C 368 13.43 4.68 24.16
CA PHE C 368 14.54 3.83 24.56
C PHE C 368 15.02 4.19 25.95
N ASP C 369 15.54 3.19 26.64
CA ASP C 369 16.06 3.39 27.98
C ASP C 369 16.70 2.07 28.41
N GLY C 370 18.02 2.03 28.34
CA GLY C 370 18.73 0.82 28.67
C GLY C 370 20.15 0.78 28.14
N GLN C 371 20.76 -0.40 28.24
CA GLN C 371 22.15 -0.57 27.85
C GLN C 371 22.29 -0.82 26.37
N VAL C 372 23.31 -0.22 25.79
CA VAL C 372 23.68 -0.47 24.40
C VAL C 372 25.20 -0.69 24.37
N SER C 373 25.63 -1.86 23.88
CA SER C 373 27.02 -2.32 24.02
C SER C 373 27.73 -2.65 22.70
N GLN C 374 28.95 -3.18 22.79
CA GLN C 374 29.78 -3.40 21.59
C GLN C 374 28.99 -4.12 20.51
N GLY C 375 29.26 -3.78 19.26
CA GLY C 375 28.62 -4.41 18.12
C GLY C 375 27.14 -4.10 17.88
N GLN C 376 26.60 -3.10 18.57
CA GLN C 376 25.19 -2.80 18.45
C GLN C 376 24.88 -1.46 17.76
N LEU C 377 23.65 -1.35 17.27
CA LEU C 377 23.20 -0.20 16.49
C LEU C 377 21.96 0.33 17.15
N LEU C 378 21.96 1.63 17.44
CA LEU C 378 20.76 2.28 17.91
C LEU C 378 20.43 3.40 16.95
N SER C 379 19.21 3.38 16.44
CA SER C 379 18.76 4.28 15.40
C SER C 379 18.10 5.53 16.00
N ILE C 380 18.61 6.71 15.68
CA ILE C 380 18.10 7.96 16.26
C ILE C 380 17.55 8.94 15.23
N PRO C 381 16.26 8.87 14.96
CA PRO C 381 15.68 9.72 13.92
C PRO C 381 15.85 11.21 14.25
N GLN C 382 15.83 12.00 13.19
CA GLN C 382 15.91 13.45 13.30
C GLN C 382 14.85 14.00 14.24
N GLY C 383 15.28 14.65 15.31
CA GLY C 383 14.34 15.26 16.24
C GLY C 383 14.14 14.46 17.51
N PHE C 384 14.58 13.22 17.52
CA PHE C 384 14.56 12.44 18.76
C PHE C 384 15.73 12.92 19.62
N SER C 385 15.50 13.02 20.92
CA SER C 385 16.52 13.48 21.84
C SER C 385 17.25 12.33 22.53
N VAL C 386 18.56 12.50 22.76
CA VAL C 386 19.41 11.41 23.21
C VAL C 386 20.38 11.84 24.29
N VAL C 387 20.26 11.22 25.45
CA VAL C 387 21.29 11.35 26.46
C VAL C 387 22.10 10.04 26.56
N LYS C 388 23.41 10.14 26.41
CA LYS C 388 24.28 8.96 26.53
C LYS C 388 25.09 9.06 27.83
N ARG C 389 25.48 7.92 28.39
CA ARG C 389 26.15 7.85 29.69
C ARG C 389 27.00 6.58 29.82
N ALA C 390 28.32 6.72 29.80
CA ALA C 390 29.21 5.55 29.82
C ALA C 390 29.05 4.73 31.10
N THR C 391 28.99 3.40 30.93
CA THR C 391 28.76 2.47 32.03
C THR C 391 30.00 1.62 32.28
N SER C 392 30.83 1.52 31.24
CA SER C 392 32.03 0.72 31.28
C SER C 392 33.25 1.62 31.49
N GLU C 393 34.40 1.00 31.74
CA GLU C 393 35.64 1.75 31.91
C GLU C 393 35.67 2.85 30.84
N GLN C 394 35.64 2.43 29.58
CA GLN C 394 35.65 3.36 28.47
C GLN C 394 34.61 2.96 27.42
N PHE C 395 33.90 3.96 26.92
CA PHE C 395 32.82 3.76 25.95
C PHE C 395 33.17 4.51 24.67
N ARG C 396 33.08 3.83 23.52
CA ARG C 396 33.46 4.47 22.26
C ARG C 396 32.48 4.10 21.15
N TRP C 397 31.88 5.11 20.54
CA TRP C 397 30.85 4.84 19.55
C TRP C 397 31.12 5.55 18.24
N ILE C 398 30.25 5.32 17.28
CA ILE C 398 30.34 6.01 16.02
C ILE C 398 28.92 6.35 15.55
N GLU C 399 28.68 7.62 15.24
CA GLU C 399 27.36 8.07 14.81
C GLU C 399 27.39 8.34 13.32
N PHE C 400 26.41 7.81 12.61
CA PHE C 400 26.29 8.06 11.17
C PHE C 400 25.06 8.90 10.92
N LYS C 401 25.26 10.06 10.30
CA LYS C 401 24.13 10.94 10.11
C LYS C 401 23.87 11.19 8.64
N THR C 402 22.58 11.20 8.30
CA THR C 402 22.14 11.46 6.93
C THR C 402 22.10 12.94 6.57
N ASN C 403 23.24 13.62 6.69
CA ASN C 403 23.35 15.03 6.30
C ASN C 403 24.82 15.42 6.26
N ALA C 404 25.25 16.07 5.18
CA ALA C 404 26.68 16.32 4.96
C ALA C 404 27.24 17.31 5.99
N ASN C 405 26.34 17.86 6.79
CA ASN C 405 26.72 18.73 7.88
C ASN C 405 25.55 18.70 8.86
N ALA C 406 25.53 17.72 9.75
CA ALA C 406 24.40 17.62 10.68
C ALA C 406 24.48 18.78 11.65
N GLN C 407 23.35 19.09 12.28
CA GLN C 407 23.30 20.20 13.21
C GLN C 407 22.76 19.74 14.55
N ILE C 408 23.61 19.66 15.56
CA ILE C 408 23.13 19.19 16.85
C ILE C 408 22.51 20.33 17.63
N ASN C 409 21.53 20.01 18.46
CA ASN C 409 20.90 21.01 19.31
C ASN C 409 20.85 20.47 20.71
N THR C 410 21.21 21.31 21.65
CA THR C 410 21.42 20.83 23.00
C THR C 410 20.27 21.33 23.87
N LEU C 411 19.79 20.47 24.76
CA LEU C 411 18.70 20.85 25.64
C LEU C 411 19.22 21.36 26.98
N ALA C 412 20.54 21.34 27.15
CA ALA C 412 21.14 21.80 28.39
C ALA C 412 22.62 22.09 28.19
N GLY C 413 23.10 23.19 28.74
CA GLY C 413 24.50 23.55 28.60
C GLY C 413 24.63 24.95 28.10
N ARG C 414 25.84 25.36 27.75
CA ARG C 414 26.09 26.74 27.37
C ARG C 414 25.64 27.05 25.95
N THR C 415 25.37 25.99 25.18
CA THR C 415 24.80 26.12 23.83
C THR C 415 23.32 25.76 23.77
N SER C 416 22.75 25.40 24.92
CA SER C 416 21.40 24.87 24.97
C SER C 416 20.39 25.72 24.23
N VAL C 417 19.23 25.16 23.94
CA VAL C 417 18.18 25.91 23.28
C VAL C 417 17.53 26.76 24.37
N LEU C 418 17.71 26.34 25.62
CA LEU C 418 17.11 27.04 26.75
C LEU C 418 17.91 28.28 27.12
N ARG C 419 19.17 28.30 26.71
CA ARG C 419 20.04 29.42 26.90
C ARG C 419 19.47 30.59 26.13
N GLY C 420 19.08 30.33 24.89
CA GLY C 420 18.57 31.36 24.00
C GLY C 420 17.10 31.67 24.20
N LEU C 421 16.53 31.15 25.29
CA LEU C 421 15.20 31.52 25.72
C LEU C 421 15.21 32.66 26.75
N PRO C 422 14.42 33.72 26.50
CA PRO C 422 14.09 34.68 27.55
C PRO C 422 13.59 33.99 28.80
N LEU C 423 14.11 34.36 29.96
CA LEU C 423 13.74 33.74 31.21
C LEU C 423 12.24 33.69 31.51
N GLU C 424 11.52 34.75 31.18
CA GLU C 424 10.09 34.76 31.44
C GLU C 424 9.36 33.68 30.63
N VAL C 425 9.99 33.23 29.53
CA VAL C 425 9.48 32.07 28.79
C VAL C 425 9.74 30.77 29.55
N ILE C 426 10.98 30.58 30.02
CA ILE C 426 11.32 29.44 30.84
C ILE C 426 10.44 29.39 32.09
N SER C 427 10.30 30.50 32.80
CA SER C 427 9.59 30.51 34.09
C SER C 427 8.12 30.19 33.93
N ASN C 428 7.46 30.88 33.01
CA ASN C 428 6.05 30.64 32.75
C ASN C 428 5.82 29.30 32.08
N GLY C 429 6.70 28.97 31.15
CA GLY C 429 6.66 27.71 30.42
C GLY C 429 6.54 26.50 31.33
N TYR C 430 7.41 26.39 32.33
CA TYR C 430 7.44 25.21 33.19
C TYR C 430 6.76 25.44 34.53
N GLN C 431 6.34 26.68 34.73
CA GLN C 431 5.78 27.11 36.00
C GLN C 431 6.72 26.78 37.14
N ILE C 432 7.80 27.53 37.15
CA ILE C 432 8.81 27.49 38.20
C ILE C 432 9.20 28.93 38.56
N SER C 433 9.97 29.07 39.62
CA SER C 433 10.46 30.36 40.10
C SER C 433 11.31 31.06 39.05
N LEU C 434 11.75 32.28 39.35
CA LEU C 434 12.77 32.94 38.56
C LEU C 434 14.15 32.45 38.99
N GLU C 435 14.28 32.16 40.29
CA GLU C 435 15.50 31.57 40.83
C GLU C 435 15.73 30.27 40.07
N GLU C 436 14.69 29.42 40.08
CA GLU C 436 14.72 28.14 39.39
C GLU C 436 14.98 28.33 37.88
N ALA C 437 14.40 29.36 37.30
CA ALA C 437 14.58 29.60 35.86
C ALA C 437 16.03 29.99 35.52
N ARG C 438 16.68 30.75 36.39
CA ARG C 438 18.05 31.19 36.15
C ARG C 438 19.06 30.04 36.24
N ARG C 439 18.74 29.04 37.05
CA ARG C 439 19.62 27.88 37.16
C ARG C 439 19.46 26.99 35.93
N VAL C 440 18.22 26.59 35.65
CA VAL C 440 17.89 25.72 34.52
C VAL C 440 18.47 26.26 33.21
N LYS C 441 18.71 27.57 33.17
CA LYS C 441 19.26 28.24 32.01
C LYS C 441 20.78 28.33 32.05
N PHE C 442 21.34 28.38 33.26
CA PHE C 442 22.73 28.81 33.40
C PHE C 442 23.67 27.85 34.13
N ASN C 443 23.15 27.04 35.06
CA ASN C 443 24.01 26.20 35.87
C ASN C 443 25.00 25.36 35.06
N THR C 444 24.50 24.69 34.03
CA THR C 444 25.35 23.84 33.22
C THR C 444 26.23 24.71 32.32
N ILE C 445 27.52 24.72 32.60
CA ILE C 445 28.46 25.59 31.88
C ILE C 445 29.05 24.85 30.69
N GLU C 446 28.91 23.54 30.71
CA GLU C 446 29.52 22.72 29.69
C GLU C 446 28.65 22.61 28.45
N THR C 447 29.30 22.42 27.32
CA THR C 447 28.65 22.40 26.02
C THR C 447 28.03 21.05 25.66
N THR C 448 28.84 20.00 25.73
CA THR C 448 28.44 18.69 25.21
C THR C 448 28.61 17.58 26.23
N LEU C 449 29.82 17.48 26.81
CA LEU C 449 30.17 16.45 27.80
C LEU C 449 30.07 16.99 29.21
N THR C 450 29.87 16.09 30.16
CA THR C 450 29.55 16.51 31.54
C THR C 450 29.58 15.31 32.49
N HIS C 451 29.71 15.54 33.79
CA HIS C 451 29.75 14.41 34.73
C HIS C 451 28.34 14.00 35.17
N SER C 452 28.15 12.71 35.44
CA SER C 452 26.83 12.21 35.80
C SER C 452 26.59 12.35 37.29
N SER C 453 26.14 13.54 37.68
CA SER C 453 25.97 13.94 39.07
C SER C 453 25.49 15.39 39.14
N GLY C 454 24.63 15.69 40.10
CA GLY C 454 24.14 17.05 40.28
C GLY C 454 24.34 17.52 41.71
N PRO C 455 23.81 18.71 42.04
CA PRO C 455 23.90 19.28 43.40
C PRO C 455 23.39 18.31 44.46
N GLN D 2 -9.16 4.71 -3.62
CA GLN D 2 -7.85 4.19 -3.20
C GLN D 2 -7.93 3.32 -1.91
N PHE D 3 -7.70 2.01 -2.06
CA PHE D 3 -7.71 1.04 -0.95
C PHE D 3 -7.00 1.55 0.32
N PRO D 4 -7.47 1.15 1.52
CA PRO D 4 -8.61 0.28 1.82
C PRO D 4 -9.88 1.09 1.87
N ASN D 5 -9.93 2.16 1.08
CA ASN D 5 -11.12 2.95 0.85
C ASN D 5 -11.60 2.75 -0.58
N GLU D 6 -11.41 1.53 -1.08
CA GLU D 6 -11.72 1.15 -2.45
C GLU D 6 -13.13 1.58 -2.91
N CYS D 7 -14.06 1.75 -1.97
CA CYS D 7 -15.45 2.07 -2.29
C CYS D 7 -15.82 3.52 -2.01
N GLN D 8 -14.82 4.33 -1.67
CA GLN D 8 -15.01 5.77 -1.62
C GLN D 8 -15.07 6.22 -3.07
N LEU D 9 -16.24 5.99 -3.68
CA LEU D 9 -16.47 6.28 -5.08
C LEU D 9 -17.25 7.56 -5.19
N ASP D 10 -16.76 8.47 -6.02
CA ASP D 10 -17.41 9.76 -6.20
C ASP D 10 -18.08 9.87 -7.57
N GLN D 11 -17.54 9.18 -8.56
CA GLN D 11 -18.16 9.10 -9.89
C GLN D 11 -18.20 7.67 -10.45
N LEU D 12 -19.33 7.31 -11.07
CA LEU D 12 -19.42 6.09 -11.85
C LEU D 12 -19.58 6.45 -13.32
N ASN D 13 -18.94 5.68 -14.20
CA ASN D 13 -19.10 5.86 -15.63
C ASN D 13 -19.54 4.55 -16.26
N ALA D 14 -20.38 4.61 -17.27
CA ALA D 14 -20.74 3.40 -17.99
C ALA D 14 -19.50 2.89 -18.73
N LEU D 15 -19.08 1.68 -18.40
CA LEU D 15 -17.78 1.17 -18.83
C LEU D 15 -17.85 0.33 -20.10
N GLU D 16 -16.72 0.26 -20.79
CA GLU D 16 -16.61 -0.59 -21.95
C GLU D 16 -15.30 -1.38 -21.87
N PRO D 17 -15.03 -2.24 -22.85
CA PRO D 17 -13.81 -3.00 -22.61
C PRO D 17 -12.58 -2.13 -22.81
N SER D 18 -11.47 -2.57 -22.22
CA SER D 18 -10.23 -1.82 -22.13
C SER D 18 -9.16 -2.52 -22.91
N HIS D 19 -9.23 -3.84 -22.87
CA HIS D 19 -8.33 -4.67 -23.63
C HIS D 19 -9.11 -5.65 -24.51
N VAL D 20 -8.70 -5.76 -25.76
CA VAL D 20 -9.34 -6.69 -26.67
C VAL D 20 -8.32 -7.64 -27.25
N LEU D 21 -8.50 -8.92 -26.92
CA LEU D 21 -7.75 -10.00 -27.54
C LEU D 21 -8.42 -10.36 -28.86
N LYS D 22 -7.77 -9.97 -29.94
CA LYS D 22 -8.28 -10.27 -31.28
C LYS D 22 -7.76 -11.64 -31.70
N ALA D 23 -8.70 -12.53 -32.04
CA ALA D 23 -8.39 -13.92 -32.39
C ALA D 23 -8.98 -14.31 -33.76
N GLU D 24 -8.68 -15.52 -34.21
CA GLU D 24 -9.01 -15.93 -35.57
C GLU D 24 -10.49 -15.92 -35.90
N ALA D 25 -11.34 -16.37 -34.98
CA ALA D 25 -12.76 -16.52 -35.27
C ALA D 25 -13.64 -15.81 -34.27
N GLY D 26 -13.12 -14.71 -33.75
CA GLY D 26 -13.87 -13.94 -32.78
C GLY D 26 -12.90 -13.22 -31.89
N ARG D 27 -13.41 -12.56 -30.85
CA ARG D 27 -12.55 -11.77 -29.99
C ARG D 27 -13.04 -11.73 -28.54
N ILE D 28 -12.09 -11.85 -27.64
CA ILE D 28 -12.37 -11.80 -26.22
C ILE D 28 -12.16 -10.37 -25.79
N GLU D 29 -13.17 -9.78 -25.18
CA GLU D 29 -13.07 -8.37 -24.80
C GLU D 29 -13.10 -8.23 -23.27
N VAL D 30 -12.00 -7.75 -22.68
CA VAL D 30 -11.90 -7.74 -21.24
C VAL D 30 -11.90 -6.34 -20.62
N TRP D 31 -12.70 -6.18 -19.57
CA TRP D 31 -12.86 -4.92 -18.87
C TRP D 31 -11.70 -4.69 -17.90
N ASP D 32 -11.30 -3.42 -17.74
CA ASP D 32 -10.26 -3.06 -16.78
C ASP D 32 -10.85 -3.18 -15.40
N HIS D 33 -10.34 -4.14 -14.65
CA HIS D 33 -10.84 -4.37 -13.31
C HIS D 33 -10.12 -3.52 -12.28
N HIS D 34 -9.12 -2.74 -12.74
CA HIS D 34 -8.47 -1.77 -11.86
C HIS D 34 -9.28 -0.48 -11.75
N ALA D 35 -10.32 -0.34 -12.57
CA ALA D 35 -11.25 0.78 -12.42
C ALA D 35 -11.82 0.77 -11.00
N PRO D 36 -11.76 1.91 -10.31
CA PRO D 36 -12.22 1.89 -8.92
C PRO D 36 -13.57 1.19 -8.72
N GLN D 37 -14.51 1.37 -9.64
CA GLN D 37 -15.85 0.79 -9.48
C GLN D 37 -15.90 -0.73 -9.58
N LEU D 38 -15.02 -1.32 -10.37
CA LEU D 38 -14.87 -2.77 -10.36
C LEU D 38 -13.99 -3.21 -9.21
N ARG D 39 -12.89 -2.51 -8.99
CA ARG D 39 -12.07 -2.81 -7.84
C ARG D 39 -12.95 -2.84 -6.58
N CYS D 40 -14.02 -2.06 -6.58
CA CYS D 40 -14.88 -1.98 -5.42
C CYS D 40 -15.87 -3.15 -5.38
N SER D 41 -16.26 -3.61 -6.56
CA SER D 41 -17.27 -4.65 -6.69
C SER D 41 -16.71 -6.01 -6.33
N GLY D 42 -15.45 -6.24 -6.68
CA GLY D 42 -14.78 -7.51 -6.42
C GLY D 42 -14.66 -8.42 -7.63
N VAL D 43 -14.97 -7.89 -8.82
CA VAL D 43 -15.17 -8.70 -10.00
C VAL D 43 -14.49 -8.10 -11.25
N SER D 44 -14.13 -8.94 -12.21
CA SER D 44 -13.78 -8.45 -13.52
C SER D 44 -14.97 -8.74 -14.40
N PHE D 45 -14.87 -8.42 -15.67
CA PHE D 45 -15.95 -8.72 -16.58
C PHE D 45 -15.31 -8.98 -17.93
N VAL D 46 -15.87 -9.94 -18.65
CA VAL D 46 -15.31 -10.31 -19.95
C VAL D 46 -16.43 -10.67 -20.95
N ARG D 47 -16.22 -10.36 -22.21
CA ARG D 47 -17.19 -10.68 -23.24
C ARG D 47 -16.55 -11.44 -24.38
N TYR D 48 -17.08 -12.61 -24.70
CA TYR D 48 -16.63 -13.35 -25.85
C TYR D 48 -17.58 -13.00 -26.98
N ILE D 49 -16.98 -12.62 -28.11
CA ILE D 49 -17.72 -12.53 -29.34
C ILE D 49 -17.16 -13.61 -30.25
N ILE D 50 -17.95 -14.67 -30.42
CA ILE D 50 -17.55 -15.81 -31.24
C ILE D 50 -18.27 -15.76 -32.59
N GLU D 51 -17.50 -15.93 -33.66
CA GLU D 51 -17.99 -15.83 -35.01
C GLU D 51 -18.46 -17.19 -35.53
N SER D 52 -18.79 -17.24 -36.82
CA SER D 52 -19.29 -18.46 -37.44
C SER D 52 -18.22 -19.57 -37.58
N LYS D 53 -18.55 -20.75 -37.08
CA LYS D 53 -17.60 -21.85 -37.07
C LYS D 53 -16.45 -21.51 -36.15
N GLY D 54 -16.75 -20.77 -35.09
CA GLY D 54 -15.75 -20.39 -34.13
C GLY D 54 -15.79 -21.26 -32.90
N LEU D 55 -14.61 -21.62 -32.40
CA LEU D 55 -14.51 -22.41 -31.17
C LEU D 55 -13.67 -21.69 -30.11
N TYR D 56 -14.31 -21.31 -29.01
CA TYR D 56 -13.58 -20.77 -27.88
C TYR D 56 -12.90 -21.94 -27.17
N LEU D 57 -11.57 -21.99 -27.25
CA LEU D 57 -10.78 -23.13 -26.78
C LEU D 57 -10.87 -23.28 -25.30
N PRO D 58 -10.81 -24.53 -24.82
CA PRO D 58 -11.01 -24.86 -23.41
C PRO D 58 -10.04 -24.12 -22.48
N SER D 59 -10.61 -23.35 -21.55
CA SER D 59 -9.86 -22.63 -20.53
C SER D 59 -10.52 -22.88 -19.19
N PHE D 60 -9.90 -22.41 -18.12
CA PHE D 60 -10.47 -22.51 -16.79
C PHE D 60 -9.85 -21.46 -15.89
N PHE D 61 -10.55 -21.09 -14.83
CA PHE D 61 -10.14 -19.93 -14.06
C PHE D 61 -9.91 -20.26 -12.61
N SER D 62 -9.33 -19.28 -11.91
CA SER D 62 -9.05 -19.44 -10.50
C SER D 62 -10.26 -19.00 -9.68
N THR D 63 -11.29 -18.57 -10.38
CA THR D 63 -12.41 -17.87 -9.77
C THR D 63 -13.74 -18.48 -10.17
N ALA D 64 -14.73 -18.39 -9.30
CA ALA D 64 -16.09 -18.70 -9.71
C ALA D 64 -16.39 -17.83 -10.94
N LYS D 65 -17.47 -18.13 -11.66
CA LYS D 65 -17.84 -17.39 -12.87
C LYS D 65 -19.31 -17.61 -13.09
N LEU D 66 -20.03 -16.60 -13.54
CA LEU D 66 -21.37 -16.78 -14.14
C LEU D 66 -21.29 -16.23 -15.53
N SER D 67 -21.77 -17.00 -16.49
CA SER D 67 -21.89 -16.49 -17.86
C SER D 67 -23.36 -16.33 -18.26
N PHE D 68 -23.61 -15.42 -19.18
CA PHE D 68 -24.93 -15.25 -19.74
C PHE D 68 -24.73 -15.08 -21.23
N VAL D 69 -25.50 -15.82 -22.03
CA VAL D 69 -25.39 -15.64 -23.47
C VAL D 69 -26.36 -14.53 -23.89
N ALA D 70 -25.80 -13.51 -24.53
CA ALA D 70 -26.54 -12.28 -24.79
C ALA D 70 -27.07 -12.25 -26.23
N LYS D 71 -26.27 -12.74 -27.17
CA LYS D 71 -26.65 -12.83 -28.58
C LYS D 71 -26.41 -14.25 -29.09
N GLY D 72 -27.09 -14.63 -30.16
CA GLY D 72 -26.81 -15.89 -30.82
C GLY D 72 -27.12 -17.17 -30.07
N GLU D 73 -26.67 -18.30 -30.61
CA GLU D 73 -26.75 -19.58 -29.91
C GLU D 73 -25.66 -20.50 -30.43
N GLY D 74 -25.36 -21.53 -29.65
CA GLY D 74 -24.30 -22.47 -30.00
C GLY D 74 -24.14 -23.59 -29.00
N LEU D 75 -22.92 -24.10 -28.89
CA LEU D 75 -22.63 -25.25 -28.04
C LEU D 75 -21.64 -24.91 -26.95
N MET D 76 -21.87 -25.44 -25.76
CA MET D 76 -20.90 -25.31 -24.68
C MET D 76 -20.57 -26.68 -24.11
N GLY D 77 -19.29 -26.95 -23.94
CA GLY D 77 -18.85 -28.20 -23.35
C GLY D 77 -18.26 -27.96 -21.98
N ARG D 78 -18.88 -28.53 -20.96
CA ARG D 78 -18.32 -28.49 -19.62
C ARG D 78 -17.47 -29.75 -19.39
N VAL D 79 -16.42 -29.65 -18.61
CA VAL D 79 -15.60 -30.81 -18.24
C VAL D 79 -15.03 -30.70 -16.82
N VAL D 80 -15.46 -31.59 -15.94
CA VAL D 80 -14.96 -31.60 -14.56
C VAL D 80 -14.21 -32.91 -14.23
N PRO D 81 -13.56 -32.98 -13.05
CA PRO D 81 -12.84 -34.21 -12.68
C PRO D 81 -13.74 -35.40 -12.35
N GLY D 82 -13.40 -36.57 -12.89
CA GLY D 82 -14.09 -37.80 -12.56
C GLY D 82 -15.59 -37.78 -12.81
N CYS D 83 -15.98 -37.69 -14.08
CA CYS D 83 -17.38 -37.76 -14.46
C CYS D 83 -17.56 -38.66 -15.69
N ALA D 84 -18.76 -38.62 -16.28
CA ALA D 84 -19.12 -39.55 -17.35
C ALA D 84 -18.48 -39.27 -18.72
N GLU D 85 -17.14 -39.33 -18.77
CA GLU D 85 -16.40 -39.14 -20.03
C GLU D 85 -16.71 -40.23 -21.05
N ARG D 140 -16.06 -44.10 -32.56
CA ARG D 140 -17.04 -43.21 -31.96
C ARG D 140 -16.49 -42.55 -30.68
N ASP D 141 -16.83 -41.27 -30.49
CA ASP D 141 -16.22 -40.41 -29.46
C ASP D 141 -16.97 -40.42 -28.12
N MET D 142 -16.23 -40.66 -27.03
CA MET D 142 -16.80 -40.69 -25.67
C MET D 142 -16.30 -39.52 -24.82
N HIS D 143 -17.03 -38.41 -24.84
CA HIS D 143 -16.64 -37.24 -24.07
C HIS D 143 -17.68 -36.94 -23.00
N GLN D 144 -17.45 -35.87 -22.25
CA GLN D 144 -18.38 -35.43 -21.23
C GLN D 144 -19.57 -34.73 -21.87
N LYS D 145 -20.46 -34.19 -21.03
CA LYS D 145 -21.71 -33.62 -21.54
C LYS D 145 -21.49 -32.35 -22.35
N VAL D 146 -22.15 -32.31 -23.49
CA VAL D 146 -22.11 -31.15 -24.36
C VAL D 146 -23.52 -30.62 -24.46
N GLU D 147 -23.67 -29.31 -24.31
CA GLU D 147 -24.99 -28.70 -24.17
C GLU D 147 -25.27 -27.71 -25.28
N HIS D 148 -26.55 -27.60 -25.65
CA HIS D 148 -26.98 -26.50 -26.50
C HIS D 148 -27.17 -25.31 -25.60
N ILE D 149 -26.64 -24.16 -26.01
CA ILE D 149 -26.86 -22.92 -25.25
C ILE D 149 -27.55 -21.91 -26.16
N ARG D 150 -28.44 -21.11 -25.56
CA ARG D 150 -29.09 -20.04 -26.32
C ARG D 150 -29.32 -18.74 -25.51
N THR D 151 -29.66 -17.67 -26.21
CA THR D 151 -29.81 -16.38 -25.56
C THR D 151 -30.77 -16.45 -24.38
N GLY D 152 -30.27 -16.09 -23.20
CA GLY D 152 -31.08 -16.10 -22.00
C GLY D 152 -30.52 -17.11 -21.01
N ASP D 153 -29.73 -18.04 -21.53
CA ASP D 153 -29.09 -19.03 -20.68
C ASP D 153 -28.06 -18.41 -19.78
N THR D 154 -28.15 -18.74 -18.51
CA THR D 154 -27.19 -18.33 -17.52
C THR D 154 -26.39 -19.58 -17.21
N ILE D 155 -25.08 -19.46 -17.10
CA ILE D 155 -24.19 -20.61 -16.94
C ILE D 155 -23.23 -20.46 -15.75
N ALA D 156 -23.36 -21.34 -14.76
CA ALA D 156 -22.50 -21.31 -13.58
C ALA D 156 -21.27 -22.21 -13.70
N THR D 157 -20.15 -21.74 -13.18
CA THR D 157 -18.90 -22.49 -13.24
C THR D 157 -18.11 -22.32 -11.96
N HIS D 158 -17.67 -23.44 -11.38
CA HIS D 158 -16.79 -23.45 -10.22
C HIS D 158 -15.40 -22.98 -10.64
N PRO D 159 -14.56 -22.64 -9.66
CA PRO D 159 -13.16 -22.41 -10.00
C PRO D 159 -12.51 -23.74 -10.41
N GLY D 160 -11.64 -23.71 -11.41
CA GLY D 160 -10.91 -24.89 -11.85
C GLY D 160 -11.59 -25.77 -12.88
N VAL D 161 -12.82 -25.44 -13.25
CA VAL D 161 -13.57 -26.15 -14.29
C VAL D 161 -13.26 -25.60 -15.68
N ALA D 162 -12.83 -26.47 -16.59
CA ALA D 162 -12.62 -26.10 -18.00
C ALA D 162 -13.94 -26.00 -18.77
N GLN D 163 -14.00 -25.09 -19.73
CA GLN D 163 -15.22 -24.86 -20.47
C GLN D 163 -14.84 -24.35 -21.84
N TRP D 164 -15.50 -24.89 -22.87
CA TRP D 164 -15.31 -24.43 -24.24
C TRP D 164 -16.64 -23.99 -24.81
N PHE D 165 -16.62 -23.12 -25.81
CA PHE D 165 -17.85 -22.78 -26.53
C PHE D 165 -17.65 -22.92 -28.04
N TYR D 166 -18.73 -23.25 -28.76
CA TYR D 166 -18.70 -23.31 -30.23
C TYR D 166 -19.93 -22.65 -30.85
N ASN D 167 -19.73 -21.85 -31.89
CA ASN D 167 -20.83 -21.21 -32.60
C ASN D 167 -20.99 -21.80 -33.99
N ASP D 168 -22.09 -22.52 -34.22
CA ASP D 168 -22.40 -23.06 -35.54
C ASP D 168 -23.10 -22.02 -36.41
N GLY D 169 -23.81 -21.10 -35.75
CA GLY D 169 -24.61 -20.08 -36.44
C GLY D 169 -23.82 -19.16 -37.36
N ASN D 170 -24.54 -18.49 -38.26
CA ASN D 170 -23.88 -17.57 -39.17
C ASN D 170 -23.89 -16.18 -38.58
N GLN D 171 -24.45 -16.08 -37.39
CA GLN D 171 -24.41 -14.84 -36.67
C GLN D 171 -23.76 -15.04 -35.30
N PRO D 172 -23.19 -13.98 -34.75
CA PRO D 172 -22.28 -14.09 -33.62
C PRO D 172 -22.92 -14.59 -32.33
N LEU D 173 -22.20 -15.49 -31.65
CA LEU D 173 -22.56 -15.96 -30.33
C LEU D 173 -21.86 -15.05 -29.36
N VAL D 174 -22.63 -14.31 -28.57
CA VAL D 174 -22.04 -13.37 -27.62
C VAL D 174 -22.29 -13.84 -26.22
N ILE D 175 -21.23 -14.30 -25.58
CA ILE D 175 -21.32 -14.72 -24.18
C ILE D 175 -20.62 -13.67 -23.34
N VAL D 176 -21.29 -13.26 -22.27
CA VAL D 176 -20.81 -12.21 -21.41
C VAL D 176 -20.71 -12.74 -19.96
N SER D 177 -19.59 -12.48 -19.27
CA SER D 177 -19.25 -13.20 -18.02
C SER D 177 -18.61 -12.35 -16.90
N VAL D 178 -19.04 -12.59 -15.66
CA VAL D 178 -18.40 -12.01 -14.48
C VAL D 178 -17.52 -13.01 -13.72
N LEU D 179 -16.29 -12.59 -13.42
CA LEU D 179 -15.37 -13.37 -12.60
C LEU D 179 -15.33 -12.79 -11.19
N ASP D 180 -15.55 -13.64 -10.19
CA ASP D 180 -15.57 -13.22 -8.79
C ASP D 180 -14.15 -13.21 -8.23
N LEU D 181 -13.55 -12.03 -8.20
CA LEU D 181 -12.15 -11.87 -7.77
C LEU D 181 -11.97 -11.88 -6.24
N ALA D 182 -12.95 -11.34 -5.53
CA ALA D 182 -12.83 -11.12 -4.09
C ALA D 182 -13.33 -12.26 -3.21
N SER D 183 -14.02 -13.24 -3.80
CA SER D 183 -14.54 -14.39 -3.06
C SER D 183 -13.44 -15.29 -2.51
N HIS D 184 -13.74 -16.04 -1.45
CA HIS D 184 -12.72 -16.91 -0.87
C HIS D 184 -12.25 -17.98 -1.86
N GLN D 185 -13.08 -18.31 -2.83
CA GLN D 185 -12.78 -19.38 -3.79
C GLN D 185 -11.59 -19.03 -4.65
N ASN D 186 -11.51 -17.76 -5.04
CA ASN D 186 -10.35 -17.29 -5.75
C ASN D 186 -9.21 -17.33 -4.79
N GLN D 187 -8.27 -18.22 -5.00
CA GLN D 187 -7.23 -18.36 -4.01
C GLN D 187 -5.90 -17.91 -4.60
N LEU D 188 -5.96 -16.87 -5.41
CA LEU D 188 -4.80 -16.31 -6.06
C LEU D 188 -4.62 -14.79 -5.88
N ASP D 189 -5.45 -14.00 -6.55
CA ASP D 189 -5.04 -12.66 -6.94
C ASP D 189 -6.25 -11.78 -7.19
N ARG D 190 -6.09 -10.48 -6.98
CA ARG D 190 -7.10 -9.56 -7.48
C ARG D 190 -6.96 -9.44 -9.00
N ASN D 191 -6.80 -10.58 -9.66
CA ASN D 191 -6.70 -10.61 -11.12
C ASN D 191 -7.46 -11.76 -11.75
N PRO D 192 -8.19 -11.49 -12.84
CA PRO D 192 -8.88 -12.56 -13.56
C PRO D 192 -7.85 -13.35 -14.35
N ARG D 193 -7.55 -14.57 -13.91
CA ARG D 193 -6.51 -15.40 -14.54
C ARG D 193 -7.10 -16.56 -15.36
N PRO D 194 -7.12 -16.39 -16.67
CA PRO D 194 -7.47 -17.50 -17.55
C PRO D 194 -6.34 -18.50 -17.55
N PHE D 195 -6.69 -19.79 -17.60
CA PHE D 195 -5.72 -20.86 -17.82
C PHE D 195 -6.07 -21.58 -19.11
N TYR D 196 -5.34 -21.31 -20.18
CA TYR D 196 -5.68 -21.91 -21.47
C TYR D 196 -5.07 -23.29 -21.71
N LEU D 197 -5.90 -24.32 -21.88
CA LEU D 197 -5.40 -25.65 -22.24
C LEU D 197 -4.86 -25.73 -23.69
N ALA D 198 -5.52 -25.06 -24.63
CA ALA D 198 -5.17 -25.19 -26.05
C ALA D 198 -4.61 -23.93 -26.68
N GLY D 199 -5.41 -22.86 -26.66
CA GLY D 199 -5.11 -21.63 -27.34
C GLY D 199 -3.77 -21.02 -26.98
N ASN D 200 -3.22 -20.27 -27.93
CA ASN D 200 -1.99 -19.53 -27.70
C ASN D 200 -2.33 -18.08 -27.95
N ASN D 201 -2.00 -17.22 -27.00
CA ASN D 201 -2.42 -15.83 -27.06
C ASN D 201 -1.25 -14.84 -27.06
N PRO D 202 -0.78 -14.48 -28.26
CA PRO D 202 0.43 -13.65 -28.48
C PRO D 202 0.40 -12.28 -27.77
N GLN D 203 -0.70 -11.54 -27.85
CA GLN D 203 -0.80 -10.28 -27.14
C GLN D 203 -0.41 -10.38 -25.66
N GLY D 204 -0.65 -11.53 -25.04
CA GLY D 204 -0.29 -11.74 -23.64
C GLY D 204 -1.31 -11.30 -22.60
N GLN D 205 -0.84 -11.20 -21.36
CA GLN D 205 -1.70 -10.81 -20.25
C GLN D 205 -1.80 -9.29 -20.07
N VAL D 206 -2.50 -8.64 -20.99
CA VAL D 206 -2.57 -7.19 -20.98
C VAL D 206 -3.61 -6.68 -19.99
N TRP D 207 -4.50 -7.56 -19.54
CA TRP D 207 -5.47 -7.21 -18.50
C TRP D 207 -4.88 -7.26 -17.12
N ILE D 208 -3.71 -7.92 -16.98
CA ILE D 208 -2.96 -7.97 -15.73
C ILE D 208 -1.78 -7.00 -15.79
N GLU D 209 -1.50 -6.36 -14.66
CA GLU D 209 -0.62 -5.21 -14.63
C GLU D 209 0.89 -5.49 -14.49
N GLY D 210 1.40 -6.55 -15.13
CA GLY D 210 2.84 -6.68 -15.18
C GLY D 210 3.47 -7.95 -15.70
N ARG D 211 3.35 -8.20 -17.00
CA ARG D 211 4.15 -9.26 -17.61
C ARG D 211 4.78 -8.76 -18.91
N GLU D 212 4.65 -7.46 -19.13
CA GLU D 212 5.42 -6.74 -20.14
C GLU D 212 5.41 -7.32 -21.57
N GLN D 213 4.26 -7.27 -22.24
CA GLN D 213 4.19 -7.60 -23.65
C GLN D 213 4.82 -8.94 -23.95
N GLN D 214 4.58 -9.90 -23.06
CA GLN D 214 5.01 -11.28 -23.27
C GLN D 214 3.81 -12.09 -23.70
N PRO D 215 4.02 -13.06 -24.60
CA PRO D 215 2.90 -13.85 -25.10
C PRO D 215 2.34 -14.71 -23.98
N GLN D 216 1.15 -15.27 -24.17
CA GLN D 216 0.57 -16.17 -23.19
C GLN D 216 0.30 -17.52 -23.81
N LYS D 217 1.25 -18.43 -23.68
CA LYS D 217 1.12 -19.76 -24.24
C LYS D 217 0.15 -20.63 -23.42
N ASN D 218 -0.40 -21.64 -24.07
CA ASN D 218 -1.22 -22.62 -23.38
C ASN D 218 -0.48 -23.36 -22.26
N ILE D 219 -1.22 -24.05 -21.44
CA ILE D 219 -0.65 -24.68 -20.27
C ILE D 219 0.29 -25.83 -20.64
N LEU D 220 0.05 -26.47 -21.78
CA LEU D 220 0.91 -27.55 -22.20
C LEU D 220 2.29 -27.03 -22.68
N ASN D 221 2.36 -25.77 -23.11
CA ASN D 221 3.62 -25.18 -23.58
C ASN D 221 4.70 -25.02 -22.50
N GLY D 222 4.28 -24.97 -21.24
CA GLY D 222 5.19 -24.71 -20.15
C GLY D 222 5.99 -25.93 -19.75
N PHE D 223 5.62 -27.08 -20.32
CA PHE D 223 6.32 -28.31 -20.01
C PHE D 223 7.33 -28.62 -21.09
N THR D 224 8.38 -29.34 -20.74
CA THR D 224 9.29 -29.82 -21.77
C THR D 224 8.49 -30.74 -22.68
N PRO D 225 8.86 -30.80 -23.97
CA PRO D 225 8.09 -31.67 -24.86
C PRO D 225 8.28 -33.16 -24.54
N GLU D 226 9.44 -33.53 -24.00
CA GLU D 226 9.71 -34.93 -23.64
C GLU D 226 8.98 -35.44 -22.38
N VAL D 227 8.53 -34.52 -21.51
CA VAL D 227 7.69 -34.90 -20.39
C VAL D 227 6.25 -35.13 -20.86
N LEU D 228 5.78 -34.28 -21.77
CA LEU D 228 4.49 -34.49 -22.41
C LEU D 228 4.52 -35.82 -23.13
N ALA D 229 5.68 -36.14 -23.71
CA ALA D 229 5.82 -37.38 -24.45
C ALA D 229 5.59 -38.58 -23.53
N LYS D 230 6.31 -38.65 -22.41
CA LYS D 230 6.16 -39.77 -21.47
C LYS D 230 4.83 -39.71 -20.69
N ALA D 231 4.12 -38.61 -20.80
CA ALA D 231 2.88 -38.40 -20.05
C ALA D 231 1.65 -38.77 -20.87
N PHE D 232 1.65 -38.42 -22.15
CA PHE D 232 0.52 -38.70 -23.03
C PHE D 232 0.70 -40.02 -23.75
N LYS D 233 1.92 -40.53 -23.70
CA LYS D 233 2.30 -41.77 -24.34
C LYS D 233 2.30 -41.57 -25.83
N ILE D 234 2.79 -40.41 -26.25
CA ILE D 234 2.83 -40.04 -27.66
C ILE D 234 4.24 -39.67 -28.10
N ASP D 235 4.42 -39.52 -29.41
CA ASP D 235 5.73 -39.18 -29.95
C ASP D 235 6.14 -37.77 -29.52
N VAL D 236 7.44 -37.48 -29.54
CA VAL D 236 7.91 -36.15 -29.14
C VAL D 236 7.49 -35.05 -30.11
N ARG D 237 7.40 -35.37 -31.40
CA ARG D 237 6.94 -34.37 -32.35
C ARG D 237 5.44 -34.11 -32.23
N THR D 238 4.68 -35.14 -31.83
CA THR D 238 3.27 -34.92 -31.58
C THR D 238 3.06 -34.13 -30.29
N ALA D 239 3.88 -34.38 -29.29
CA ALA D 239 3.79 -33.64 -28.05
C ALA D 239 4.06 -32.15 -28.27
N GLN D 240 5.13 -31.83 -29.00
CA GLN D 240 5.50 -30.44 -29.20
C GLN D 240 4.54 -29.68 -30.12
N GLN D 241 3.59 -30.41 -30.72
CA GLN D 241 2.58 -29.78 -31.55
C GLN D 241 1.51 -29.16 -30.66
N LEU D 242 1.28 -29.80 -29.52
CA LEU D 242 0.24 -29.38 -28.59
C LEU D 242 0.62 -28.09 -27.89
N GLN D 243 1.85 -27.63 -28.11
CA GLN D 243 2.34 -26.48 -27.36
C GLN D 243 1.97 -25.21 -28.09
N ASN D 244 1.34 -25.38 -29.24
CA ASN D 244 0.95 -24.24 -30.07
C ASN D 244 1.93 -23.07 -30.05
N GLN D 245 3.22 -23.38 -30.08
CA GLN D 245 4.26 -22.37 -30.15
C GLN D 245 4.00 -21.39 -31.30
N GLN D 246 3.80 -20.13 -30.96
CA GLN D 246 3.70 -19.08 -31.96
C GLN D 246 2.55 -19.30 -32.93
N ASP D 247 1.52 -20.01 -32.45
CA ASP D 247 0.23 -20.10 -33.10
C ASP D 247 -0.42 -18.70 -33.05
N ASN D 248 -0.81 -18.18 -34.21
CA ASN D 248 -1.36 -16.81 -34.31
C ASN D 248 -2.83 -16.72 -33.97
N ARG D 249 -3.52 -17.84 -34.11
CA ARG D 249 -4.98 -17.88 -34.10
C ARG D 249 -5.61 -17.27 -32.85
N GLY D 250 -4.89 -17.28 -31.75
CA GLY D 250 -5.47 -16.84 -30.50
C GLY D 250 -6.21 -17.97 -29.83
N ASN D 251 -7.39 -17.68 -29.30
CA ASN D 251 -8.09 -18.65 -28.49
C ASN D 251 -9.49 -18.94 -28.96
N ILE D 252 -9.96 -18.15 -29.92
CA ILE D 252 -11.18 -18.46 -30.63
C ILE D 252 -10.78 -18.75 -32.07
N ILE D 253 -10.81 -20.04 -32.44
CA ILE D 253 -10.28 -20.49 -33.72
C ILE D 253 -11.39 -20.93 -34.63
N ARG D 254 -11.11 -20.99 -35.94
CA ARG D 254 -12.12 -21.47 -36.90
C ARG D 254 -11.96 -22.96 -37.07
N VAL D 255 -13.09 -23.65 -37.04
CA VAL D 255 -13.09 -25.11 -37.17
C VAL D 255 -13.07 -25.47 -38.65
N GLN D 256 -12.10 -26.30 -39.03
CA GLN D 256 -12.08 -26.81 -40.40
C GLN D 256 -12.84 -28.12 -40.44
N GLY D 257 -13.78 -28.22 -41.38
CA GLY D 257 -14.60 -29.41 -41.49
C GLY D 257 -15.76 -29.41 -40.53
N PRO D 258 -16.24 -30.60 -40.16
CA PRO D 258 -17.43 -30.66 -39.31
C PRO D 258 -17.10 -30.55 -37.83
N PHE D 259 -18.10 -30.16 -37.07
CA PHE D 259 -18.00 -30.19 -35.63
C PHE D 259 -19.14 -31.05 -35.14
N SER D 260 -19.11 -32.32 -35.52
CA SER D 260 -20.19 -33.25 -35.18
C SER D 260 -19.98 -33.82 -33.77
N VAL D 261 -20.33 -33.01 -32.77
CA VAL D 261 -19.97 -33.32 -31.39
C VAL D 261 -21.16 -33.79 -30.55
N ILE D 262 -22.37 -33.36 -30.89
CA ILE D 262 -23.55 -33.93 -30.26
C ILE D 262 -24.48 -34.62 -31.25
N ARG D 263 -25.46 -35.32 -30.70
CA ARG D 263 -26.37 -36.18 -31.47
C ARG D 263 -27.82 -35.68 -31.54
N PRO D 264 -28.03 -34.34 -31.59
CA PRO D 264 -29.38 -33.83 -31.74
C PRO D 264 -29.45 -32.94 -32.97
N PRO D 265 -30.57 -32.22 -33.17
CA PRO D 265 -31.81 -32.34 -32.40
C PRO D 265 -32.86 -33.18 -33.13
N LEU D 266 -32.47 -33.80 -34.25
CA LEU D 266 -33.36 -34.69 -35.00
C LEU D 266 -34.02 -35.67 -34.03
N ARG D 267 -35.33 -35.53 -33.86
CA ARG D 267 -36.08 -36.21 -32.81
C ARG D 267 -35.90 -37.74 -32.78
N SER D 268 -35.17 -38.21 -31.77
CA SER D 268 -34.92 -39.64 -31.57
C SER D 268 -34.05 -40.26 -32.67
N GLU D 280 -20.33 -29.41 -5.07
CA GLU D 280 -20.19 -30.17 -3.82
C GLU D 280 -20.04 -31.67 -4.09
N THR D 281 -21.08 -32.42 -3.73
CA THR D 281 -21.12 -33.86 -3.98
C THR D 281 -22.18 -34.18 -5.04
N ILE D 282 -22.47 -33.20 -5.90
CA ILE D 282 -23.37 -33.41 -7.02
C ILE D 282 -22.75 -32.96 -8.34
N CYS D 283 -22.34 -33.94 -9.14
CA CYS D 283 -21.75 -33.70 -10.45
C CYS D 283 -22.86 -33.69 -11.49
N SER D 284 -24.07 -33.97 -11.03
CA SER D 284 -25.23 -34.02 -11.89
C SER D 284 -26.01 -32.72 -11.82
N ALA D 285 -25.67 -31.90 -10.83
CA ALA D 285 -26.36 -30.64 -10.61
C ALA D 285 -26.60 -29.86 -11.91
N ARG D 286 -27.82 -29.32 -12.06
CA ARG D 286 -28.16 -28.48 -13.20
C ARG D 286 -27.27 -27.22 -13.14
N CYS D 287 -26.53 -26.97 -14.20
CA CYS D 287 -25.56 -25.88 -14.18
C CYS D 287 -25.89 -24.78 -15.19
N THR D 288 -27.13 -24.77 -15.68
CA THR D 288 -27.59 -23.79 -16.65
C THR D 288 -29.08 -23.56 -16.45
N ASP D 289 -29.55 -22.34 -16.69
CA ASP D 289 -30.98 -22.08 -16.64
C ASP D 289 -31.33 -20.87 -17.49
N ASN D 290 -32.55 -20.81 -18.01
CA ASN D 290 -32.92 -19.69 -18.86
C ASN D 290 -33.72 -18.59 -18.16
N LEU D 291 -33.16 -17.38 -18.24
CA LEU D 291 -33.71 -16.20 -17.59
C LEU D 291 -34.74 -15.47 -18.44
N ASP D 292 -34.62 -15.56 -19.76
CA ASP D 292 -35.55 -14.89 -20.67
C ASP D 292 -36.93 -15.53 -20.66
N ASP D 293 -37.08 -16.62 -19.91
CA ASP D 293 -38.38 -17.25 -19.75
C ASP D 293 -39.15 -16.58 -18.63
N PRO D 294 -40.19 -15.80 -19.00
CA PRO D 294 -40.99 -15.03 -18.05
C PRO D 294 -42.00 -15.92 -17.37
N SER D 295 -42.16 -17.11 -17.92
CA SER D 295 -43.00 -18.12 -17.28
C SER D 295 -42.57 -18.19 -15.83
N ASN D 296 -41.26 -18.25 -15.62
CA ASN D 296 -40.68 -18.24 -14.28
C ASN D 296 -39.97 -16.93 -13.93
N ALA D 297 -40.71 -15.82 -13.94
CA ALA D 297 -40.16 -14.50 -13.64
C ALA D 297 -40.59 -14.00 -12.27
N ASP D 298 -39.80 -13.10 -11.68
CA ASP D 298 -40.08 -12.56 -10.35
C ASP D 298 -41.15 -11.48 -10.40
N VAL D 299 -41.17 -10.70 -11.46
CA VAL D 299 -42.32 -9.84 -11.71
C VAL D 299 -42.61 -9.79 -13.19
N TYR D 300 -43.89 -9.91 -13.52
CA TYR D 300 -44.36 -9.88 -14.91
C TYR D 300 -45.62 -9.02 -15.00
N LYS D 301 -45.42 -7.73 -15.26
CA LYS D 301 -46.52 -6.84 -15.60
C LYS D 301 -46.27 -6.45 -17.05
N PRO D 302 -46.87 -7.19 -18.00
CA PRO D 302 -46.52 -7.17 -19.44
C PRO D 302 -46.58 -5.78 -20.10
N GLN D 303 -47.51 -4.95 -19.66
CA GLN D 303 -47.53 -3.53 -19.99
C GLN D 303 -46.14 -2.86 -19.78
N LEU D 304 -45.46 -3.26 -18.70
CA LEU D 304 -44.20 -2.64 -18.28
C LEU D 304 -42.99 -3.45 -18.67
N GLY D 305 -42.94 -4.68 -18.17
CA GLY D 305 -41.86 -5.59 -18.47
C GLY D 305 -41.84 -6.75 -17.49
N TYR D 306 -40.76 -7.52 -17.50
CA TYR D 306 -40.58 -8.56 -16.51
C TYR D 306 -39.18 -8.47 -15.93
N ILE D 307 -38.99 -8.98 -14.72
CA ILE D 307 -37.65 -9.17 -14.18
C ILE D 307 -37.52 -10.58 -13.67
N SER D 308 -36.42 -11.24 -14.02
CA SER D 308 -36.18 -12.64 -13.70
C SER D 308 -35.03 -12.74 -12.75
N THR D 309 -34.94 -13.85 -12.03
CA THR D 309 -33.90 -13.99 -11.03
C THR D 309 -33.26 -15.38 -11.02
N LEU D 310 -32.06 -15.48 -10.46
CA LEU D 310 -31.37 -16.76 -10.28
C LEU D 310 -30.76 -16.97 -8.88
N ASN D 311 -31.57 -17.40 -7.92
CA ASN D 311 -31.15 -17.63 -6.53
C ASN D 311 -30.34 -18.90 -6.35
N SER D 312 -29.93 -19.17 -5.12
CA SER D 312 -29.39 -20.48 -4.81
C SER D 312 -30.56 -21.45 -4.86
N TYR D 313 -31.78 -20.93 -4.70
CA TYR D 313 -32.98 -21.76 -4.71
C TYR D 313 -33.30 -22.27 -6.10
N ASP D 314 -32.73 -21.65 -7.11
CA ASP D 314 -32.93 -22.08 -8.49
C ASP D 314 -31.85 -23.04 -8.97
N LEU D 315 -30.58 -22.74 -8.69
CA LEU D 315 -29.47 -23.63 -9.01
C LEU D 315 -28.59 -23.80 -7.77
N PRO D 316 -28.90 -24.77 -6.92
CA PRO D 316 -28.25 -24.94 -5.62
C PRO D 316 -26.72 -24.76 -5.65
N ILE D 317 -26.11 -24.93 -6.82
CA ILE D 317 -24.67 -24.72 -6.94
C ILE D 317 -24.27 -23.27 -6.56
N LEU D 318 -25.09 -22.30 -6.93
CA LEU D 318 -24.87 -20.90 -6.57
C LEU D 318 -24.61 -20.69 -5.06
N ARG D 319 -25.19 -21.53 -4.21
CA ARG D 319 -24.95 -21.44 -2.78
C ARG D 319 -23.44 -21.43 -2.48
N PHE D 320 -22.65 -22.06 -3.35
CA PHE D 320 -21.22 -22.21 -3.16
C PHE D 320 -20.40 -21.11 -3.87
N LEU D 321 -20.78 -20.83 -5.11
CA LEU D 321 -20.19 -19.73 -5.87
C LEU D 321 -20.37 -18.39 -5.14
N ARG D 322 -21.34 -18.36 -4.23
CA ARG D 322 -21.80 -17.12 -3.61
C ARG D 322 -22.15 -16.06 -4.68
N LEU D 323 -22.63 -16.49 -5.84
CA LEU D 323 -23.05 -15.59 -6.93
C LEU D 323 -24.54 -15.66 -7.24
N SER D 324 -25.00 -14.78 -8.10
CA SER D 324 -26.43 -14.63 -8.38
C SER D 324 -26.63 -13.88 -9.71
N ALA D 325 -27.84 -13.89 -10.26
CA ALA D 325 -28.08 -13.07 -11.45
C ALA D 325 -29.46 -12.46 -11.45
N LEU D 326 -29.70 -11.59 -12.41
CA LEU D 326 -31.00 -10.95 -12.59
C LEU D 326 -31.10 -10.54 -14.05
N ARG D 327 -32.29 -10.74 -14.61
CA ARG D 327 -32.58 -10.33 -15.97
C ARG D 327 -33.72 -9.35 -15.96
N GLY D 328 -33.61 -8.31 -16.76
CA GLY D 328 -34.72 -7.39 -16.91
C GLY D 328 -34.97 -7.08 -18.37
N SER D 329 -36.23 -7.25 -18.80
CA SER D 329 -36.72 -6.67 -20.06
C SER D 329 -37.87 -5.74 -19.76
N ILE D 330 -37.66 -4.44 -19.98
CA ILE D 330 -38.76 -3.51 -19.83
C ILE D 330 -38.97 -2.67 -21.08
N ARG D 331 -40.20 -2.17 -21.23
CA ARG D 331 -40.58 -1.32 -22.35
C ARG D 331 -40.30 0.15 -22.11
N GLN D 332 -40.26 0.94 -23.18
CA GLN D 332 -39.96 2.38 -23.07
C GLN D 332 -40.76 3.12 -22.00
N ASN D 333 -40.09 4.02 -21.29
CA ASN D 333 -40.73 4.83 -20.26
C ASN D 333 -41.18 4.06 -19.04
N ALA D 334 -40.81 2.78 -18.96
CA ALA D 334 -41.03 2.04 -17.74
C ALA D 334 -39.90 2.36 -16.78
N MET D 335 -40.20 2.36 -15.50
CA MET D 335 -39.21 2.69 -14.49
C MET D 335 -39.04 1.55 -13.53
N VAL D 336 -37.80 1.21 -13.22
CA VAL D 336 -37.54 0.27 -12.15
C VAL D 336 -37.41 1.15 -10.94
N LEU D 337 -38.23 0.91 -9.94
CA LEU D 337 -38.27 1.78 -8.79
C LEU D 337 -36.92 1.83 -8.07
N PRO D 338 -36.55 3.02 -7.56
CA PRO D 338 -35.30 3.21 -6.84
C PRO D 338 -35.12 2.07 -5.89
N GLN D 339 -33.96 1.45 -5.95
CA GLN D 339 -33.74 0.28 -5.14
C GLN D 339 -32.29 0.21 -4.70
N TRP D 340 -31.99 -0.68 -3.77
CA TRP D 340 -30.59 -0.97 -3.43
C TRP D 340 -30.42 -2.44 -3.09
N ASN D 341 -29.23 -2.97 -3.34
CA ASN D 341 -28.90 -4.34 -2.99
C ASN D 341 -28.41 -4.42 -1.56
N ALA D 342 -29.17 -5.07 -0.69
CA ALA D 342 -28.78 -5.13 0.71
C ALA D 342 -27.44 -5.86 0.92
N ASN D 343 -27.27 -7.00 0.27
CA ASN D 343 -26.13 -7.87 0.56
C ASN D 343 -25.24 -8.26 -0.62
N ALA D 344 -25.25 -7.44 -1.67
CA ALA D 344 -24.44 -7.76 -2.85
C ALA D 344 -24.04 -6.55 -3.67
N ASN D 345 -22.83 -6.62 -4.21
CA ASN D 345 -22.43 -5.72 -5.27
C ASN D 345 -23.04 -6.25 -6.54
N ALA D 346 -23.58 -5.37 -7.36
CA ALA D 346 -24.14 -5.75 -8.65
C ALA D 346 -23.26 -5.20 -9.77
N VAL D 347 -23.40 -5.77 -10.94
CA VAL D 347 -22.72 -5.27 -12.14
C VAL D 347 -23.79 -5.37 -13.22
N LEU D 348 -24.04 -4.28 -13.94
CA LEU D 348 -25.18 -4.25 -14.82
C LEU D 348 -24.76 -4.19 -16.29
N TYR D 349 -25.18 -5.18 -17.07
CA TYR D 349 -24.86 -5.25 -18.50
C TYR D 349 -26.08 -5.00 -19.37
N VAL D 350 -25.92 -4.19 -20.41
CA VAL D 350 -27.04 -3.86 -21.26
C VAL D 350 -26.98 -4.73 -22.49
N THR D 351 -27.99 -5.57 -22.67
CA THR D 351 -28.03 -6.48 -23.83
C THR D 351 -28.67 -5.80 -25.03
N ASP D 352 -29.74 -5.08 -24.77
CA ASP D 352 -30.53 -4.47 -25.82
C ASP D 352 -31.13 -3.14 -25.35
N GLY D 353 -30.96 -2.10 -26.15
CA GLY D 353 -31.60 -0.84 -25.87
C GLY D 353 -30.81 0.12 -25.01
N GLU D 354 -31.45 1.24 -24.67
CA GLU D 354 -30.86 2.26 -23.81
C GLU D 354 -31.82 2.60 -22.69
N ALA D 355 -31.27 3.00 -21.55
CA ALA D 355 -32.07 3.53 -20.46
C ALA D 355 -31.31 4.64 -19.76
N HIS D 356 -32.03 5.38 -18.94
CA HIS D 356 -31.45 6.43 -18.15
C HIS D 356 -31.39 5.95 -16.71
N VAL D 357 -30.18 5.85 -16.16
CA VAL D 357 -30.11 5.50 -14.76
C VAL D 357 -29.56 6.65 -13.95
N GLN D 358 -29.83 6.61 -12.65
CA GLN D 358 -29.23 7.48 -11.67
C GLN D 358 -28.75 6.62 -10.49
N VAL D 359 -27.51 6.81 -10.04
CA VAL D 359 -27.02 6.08 -8.88
C VAL D 359 -26.66 7.03 -7.75
N VAL D 360 -26.90 6.60 -6.53
CA VAL D 360 -26.72 7.45 -5.37
C VAL D 360 -25.76 6.82 -4.37
N ASN D 361 -24.81 7.63 -3.91
CA ASN D 361 -23.77 7.28 -2.94
C ASN D 361 -24.30 6.97 -1.54
N ASP D 362 -23.40 6.61 -0.62
CA ASP D 362 -23.75 6.62 0.82
C ASP D 362 -23.60 8.01 1.42
N ASN D 363 -22.79 8.84 0.79
CA ASN D 363 -22.72 10.24 1.16
C ASN D 363 -23.97 10.99 0.72
N GLY D 364 -24.74 10.39 -0.16
CA GLY D 364 -25.95 11.01 -0.66
C GLY D 364 -25.72 11.76 -1.95
N ASP D 365 -24.45 11.82 -2.37
CA ASP D 365 -24.08 12.39 -3.67
C ASP D 365 -24.68 11.54 -4.77
N ARG D 366 -24.88 12.12 -5.94
CA ARG D 366 -25.23 11.36 -7.13
C ARG D 366 -23.95 10.92 -7.84
N VAL D 367 -23.61 9.64 -7.74
CA VAL D 367 -22.38 9.18 -8.36
C VAL D 367 -22.52 8.83 -9.85
N PHE D 368 -23.74 8.90 -10.38
CA PHE D 368 -23.97 8.68 -11.81
C PHE D 368 -25.34 9.18 -12.23
N ASP D 369 -25.43 9.76 -13.43
CA ASP D 369 -26.68 10.39 -13.88
C ASP D 369 -26.69 10.62 -15.39
N GLY D 370 -27.14 9.62 -16.13
CA GLY D 370 -26.91 9.59 -17.56
C GLY D 370 -27.37 8.29 -18.20
N GLN D 371 -27.08 8.17 -19.49
CA GLN D 371 -27.56 7.06 -20.29
C GLN D 371 -26.67 5.83 -20.11
N VAL D 372 -27.25 4.65 -20.25
CA VAL D 372 -26.47 3.41 -20.29
C VAL D 372 -27.00 2.57 -21.45
N SER D 373 -26.15 2.32 -22.44
CA SER D 373 -26.61 1.74 -23.69
C SER D 373 -25.94 0.40 -23.96
N GLN D 374 -26.40 -0.29 -25.00
CA GLN D 374 -25.91 -1.63 -25.27
C GLN D 374 -24.40 -1.79 -25.15
N GLY D 375 -23.99 -2.98 -24.72
CA GLY D 375 -22.60 -3.35 -24.58
C GLY D 375 -21.86 -2.68 -23.42
N GLN D 376 -22.58 -1.91 -22.63
CA GLN D 376 -21.97 -1.18 -21.54
C GLN D 376 -22.17 -1.82 -20.15
N LEU D 377 -21.25 -1.53 -19.24
CA LEU D 377 -21.29 -2.05 -17.89
C LEU D 377 -21.34 -0.90 -16.89
N LEU D 378 -22.08 -1.10 -15.80
CA LEU D 378 -22.15 -0.11 -14.73
C LEU D 378 -22.28 -0.85 -13.43
N SER D 379 -21.35 -0.65 -12.50
CA SER D 379 -21.34 -1.39 -11.23
C SER D 379 -22.08 -0.66 -10.09
N ILE D 380 -22.92 -1.39 -9.36
CA ILE D 380 -23.68 -0.79 -8.29
C ILE D 380 -23.36 -1.47 -6.96
N PRO D 381 -22.37 -0.93 -6.24
CA PRO D 381 -21.87 -1.57 -5.02
C PRO D 381 -22.93 -1.61 -3.94
N GLN D 382 -22.82 -2.61 -3.08
CA GLN D 382 -23.76 -2.82 -1.97
C GLN D 382 -24.19 -1.52 -1.33
N GLY D 383 -25.49 -1.27 -1.31
CA GLY D 383 -26.01 -0.07 -0.67
C GLY D 383 -26.33 1.07 -1.62
N PHE D 384 -25.56 1.20 -2.69
CA PHE D 384 -25.88 2.26 -3.63
C PHE D 384 -27.28 2.01 -4.17
N SER D 385 -28.01 3.10 -4.34
CA SER D 385 -29.38 3.06 -4.78
C SER D 385 -29.43 3.42 -6.25
N VAL D 386 -30.21 2.66 -7.02
CA VAL D 386 -30.37 2.96 -8.44
C VAL D 386 -31.82 3.12 -8.87
N VAL D 387 -32.04 4.02 -9.82
CA VAL D 387 -33.29 4.13 -10.52
C VAL D 387 -32.96 4.10 -12.00
N LYS D 388 -33.82 3.48 -12.80
CA LYS D 388 -33.58 3.32 -14.22
C LYS D 388 -34.89 3.53 -14.98
N ARG D 389 -34.86 4.36 -16.01
CA ARG D 389 -36.02 4.55 -16.91
C ARG D 389 -35.64 4.24 -18.36
N ALA D 390 -36.51 3.51 -19.06
CA ALA D 390 -36.16 3.07 -20.41
C ALA D 390 -36.35 4.17 -21.42
N THR D 391 -35.29 4.45 -22.16
CA THR D 391 -35.26 5.48 -23.17
C THR D 391 -35.73 4.94 -24.51
N SER D 392 -35.40 3.68 -24.76
CA SER D 392 -35.69 3.04 -26.04
C SER D 392 -36.93 2.16 -25.98
N GLU D 393 -37.43 1.76 -27.15
CA GLU D 393 -38.62 0.93 -27.23
C GLU D 393 -38.43 -0.28 -26.33
N GLN D 394 -37.33 -0.99 -26.54
CA GLN D 394 -37.01 -2.15 -25.73
C GLN D 394 -35.77 -1.84 -24.91
N PHE D 395 -35.82 -2.13 -23.62
CA PHE D 395 -34.61 -2.07 -22.80
C PHE D 395 -34.44 -3.41 -22.13
N ARG D 396 -33.32 -4.08 -22.43
CA ARG D 396 -33.02 -5.38 -21.83
C ARG D 396 -31.62 -5.44 -21.24
N TRP D 397 -31.51 -6.05 -20.06
CA TRP D 397 -30.26 -6.10 -19.34
C TRP D 397 -30.19 -7.32 -18.44
N ILE D 398 -28.96 -7.77 -18.20
CA ILE D 398 -28.67 -8.74 -17.17
C ILE D 398 -27.86 -8.06 -16.07
N GLU D 399 -28.15 -8.38 -14.80
CA GLU D 399 -27.30 -7.96 -13.67
C GLU D 399 -26.68 -9.18 -12.99
N PHE D 400 -25.41 -9.05 -12.58
CA PHE D 400 -24.71 -10.07 -11.81
C PHE D 400 -24.46 -9.57 -10.38
N LYS D 401 -24.81 -10.37 -9.38
CA LYS D 401 -24.68 -9.93 -8.01
C LYS D 401 -23.77 -10.85 -7.18
N THR D 402 -22.97 -10.26 -6.29
CA THR D 402 -22.03 -11.07 -5.51
C THR D 402 -22.64 -11.65 -4.23
N ASN D 403 -23.78 -12.31 -4.37
CA ASN D 403 -24.38 -13.01 -3.25
C ASN D 403 -25.30 -14.09 -3.76
N ALA D 404 -25.07 -15.32 -3.31
CA ALA D 404 -25.81 -16.49 -3.81
C ALA D 404 -27.33 -16.27 -3.78
N ASN D 405 -27.80 -15.46 -2.84
CA ASN D 405 -29.19 -15.05 -2.87
C ASN D 405 -29.26 -13.57 -2.51
N ALA D 406 -29.37 -12.72 -3.54
CA ALA D 406 -29.24 -11.29 -3.35
C ALA D 406 -30.52 -10.64 -2.81
N GLN D 407 -30.37 -9.61 -1.99
CA GLN D 407 -31.53 -8.91 -1.45
C GLN D 407 -31.70 -7.51 -2.04
N ILE D 408 -32.93 -7.17 -2.40
CA ILE D 408 -33.25 -5.86 -2.90
C ILE D 408 -34.20 -5.19 -1.90
N ASN D 409 -33.94 -3.94 -1.59
CA ASN D 409 -34.94 -3.12 -0.95
C ASN D 409 -35.29 -2.02 -1.93
N THR D 410 -36.56 -1.64 -2.01
CA THR D 410 -36.96 -0.51 -2.83
C THR D 410 -37.19 0.65 -1.89
N LEU D 411 -37.07 1.88 -2.40
CA LEU D 411 -37.37 3.06 -1.59
C LEU D 411 -38.75 3.63 -1.92
N ALA D 412 -39.49 2.97 -2.81
CA ALA D 412 -40.83 3.43 -3.18
C ALA D 412 -41.79 2.27 -3.54
N GLY D 413 -43.08 2.49 -3.36
CA GLY D 413 -44.05 1.46 -3.67
C GLY D 413 -44.43 0.59 -2.49
N ARG D 414 -45.11 -0.53 -2.77
CA ARG D 414 -45.72 -1.41 -1.76
C ARG D 414 -44.76 -2.14 -0.81
N THR D 415 -43.48 -2.24 -1.18
CA THR D 415 -42.54 -2.99 -0.35
C THR D 415 -41.33 -2.14 0.01
N SER D 416 -41.51 -0.84 0.01
CA SER D 416 -40.42 0.10 0.24
C SER D 416 -40.09 0.20 1.72
N VAL D 417 -38.86 0.61 2.02
CA VAL D 417 -38.43 0.79 3.39
C VAL D 417 -39.30 1.86 4.04
N LEU D 418 -39.71 2.84 3.24
CA LEU D 418 -40.60 3.89 3.70
C LEU D 418 -42.01 3.40 4.07
N ARG D 419 -42.59 2.55 3.25
CA ARG D 419 -43.91 1.96 3.53
C ARG D 419 -43.93 1.33 4.92
N GLY D 420 -42.75 0.91 5.39
CA GLY D 420 -42.63 0.20 6.65
C GLY D 420 -42.37 1.14 7.80
N LEU D 421 -42.08 2.39 7.46
CA LEU D 421 -41.94 3.45 8.44
C LEU D 421 -43.31 3.91 8.90
N PRO D 422 -43.42 4.34 10.16
CA PRO D 422 -44.68 4.95 10.59
C PRO D 422 -44.74 6.41 10.16
N LEU D 423 -45.91 6.85 9.68
CA LEU D 423 -46.11 8.20 9.20
C LEU D 423 -45.32 9.26 9.98
N GLU D 424 -45.44 9.23 11.31
CA GLU D 424 -44.84 10.24 12.17
C GLU D 424 -43.30 10.33 12.07
N VAL D 425 -42.65 9.20 11.77
CA VAL D 425 -41.23 9.20 11.45
C VAL D 425 -41.02 9.98 10.16
N ILE D 426 -41.81 9.63 9.15
CA ILE D 426 -41.66 10.26 7.85
C ILE D 426 -41.84 11.77 7.89
N SER D 427 -42.97 12.23 8.41
CA SER D 427 -43.27 13.66 8.47
C SER D 427 -42.18 14.41 9.22
N ASN D 428 -41.86 13.93 10.42
CA ASN D 428 -40.78 14.52 11.19
C ASN D 428 -39.44 14.41 10.49
N GLY D 429 -39.19 13.27 9.86
CA GLY D 429 -37.97 13.08 9.10
C GLY D 429 -37.78 14.14 8.02
N TYR D 430 -38.77 14.31 7.16
CA TYR D 430 -38.58 15.14 5.98
C TYR D 430 -39.08 16.57 6.20
N GLN D 431 -39.69 16.76 7.36
CA GLN D 431 -40.32 18.01 7.71
C GLN D 431 -41.39 18.31 6.69
N ILE D 432 -42.45 17.51 6.78
CA ILE D 432 -43.61 17.58 5.91
C ILE D 432 -44.86 17.19 6.72
N SER D 433 -46.03 17.45 6.15
CA SER D 433 -47.32 17.20 6.80
C SER D 433 -47.71 15.71 6.79
N LEU D 434 -48.53 15.28 7.75
CA LEU D 434 -48.97 13.90 7.76
C LEU D 434 -49.69 13.59 6.45
N GLU D 435 -50.09 14.64 5.75
CA GLU D 435 -50.72 14.47 4.45
C GLU D 435 -49.70 14.23 3.34
N GLU D 436 -48.77 15.16 3.16
CA GLU D 436 -47.67 14.95 2.22
C GLU D 436 -46.98 13.62 2.53
N ALA D 437 -46.69 13.38 3.81
CA ALA D 437 -46.13 12.10 4.21
C ALA D 437 -47.02 10.93 3.81
N ARG D 438 -48.33 11.09 4.00
CA ARG D 438 -49.28 10.05 3.62
C ARG D 438 -49.07 9.70 2.15
N ARG D 439 -48.97 10.72 1.29
CA ARG D 439 -48.77 10.51 -0.15
C ARG D 439 -47.50 9.71 -0.39
N VAL D 440 -46.40 10.27 0.08
CA VAL D 440 -45.08 9.67 -0.11
C VAL D 440 -45.15 8.17 0.15
N LYS D 441 -45.86 7.80 1.21
CA LYS D 441 -45.90 6.43 1.67
C LYS D 441 -46.79 5.51 0.82
N PHE D 442 -47.96 5.98 0.41
CA PHE D 442 -48.99 5.11 -0.15
C PHE D 442 -49.39 5.30 -1.63
N ASN D 443 -48.92 6.38 -2.26
CA ASN D 443 -49.30 6.69 -3.64
C ASN D 443 -48.83 5.67 -4.69
N THR D 444 -47.53 5.40 -4.74
CA THR D 444 -47.05 4.40 -5.67
C THR D 444 -47.57 3.06 -5.21
N ILE D 445 -48.44 2.46 -6.00
CA ILE D 445 -49.03 1.18 -5.59
C ILE D 445 -48.38 -0.02 -6.26
N GLU D 446 -47.60 0.24 -7.31
CA GLU D 446 -46.77 -0.79 -7.93
C GLU D 446 -45.62 -1.19 -7.00
N THR D 447 -45.01 -2.34 -7.22
CA THR D 447 -44.02 -2.85 -6.27
C THR D 447 -42.55 -2.67 -6.68
N THR D 448 -42.27 -2.93 -7.94
CA THR D 448 -40.92 -2.84 -8.46
C THR D 448 -40.93 -2.08 -9.79
N LEU D 449 -42.03 -2.22 -10.53
CA LEU D 449 -42.17 -1.62 -11.86
C LEU D 449 -43.33 -0.62 -11.98
N THR D 450 -43.05 0.55 -12.54
CA THR D 450 -44.09 1.54 -12.73
C THR D 450 -43.94 2.26 -14.06
N HIS D 451 -45.04 2.83 -14.57
CA HIS D 451 -44.95 3.73 -15.70
C HIS D 451 -44.36 5.06 -15.23
N SER D 452 -43.92 5.88 -16.16
CA SER D 452 -43.16 7.08 -15.83
C SER D 452 -43.03 7.95 -17.07
N SER D 453 -42.89 9.25 -16.87
CA SER D 453 -42.79 10.17 -17.99
C SER D 453 -41.50 11.01 -17.94
N GLY D 454 -40.91 11.24 -19.11
CA GLY D 454 -39.69 12.01 -19.21
C GLY D 454 -39.18 12.11 -20.64
N PRO D 455 -38.15 12.94 -20.85
CA PRO D 455 -37.50 13.08 -22.16
C PRO D 455 -36.69 11.82 -22.54
N ALA D 456 -37.12 11.09 -23.58
CA ALA D 456 -36.41 9.89 -24.00
C ALA D 456 -35.02 10.22 -24.58
N GLN E 1 5.52 -10.75 -7.79
CA GLN E 1 5.51 -9.38 -7.29
C GLN E 1 4.89 -9.30 -5.90
N GLN E 2 4.04 -8.29 -5.67
CA GLN E 2 3.39 -8.08 -4.38
C GLN E 2 1.95 -7.50 -4.49
N PHE E 3 1.11 -7.82 -3.49
CA PHE E 3 -0.30 -7.42 -3.40
C PHE E 3 -0.67 -6.17 -4.24
N PRO E 4 -1.82 -6.20 -4.92
CA PRO E 4 -2.76 -7.33 -5.04
C PRO E 4 -2.37 -8.26 -6.19
N ASN E 5 -1.17 -8.07 -6.72
CA ASN E 5 -0.58 -8.98 -7.69
C ASN E 5 0.24 -10.06 -6.98
N GLU E 6 -0.16 -10.40 -5.76
CA GLU E 6 0.62 -11.28 -4.91
C GLU E 6 0.95 -12.65 -5.49
N CYS E 7 0.27 -13.02 -6.58
CA CYS E 7 0.49 -14.32 -7.20
C CYS E 7 1.03 -14.25 -8.63
N GLN E 8 1.56 -13.10 -9.03
CA GLN E 8 2.30 -13.03 -10.29
C GLN E 8 3.68 -13.63 -10.08
N LEU E 9 3.73 -14.95 -10.04
CA LEU E 9 4.98 -15.67 -9.84
C LEU E 9 5.55 -16.08 -11.19
N ASP E 10 6.84 -15.82 -11.39
CA ASP E 10 7.50 -16.19 -12.65
C ASP E 10 8.62 -17.18 -12.36
N GLN E 11 8.87 -17.42 -11.08
CA GLN E 11 9.85 -18.41 -10.66
C GLN E 11 9.55 -18.92 -9.26
N LEU E 12 9.57 -20.24 -9.10
CA LEU E 12 9.43 -20.86 -7.79
C LEU E 12 10.77 -21.50 -7.49
N ASN E 13 11.00 -21.87 -6.24
CA ASN E 13 12.24 -22.57 -5.88
C ASN E 13 11.97 -23.55 -4.78
N ALA E 14 12.90 -24.47 -4.58
CA ALA E 14 12.84 -25.31 -3.41
C ALA E 14 13.22 -24.45 -2.22
N LEU E 15 12.34 -24.37 -1.23
CA LEU E 15 12.57 -23.52 -0.06
C LEU E 15 12.94 -24.32 1.17
N GLU E 16 14.00 -23.91 1.85
CA GLU E 16 14.33 -24.48 3.14
C GLU E 16 13.93 -23.49 4.23
N PRO E 17 14.06 -23.92 5.50
CA PRO E 17 13.61 -22.98 6.54
C PRO E 17 14.46 -21.73 6.50
N SER E 18 13.91 -20.60 6.92
CA SER E 18 14.66 -19.35 6.93
C SER E 18 15.09 -18.89 8.33
N HIS E 19 14.55 -19.53 9.36
CA HIS E 19 14.89 -19.20 10.74
C HIS E 19 14.97 -20.46 11.58
N VAL E 20 15.93 -20.49 12.50
CA VAL E 20 15.98 -21.61 13.42
C VAL E 20 16.05 -21.20 14.89
N LEU E 21 14.98 -21.51 15.61
CA LEU E 21 14.92 -21.33 17.05
C LEU E 21 15.54 -22.55 17.72
N LYS E 22 16.77 -22.41 18.21
CA LYS E 22 17.45 -23.53 18.85
C LYS E 22 17.01 -23.65 20.30
N ALA E 23 16.59 -24.86 20.67
CA ALA E 23 16.08 -25.11 22.00
C ALA E 23 16.84 -26.26 22.66
N GLU E 24 16.62 -26.44 23.95
CA GLU E 24 17.39 -27.42 24.74
C GLU E 24 17.33 -28.81 24.13
N ALA E 25 16.14 -29.25 23.74
CA ALA E 25 15.98 -30.63 23.28
C ALA E 25 15.51 -30.75 21.84
N GLY E 26 15.76 -29.73 21.03
CA GLY E 26 15.35 -29.77 19.63
C GLY E 26 15.38 -28.44 18.90
N ARG E 27 14.93 -28.45 17.65
CA ARG E 27 14.86 -27.24 16.86
C ARG E 27 13.43 -26.97 16.40
N ILE E 28 13.11 -25.70 16.21
CA ILE E 28 11.87 -25.31 15.56
C ILE E 28 12.30 -24.51 14.35
N GLU E 29 12.30 -25.14 13.20
CA GLU E 29 12.77 -24.48 11.99
C GLU E 29 11.56 -23.94 11.19
N VAL E 30 11.52 -22.62 10.97
CA VAL E 30 10.38 -21.98 10.35
C VAL E 30 10.73 -21.29 9.01
N TRP E 31 9.79 -21.30 8.08
CA TRP E 31 10.00 -20.83 6.71
C TRP E 31 9.64 -19.35 6.57
N ASP E 32 10.24 -18.70 5.57
CA ASP E 32 9.93 -17.32 5.30
C ASP E 32 8.60 -17.20 4.56
N HIS E 33 7.58 -16.77 5.27
CA HIS E 33 6.26 -16.64 4.67
C HIS E 33 6.11 -15.27 4.04
N HIS E 34 7.21 -14.54 3.90
CA HIS E 34 7.19 -13.25 3.21
C HIS E 34 7.62 -13.50 1.78
N ALA E 35 8.20 -14.67 1.54
CA ALA E 35 8.58 -15.08 0.20
C ALA E 35 7.35 -15.02 -0.69
N PRO E 36 7.48 -14.39 -1.87
CA PRO E 36 6.34 -14.26 -2.78
C PRO E 36 5.51 -15.53 -2.90
N GLN E 37 6.16 -16.66 -3.15
CA GLN E 37 5.42 -17.89 -3.47
C GLN E 37 4.62 -18.44 -2.29
N LEU E 38 5.11 -18.27 -1.08
CA LEU E 38 4.39 -18.73 0.10
C LEU E 38 3.32 -17.72 0.46
N ARG E 39 3.55 -16.49 0.07
CA ARG E 39 2.63 -15.39 0.35
C ARG E 39 1.43 -15.57 -0.56
N CYS E 40 1.73 -16.09 -1.75
CA CYS E 40 0.72 -16.42 -2.75
C CYS E 40 -0.27 -17.46 -2.24
N SER E 41 0.24 -18.41 -1.47
CA SER E 41 -0.53 -19.52 -0.91
C SER E 41 -1.31 -19.09 0.32
N GLY E 42 -0.70 -18.21 1.10
CA GLY E 42 -1.31 -17.72 2.32
C GLY E 42 -1.10 -18.66 3.49
N VAL E 43 -0.07 -19.49 3.40
CA VAL E 43 0.28 -20.39 4.48
C VAL E 43 1.68 -20.08 4.94
N SER E 44 2.04 -20.58 6.11
CA SER E 44 3.44 -20.64 6.46
C SER E 44 3.71 -22.10 6.71
N PHE E 45 4.93 -22.40 7.13
CA PHE E 45 5.37 -23.78 7.28
C PHE E 45 6.43 -23.88 8.35
N VAL E 46 6.26 -24.81 9.26
CA VAL E 46 7.24 -24.99 10.30
C VAL E 46 7.56 -26.49 10.51
N ARG E 47 8.84 -26.77 10.76
CA ARG E 47 9.27 -28.14 11.09
C ARG E 47 9.83 -28.21 12.49
N TYR E 48 9.31 -29.10 13.33
CA TYR E 48 9.96 -29.38 14.63
C TYR E 48 10.94 -30.53 14.52
N ILE E 49 12.09 -30.41 15.18
CA ILE E 49 12.98 -31.56 15.43
C ILE E 49 13.04 -31.83 16.91
N ILE E 50 12.45 -32.93 17.34
CA ILE E 50 12.37 -33.20 18.76
C ILE E 50 13.26 -34.36 19.16
N GLU E 51 14.42 -34.01 19.74
CA GLU E 51 15.43 -34.97 20.15
C GLU E 51 14.88 -35.90 21.22
N SER E 52 15.60 -36.99 21.47
CA SER E 52 15.10 -38.05 22.34
C SER E 52 14.81 -37.57 23.75
N LYS E 53 13.59 -37.81 24.23
CA LYS E 53 13.19 -37.38 25.56
C LYS E 53 12.96 -35.87 25.60
N GLY E 54 12.49 -35.33 24.49
CA GLY E 54 12.26 -33.90 24.37
C GLY E 54 10.77 -33.57 24.28
N LEU E 55 10.38 -32.46 24.89
CA LEU E 55 8.98 -32.06 24.96
C LEU E 55 8.76 -30.69 24.28
N TYR E 56 7.90 -30.66 23.26
CA TYR E 56 7.44 -29.40 22.68
C TYR E 56 6.33 -28.88 23.56
N LEU E 57 6.63 -27.81 24.30
CA LEU E 57 5.70 -27.30 25.29
C LEU E 57 4.50 -26.64 24.64
N PRO E 58 3.30 -26.90 25.17
CA PRO E 58 1.98 -26.48 24.69
C PRO E 58 1.94 -25.10 24.06
N SER E 59 1.44 -25.04 22.82
CA SER E 59 1.21 -23.78 22.12
C SER E 59 -0.16 -23.83 21.48
N PHE E 60 -0.79 -22.68 21.34
CA PHE E 60 -1.95 -22.60 20.48
C PHE E 60 -1.73 -21.51 19.45
N PHE E 61 -2.61 -21.42 18.47
CA PHE E 61 -2.45 -20.44 17.40
C PHE E 61 -3.78 -19.78 17.04
N SER E 62 -3.69 -18.75 16.22
CA SER E 62 -4.86 -18.03 15.71
C SER E 62 -5.32 -18.74 14.46
N THR E 63 -4.39 -19.48 13.87
CA THR E 63 -4.57 -20.04 12.56
C THR E 63 -4.78 -21.53 12.71
N ALA E 64 -5.41 -22.15 11.73
CA ALA E 64 -5.52 -23.59 11.75
C ALA E 64 -4.13 -24.19 11.51
N LYS E 65 -3.93 -25.42 12.00
CA LYS E 65 -2.70 -26.21 11.76
C LYS E 65 -3.10 -27.53 11.13
N LEU E 66 -2.20 -28.08 10.33
CA LEU E 66 -2.37 -29.44 9.85
C LEU E 66 -1.00 -30.07 9.89
N SER E 67 -0.74 -30.89 10.89
CA SER E 67 0.61 -31.41 11.08
C SER E 67 0.80 -32.80 10.48
N PHE E 68 2.06 -33.21 10.35
CA PHE E 68 2.41 -34.52 9.80
C PHE E 68 3.70 -35.06 10.41
N VAL E 69 3.61 -36.19 11.10
CA VAL E 69 4.83 -36.82 11.61
C VAL E 69 5.60 -37.45 10.45
N ALA E 70 6.60 -36.74 9.95
CA ALA E 70 7.36 -37.26 8.81
C ALA E 70 8.34 -38.35 9.23
N LYS E 71 9.02 -38.15 10.36
CA LYS E 71 9.93 -39.15 10.88
C LYS E 71 9.67 -39.43 12.35
N GLY E 72 10.00 -40.65 12.78
CA GLY E 72 9.98 -40.98 14.19
C GLY E 72 8.67 -41.52 14.74
N GLU E 73 8.42 -41.18 16.01
CA GLU E 73 7.36 -41.80 16.80
C GLU E 73 7.39 -41.07 18.13
N GLY E 74 6.24 -40.93 18.79
CA GLY E 74 6.23 -40.25 20.06
C GLY E 74 4.84 -40.11 20.63
N LEU E 75 4.70 -39.31 21.69
CA LEU E 75 3.40 -39.03 22.29
C LEU E 75 2.99 -37.61 21.97
N MET E 76 1.68 -37.35 21.99
CA MET E 76 1.18 -36.00 21.75
C MET E 76 -0.21 -35.82 22.32
N GLY E 77 -0.53 -34.61 22.75
CA GLY E 77 -1.80 -34.34 23.39
C GLY E 77 -2.42 -33.02 23.00
N ARG E 78 -3.72 -33.08 22.72
CA ARG E 78 -4.50 -31.87 22.51
C ARG E 78 -5.14 -31.48 23.84
N VAL E 79 -5.59 -30.23 23.92
CA VAL E 79 -6.38 -29.75 25.05
C VAL E 79 -7.44 -28.79 24.51
N VAL E 80 -8.60 -29.32 24.18
CA VAL E 80 -9.68 -28.47 23.72
C VAL E 80 -10.39 -27.86 24.94
N PRO E 81 -10.85 -26.61 24.81
CA PRO E 81 -11.50 -25.83 25.86
C PRO E 81 -12.65 -26.52 26.62
N GLY E 82 -12.35 -27.03 27.81
CA GLY E 82 -13.39 -27.47 28.73
C GLY E 82 -14.01 -28.85 28.56
N CYS E 83 -13.51 -29.63 27.59
CA CYS E 83 -14.01 -30.99 27.40
C CYS E 83 -13.53 -31.91 28.53
N ALA E 84 -14.42 -32.76 29.03
CA ALA E 84 -14.13 -33.63 30.16
C ALA E 84 -12.71 -34.21 30.16
N GLU E 85 -11.93 -33.83 31.19
CA GLU E 85 -10.55 -34.28 31.36
C GLU E 85 -10.46 -35.59 32.15
N THR E 86 -10.60 -36.72 31.45
CA THR E 86 -10.65 -38.04 32.09
C THR E 86 -11.64 -38.07 33.25
N GLY E 138 2.16 -42.67 42.48
CA GLY E 138 0.91 -43.01 41.80
C GLY E 138 0.28 -41.81 41.13
N PHE E 139 -0.34 -42.04 39.97
CA PHE E 139 -0.95 -40.95 39.20
C PHE E 139 -2.46 -41.04 39.07
N ARG E 140 -3.16 -40.45 40.06
CA ARG E 140 -4.59 -40.25 39.97
C ARG E 140 -4.87 -38.96 39.20
N ASP E 141 -3.86 -38.55 38.43
CA ASP E 141 -3.90 -37.31 37.66
C ASP E 141 -4.93 -37.38 36.53
N MET E 142 -5.73 -36.33 36.41
CA MET E 142 -6.73 -36.26 35.34
C MET E 142 -6.30 -35.28 34.26
N HIS E 143 -6.20 -35.78 33.03
CA HIS E 143 -5.78 -34.96 31.90
C HIS E 143 -6.44 -35.42 30.61
N GLN E 144 -6.41 -34.56 29.60
CA GLN E 144 -7.03 -34.88 28.33
C GLN E 144 -6.30 -35.99 27.55
N LYS E 145 -7.03 -36.71 26.71
CA LYS E 145 -6.52 -37.89 26.01
C LYS E 145 -5.13 -37.65 25.44
N VAL E 146 -4.17 -38.43 25.91
CA VAL E 146 -2.83 -38.41 25.35
C VAL E 146 -2.76 -39.45 24.25
N GLU E 147 -2.55 -38.99 23.03
CA GLU E 147 -2.60 -39.87 21.87
C GLU E 147 -1.21 -40.41 21.60
N HIS E 148 -1.10 -41.25 20.58
CA HIS E 148 0.13 -41.96 20.28
C HIS E 148 0.39 -41.80 18.77
N ILE E 149 1.55 -41.25 18.42
CA ILE E 149 1.77 -40.84 17.03
C ILE E 149 2.99 -41.49 16.39
N ARG E 150 2.87 -41.75 15.10
CA ARG E 150 3.83 -42.53 14.36
C ARG E 150 3.93 -41.95 12.95
N THR E 151 5.09 -42.10 12.33
CA THR E 151 5.27 -41.62 10.97
C THR E 151 4.10 -42.01 10.08
N GLY E 152 3.50 -41.01 9.45
CA GLY E 152 2.30 -41.19 8.65
C GLY E 152 1.11 -40.41 9.19
N ASP E 153 1.05 -40.28 10.52
CA ASP E 153 -0.06 -39.60 11.16
C ASP E 153 -0.13 -38.13 10.72
N THR E 154 -1.36 -37.64 10.58
CA THR E 154 -1.62 -36.28 10.12
C THR E 154 -2.56 -35.68 11.14
N ILE E 155 -2.12 -34.65 11.86
CA ILE E 155 -2.90 -34.12 12.97
C ILE E 155 -3.56 -32.76 12.71
N ALA E 156 -4.87 -32.69 12.89
CA ALA E 156 -5.62 -31.44 12.75
C ALA E 156 -5.69 -30.71 14.08
N THR E 157 -5.39 -29.42 14.04
CA THR E 157 -5.54 -28.57 15.22
C THR E 157 -6.25 -27.30 14.84
N HIS E 158 -7.26 -26.96 15.63
CA HIS E 158 -8.06 -25.78 15.36
C HIS E 158 -7.39 -24.51 15.80
N PRO E 159 -7.98 -23.37 15.44
CA PRO E 159 -7.52 -22.14 16.07
C PRO E 159 -7.91 -22.20 17.52
N GLY E 160 -6.95 -22.07 18.42
CA GLY E 160 -7.24 -21.98 19.83
C GLY E 160 -7.00 -23.27 20.59
N VAL E 161 -6.84 -24.38 19.90
CA VAL E 161 -6.51 -25.63 20.58
C VAL E 161 -5.00 -25.68 20.90
N ALA E 162 -4.66 -26.02 22.14
CA ALA E 162 -3.27 -26.12 22.57
C ALA E 162 -2.73 -27.51 22.27
N GLN E 163 -1.45 -27.58 21.92
CA GLN E 163 -0.84 -28.86 21.57
C GLN E 163 0.56 -29.01 22.12
N TRP E 164 0.92 -30.24 22.49
CA TRP E 164 2.28 -30.52 22.94
C TRP E 164 2.74 -31.87 22.41
N PHE E 165 4.05 -32.04 22.22
CA PHE E 165 4.60 -33.31 21.71
C PHE E 165 5.74 -33.88 22.57
N TYR E 166 5.81 -35.20 22.68
CA TYR E 166 6.92 -35.83 23.41
C TYR E 166 7.51 -37.01 22.65
N ASN E 167 8.81 -36.94 22.39
CA ASN E 167 9.53 -38.04 21.75
C ASN E 167 10.00 -39.09 22.74
N ASP E 168 9.18 -40.13 22.92
CA ASP E 168 9.52 -41.23 23.83
C ASP E 168 10.53 -42.22 23.24
N GLY E 169 10.59 -42.27 21.90
CA GLY E 169 11.55 -43.11 21.20
C GLY E 169 12.98 -42.60 21.33
N ASN E 170 13.91 -43.26 20.65
CA ASN E 170 15.31 -42.87 20.75
C ASN E 170 15.87 -42.20 19.51
N GLN E 171 15.06 -42.17 18.47
CA GLN E 171 15.37 -41.33 17.32
C GLN E 171 14.56 -40.03 17.33
N PRO E 172 15.01 -39.03 16.56
CA PRO E 172 14.37 -37.71 16.53
C PRO E 172 12.95 -37.80 16.04
N LEU E 173 12.09 -36.94 16.57
CA LEU E 173 10.70 -36.86 16.13
C LEU E 173 10.49 -35.61 15.28
N VAL E 174 10.46 -35.78 13.97
CA VAL E 174 10.30 -34.69 13.02
C VAL E 174 8.82 -34.44 12.67
N ILE E 175 8.31 -33.28 13.05
CA ILE E 175 6.90 -32.97 12.80
C ILE E 175 6.73 -31.73 11.94
N VAL E 176 6.21 -31.98 10.75
CA VAL E 176 6.06 -30.98 9.72
C VAL E 176 4.61 -30.45 9.76
N SER E 177 4.44 -29.13 9.80
CA SER E 177 3.09 -28.56 9.93
C SER E 177 2.90 -27.27 9.16
N VAL E 178 1.66 -27.03 8.71
CA VAL E 178 1.33 -25.85 7.91
C VAL E 178 0.28 -25.01 8.64
N LEU E 179 0.26 -23.70 8.36
CA LEU E 179 -0.61 -22.74 9.04
C LEU E 179 -1.35 -21.92 8.00
N ASP E 180 -2.70 -21.98 8.00
CA ASP E 180 -3.53 -21.30 7.00
C ASP E 180 -3.73 -19.85 7.45
N LEU E 181 -2.86 -18.97 6.97
CA LEU E 181 -2.87 -17.56 7.39
C LEU E 181 -4.03 -16.83 6.77
N ALA E 182 -4.27 -17.18 5.51
CA ALA E 182 -5.24 -16.50 4.68
C ALA E 182 -6.68 -16.95 4.96
N SER E 183 -6.85 -17.95 5.82
CA SER E 183 -8.18 -18.45 6.14
C SER E 183 -8.89 -17.49 7.06
N HIS E 184 -10.20 -17.33 6.86
CA HIS E 184 -10.98 -16.44 7.71
C HIS E 184 -10.89 -16.80 9.21
N GLN E 185 -10.42 -18.01 9.53
CA GLN E 185 -10.35 -18.45 10.93
C GLN E 185 -9.25 -17.71 11.71
N ASN E 186 -8.32 -17.13 10.95
CA ASN E 186 -7.29 -16.28 11.49
C ASN E 186 -7.75 -14.84 11.54
N GLN E 187 -8.13 -14.37 12.73
CA GLN E 187 -8.70 -13.04 12.82
C GLN E 187 -7.60 -12.00 13.07
N LEU E 188 -6.36 -12.46 13.03
CA LEU E 188 -5.22 -11.59 13.25
C LEU E 188 -4.59 -11.12 11.96
N ASP E 189 -3.51 -11.78 11.59
CA ASP E 189 -2.49 -11.21 10.74
C ASP E 189 -2.06 -12.19 9.66
N ARG E 190 -1.35 -11.67 8.65
CA ARG E 190 -0.66 -12.51 7.69
C ARG E 190 0.70 -12.96 8.28
N ASN E 191 0.68 -13.41 9.54
CA ASN E 191 1.89 -13.79 10.27
C ASN E 191 1.61 -15.01 11.13
N PRO E 192 2.46 -16.05 11.04
CA PRO E 192 2.28 -17.18 11.95
C PRO E 192 2.40 -16.67 13.36
N ARG E 193 1.36 -16.77 14.18
CA ARG E 193 1.45 -16.30 15.56
C ARG E 193 1.21 -17.37 16.61
N PRO E 194 2.30 -17.97 17.13
CA PRO E 194 2.24 -18.98 18.20
C PRO E 194 2.11 -18.26 19.51
N PHE E 195 1.26 -18.75 20.40
CA PHE E 195 1.17 -18.24 21.76
C PHE E 195 1.67 -19.35 22.66
N TYR E 196 2.89 -19.23 23.17
CA TYR E 196 3.48 -20.25 24.05
C TYR E 196 3.00 -20.20 25.51
N LEU E 197 2.60 -21.35 26.04
CA LEU E 197 2.00 -21.41 27.35
C LEU E 197 3.01 -21.63 28.44
N ALA E 198 4.22 -22.02 28.06
CA ALA E 198 5.27 -22.27 29.06
C ALA E 198 6.66 -21.92 28.55
N GLY E 199 6.94 -22.26 27.30
CA GLY E 199 8.26 -22.06 26.75
C GLY E 199 8.63 -20.62 26.62
N ASN E 200 9.81 -20.28 27.12
CA ASN E 200 10.37 -18.96 26.96
C ASN E 200 11.31 -19.04 25.76
N ASN E 201 11.24 -18.06 24.87
CA ASN E 201 12.08 -18.02 23.68
C ASN E 201 12.85 -16.71 23.53
N PRO E 202 14.15 -16.74 23.80
CA PRO E 202 15.04 -15.58 23.79
C PRO E 202 15.21 -14.91 22.41
N GLN E 203 15.21 -15.72 21.34
CA GLN E 203 15.37 -15.15 19.99
C GLN E 203 14.15 -14.35 19.57
N GLY E 204 13.00 -14.68 20.16
CA GLY E 204 11.77 -13.99 19.89
C GLY E 204 11.29 -14.17 18.46
N GLN E 205 10.25 -13.41 18.11
CA GLN E 205 9.54 -13.59 16.85
C GLN E 205 10.33 -13.16 15.61
N VAL E 206 11.43 -13.84 15.36
CA VAL E 206 12.31 -13.53 14.23
C VAL E 206 11.59 -13.63 12.87
N TRP E 207 10.51 -14.41 12.81
CA TRP E 207 9.77 -14.63 11.56
C TRP E 207 8.74 -13.55 11.26
N ILE E 208 8.57 -12.61 12.19
CA ILE E 208 7.75 -11.41 11.97
C ILE E 208 8.64 -10.19 11.69
N GLU E 209 8.10 -9.22 10.96
CA GLU E 209 8.89 -8.10 10.45
C GLU E 209 9.20 -6.97 11.44
N GLY E 210 8.34 -6.78 12.44
CA GLY E 210 8.51 -5.65 13.33
C GLY E 210 8.76 -6.03 14.77
N ARG E 211 9.68 -6.95 15.00
CA ARG E 211 9.90 -7.44 16.35
C ARG E 211 11.24 -6.98 16.91
N GLU E 212 12.04 -6.39 16.02
CA GLU E 212 13.32 -5.78 16.40
C GLU E 212 14.05 -6.51 17.55
N GLN E 213 14.24 -7.82 17.41
CA GLN E 213 15.19 -8.53 18.26
C GLN E 213 14.84 -8.57 19.75
N GLN E 214 13.58 -8.59 20.10
CA GLN E 214 13.26 -8.78 21.51
C GLN E 214 12.81 -10.21 21.80
N PRO E 215 12.88 -10.62 23.07
CA PRO E 215 12.62 -12.02 23.37
C PRO E 215 11.11 -12.23 23.44
N GLN E 216 10.68 -13.47 23.24
CA GLN E 216 9.27 -13.82 23.32
C GLN E 216 9.03 -14.73 24.50
N LYS E 217 8.25 -14.25 25.46
CA LYS E 217 7.96 -15.01 26.68
C LYS E 217 6.64 -15.71 26.57
N ASN E 218 6.42 -16.68 27.47
CA ASN E 218 5.13 -17.36 27.53
C ASN E 218 4.04 -16.39 27.97
N ILE E 219 2.78 -16.79 27.77
CA ILE E 219 1.65 -15.94 28.10
C ILE E 219 1.63 -15.57 29.57
N LEU E 220 1.92 -16.53 30.42
CA LEU E 220 1.94 -16.36 31.88
C LEU E 220 2.87 -15.23 32.32
N ASN E 221 4.00 -15.12 31.65
CA ASN E 221 4.94 -14.04 31.89
C ASN E 221 4.26 -12.69 31.79
N GLY E 222 3.12 -12.66 31.11
CA GLY E 222 2.47 -11.41 30.77
C GLY E 222 1.77 -10.72 31.92
N PHE E 223 1.34 -11.49 32.90
CA PHE E 223 0.61 -10.96 34.05
C PHE E 223 1.51 -10.67 35.24
N THR E 224 1.13 -9.69 36.05
CA THR E 224 1.78 -9.48 37.33
C THR E 224 1.74 -10.81 38.08
N PRO E 225 2.85 -11.16 38.74
CA PRO E 225 2.87 -12.48 39.38
C PRO E 225 1.83 -12.54 40.52
N GLU E 226 1.27 -11.40 40.88
CA GLU E 226 0.34 -11.36 42.00
C GLU E 226 -1.07 -11.67 41.55
N VAL E 227 -1.44 -11.18 40.36
CA VAL E 227 -2.73 -11.53 39.79
C VAL E 227 -2.64 -12.99 39.37
N LEU E 228 -1.43 -13.41 39.01
CA LEU E 228 -1.22 -14.80 38.66
C LEU E 228 -1.38 -15.60 39.94
N ALA E 229 -0.83 -15.06 41.02
CA ALA E 229 -0.95 -15.69 42.33
C ALA E 229 -2.41 -15.86 42.73
N LYS E 230 -3.18 -14.78 42.59
CA LYS E 230 -4.57 -14.74 43.04
C LYS E 230 -5.52 -15.45 42.08
N ALA E 231 -5.10 -15.61 40.84
CA ALA E 231 -5.83 -16.42 39.89
C ALA E 231 -5.70 -17.90 40.24
N PHE E 232 -4.51 -18.45 40.06
CA PHE E 232 -4.28 -19.87 40.29
C PHE E 232 -4.45 -20.28 41.75
N LYS E 233 -4.47 -19.28 42.63
CA LYS E 233 -4.52 -19.47 44.07
C LYS E 233 -3.28 -20.19 44.60
N ILE E 234 -2.12 -19.64 44.28
CA ILE E 234 -0.86 -20.18 44.74
C ILE E 234 0.02 -19.05 45.25
N ASP E 235 1.17 -19.41 45.80
CA ASP E 235 2.09 -18.44 46.38
C ASP E 235 2.72 -17.58 45.28
N VAL E 236 2.82 -16.28 45.53
CA VAL E 236 3.42 -15.36 44.55
C VAL E 236 4.71 -15.91 43.95
N ARG E 237 5.56 -16.47 44.81
CA ARG E 237 6.83 -17.05 44.38
C ARG E 237 6.62 -18.15 43.35
N THR E 238 5.69 -19.06 43.63
CA THR E 238 5.36 -20.12 42.69
C THR E 238 4.86 -19.50 41.40
N ALA E 239 4.12 -18.41 41.52
CA ALA E 239 3.56 -17.74 40.35
C ALA E 239 4.65 -17.22 39.39
N GLN E 240 5.72 -16.68 39.94
CA GLN E 240 6.77 -16.18 39.08
C GLN E 240 7.45 -17.32 38.34
N GLN E 241 7.50 -18.47 39.00
CA GLN E 241 8.17 -19.63 38.41
C GLN E 241 7.45 -20.10 37.16
N LEU E 242 6.17 -19.75 37.09
CA LEU E 242 5.37 -20.00 35.90
C LEU E 242 5.82 -19.08 34.76
N GLN E 243 6.23 -17.87 35.10
CA GLN E 243 6.59 -16.89 34.08
C GLN E 243 7.90 -17.24 33.39
N ASN E 244 8.64 -18.18 33.97
CA ASN E 244 9.85 -18.67 33.35
C ASN E 244 10.70 -17.56 32.74
N GLN E 245 11.01 -16.54 33.53
CA GLN E 245 11.83 -15.43 33.05
C GLN E 245 13.31 -15.83 32.90
N GLN E 246 13.82 -15.68 31.68
CA GLN E 246 15.19 -16.06 31.36
C GLN E 246 15.48 -17.56 31.52
N ASP E 247 14.43 -18.37 31.35
CA ASP E 247 14.59 -19.79 31.06
C ASP E 247 15.09 -19.83 29.62
N ASN E 248 16.19 -20.54 29.39
CA ASN E 248 16.77 -20.53 28.06
C ASN E 248 16.58 -21.82 27.27
N ARG E 249 15.94 -22.80 27.87
CA ARG E 249 15.66 -24.08 27.22
C ARG E 249 14.84 -23.97 25.94
N GLY E 250 14.19 -22.83 25.73
CA GLY E 250 13.29 -22.68 24.60
C GLY E 250 12.00 -23.44 24.82
N ASN E 251 11.35 -23.79 23.72
CA ASN E 251 10.06 -24.49 23.78
C ASN E 251 10.15 -26.00 23.78
N ILE E 252 11.28 -26.53 23.34
CA ILE E 252 11.48 -27.97 23.35
C ILE E 252 12.48 -28.35 24.43
N ILE E 253 11.97 -28.90 25.53
CA ILE E 253 12.81 -29.18 26.68
C ILE E 253 13.09 -30.65 26.91
N ARG E 254 14.26 -30.92 27.50
CA ARG E 254 14.61 -32.25 27.97
C ARG E 254 13.79 -32.55 29.21
N VAL E 255 12.96 -33.59 29.16
CA VAL E 255 12.23 -33.98 30.35
C VAL E 255 13.16 -34.79 31.21
N GLN E 256 13.52 -34.24 32.36
CA GLN E 256 14.40 -34.96 33.27
C GLN E 256 13.57 -35.65 34.35
N GLY E 257 13.30 -36.93 34.13
CA GLY E 257 12.46 -37.71 35.01
C GLY E 257 11.76 -38.80 34.21
N PRO E 258 10.71 -39.38 34.79
CA PRO E 258 9.88 -40.37 34.10
C PRO E 258 8.74 -39.66 33.36
N PHE E 259 8.28 -40.20 32.24
CA PHE E 259 7.16 -39.57 31.55
C PHE E 259 5.88 -40.41 31.67
N SER E 260 5.44 -40.58 32.92
CA SER E 260 4.23 -41.34 33.26
C SER E 260 2.97 -40.58 32.88
N VAL E 261 2.62 -40.61 31.59
CA VAL E 261 1.55 -39.77 31.08
C VAL E 261 0.22 -40.50 30.85
N ILE E 262 0.23 -41.53 30.00
CA ILE E 262 -0.99 -42.28 29.67
C ILE E 262 -1.53 -43.08 30.87
N ARG E 263 -2.15 -42.38 31.83
CA ARG E 263 -2.60 -43.01 33.08
C ARG E 263 -4.08 -43.47 33.06
N PRO E 264 -5.04 -42.58 33.37
CA PRO E 264 -4.99 -41.19 33.84
C PRO E 264 -4.95 -41.13 35.36
N GLU E 280 -17.52 -28.16 15.22
CA GLU E 280 -18.17 -27.11 16.01
C GLU E 280 -18.51 -27.62 17.40
N THR E 281 -19.58 -28.39 17.49
CA THR E 281 -19.97 -29.01 18.75
C THR E 281 -19.50 -30.47 18.71
N ILE E 282 -18.19 -30.66 18.64
CA ILE E 282 -17.61 -32.00 18.57
C ILE E 282 -16.26 -32.11 19.30
N CYS E 283 -16.32 -32.42 20.58
CA CYS E 283 -15.12 -32.69 21.36
C CYS E 283 -14.83 -34.18 21.34
N SER E 284 -15.47 -34.88 20.39
CA SER E 284 -15.29 -36.31 20.25
C SER E 284 -15.30 -36.71 18.77
N ALA E 285 -14.98 -35.76 17.90
CA ALA E 285 -14.65 -36.10 16.53
C ALA E 285 -13.19 -36.51 16.54
N ARG E 286 -12.78 -37.31 15.56
CA ARG E 286 -11.39 -37.73 15.48
C ARG E 286 -10.56 -36.61 14.86
N CYS E 287 -9.40 -36.32 15.43
CA CYS E 287 -8.53 -35.27 14.89
C CYS E 287 -7.18 -35.83 14.39
N THR E 288 -7.16 -37.12 14.02
CA THR E 288 -5.92 -37.81 13.57
C THR E 288 -6.20 -38.90 12.52
N ASP E 289 -5.19 -39.26 11.74
CA ASP E 289 -5.30 -40.34 10.75
C ASP E 289 -3.95 -40.60 10.06
N ASN E 290 -3.61 -41.88 9.88
CA ASN E 290 -2.30 -42.24 9.31
C ASN E 290 -2.35 -42.51 7.80
N LEU E 291 -1.65 -41.67 7.03
CA LEU E 291 -1.75 -41.68 5.58
C LEU E 291 -0.83 -42.70 4.91
N ASP E 292 0.09 -43.26 5.69
CA ASP E 292 1.09 -44.20 5.16
C ASP E 292 0.58 -45.63 4.82
N ASP E 293 -0.62 -46.00 5.24
CA ASP E 293 -1.16 -47.33 4.90
C ASP E 293 -1.62 -47.42 3.44
N PRO E 294 -0.93 -48.26 2.63
CA PRO E 294 -1.17 -48.38 1.18
C PRO E 294 -2.43 -49.17 0.80
N SER E 295 -3.28 -49.46 1.79
CA SER E 295 -4.55 -50.15 1.53
C SER E 295 -5.71 -49.17 1.72
N ASN E 296 -5.39 -48.00 2.27
CA ASN E 296 -6.33 -46.88 2.34
C ASN E 296 -5.95 -45.81 1.32
N ALA E 297 -4.84 -46.03 0.62
CA ALA E 297 -4.42 -45.10 -0.42
C ALA E 297 -5.53 -44.95 -1.44
N ASP E 298 -5.44 -43.94 -2.28
CA ASP E 298 -6.45 -43.72 -3.31
C ASP E 298 -6.08 -44.51 -4.57
N VAL E 299 -4.78 -44.62 -4.83
CA VAL E 299 -4.27 -45.47 -5.90
C VAL E 299 -3.10 -46.25 -5.32
N TYR E 300 -3.03 -47.54 -5.64
CA TYR E 300 -1.95 -48.38 -5.17
C TYR E 300 -1.50 -49.35 -6.23
N LYS E 301 -0.70 -48.84 -7.16
CA LYS E 301 0.03 -49.69 -8.09
C LYS E 301 1.36 -50.08 -7.42
N PRO E 302 1.46 -51.32 -6.89
CA PRO E 302 2.72 -51.70 -6.24
C PRO E 302 3.93 -51.53 -7.18
N GLN E 303 3.74 -51.70 -8.48
CA GLN E 303 4.82 -51.45 -9.43
C GLN E 303 5.40 -50.07 -9.23
N LEU E 304 4.50 -49.08 -9.13
CA LEU E 304 4.86 -47.66 -9.09
C LEU E 304 4.91 -47.00 -7.70
N GLY E 305 3.86 -47.20 -6.90
CA GLY E 305 3.75 -46.60 -5.57
C GLY E 305 2.32 -46.19 -5.24
N TYR E 306 2.09 -45.63 -4.05
CA TYR E 306 0.73 -45.18 -3.66
C TYR E 306 0.56 -43.66 -3.46
N ILE E 307 -0.66 -43.17 -3.70
CA ILE E 307 -1.08 -41.83 -3.30
C ILE E 307 -2.26 -41.90 -2.33
N SER E 308 -2.05 -41.56 -1.06
CA SER E 308 -3.11 -41.52 -0.05
C SER E 308 -3.55 -40.08 0.32
N THR E 309 -4.85 -39.87 0.51
CA THR E 309 -5.44 -38.53 0.65
C THR E 309 -6.34 -38.40 1.85
N LEU E 310 -6.27 -37.26 2.53
CA LEU E 310 -7.09 -37.03 3.72
C LEU E 310 -8.17 -35.95 3.49
N ASN E 311 -9.37 -36.39 3.11
CA ASN E 311 -10.47 -35.50 2.79
C ASN E 311 -11.22 -35.04 4.01
N SER E 312 -12.35 -34.40 3.79
CA SER E 312 -13.30 -34.09 4.85
C SER E 312 -14.23 -35.28 5.00
N TYR E 313 -14.21 -36.17 4.02
CA TYR E 313 -14.94 -37.42 4.12
C TYR E 313 -14.21 -38.25 5.15
N ASP E 314 -12.90 -38.32 5.01
CA ASP E 314 -12.05 -39.05 5.93
C ASP E 314 -12.13 -38.48 7.35
N LEU E 315 -11.91 -37.18 7.49
CA LEU E 315 -11.97 -36.55 8.80
C LEU E 315 -12.97 -35.42 8.77
N PRO E 316 -14.18 -35.69 9.24
CA PRO E 316 -15.24 -34.68 9.21
C PRO E 316 -14.75 -33.33 9.74
N ILE E 317 -13.82 -33.32 10.69
CA ILE E 317 -13.40 -32.07 11.29
C ILE E 317 -12.74 -31.11 10.29
N LEU E 318 -11.89 -31.65 9.41
CA LEU E 318 -11.26 -30.84 8.38
C LEU E 318 -12.25 -29.92 7.68
N ARG E 319 -13.52 -30.32 7.66
CA ARG E 319 -14.54 -29.56 6.97
C ARG E 319 -14.52 -28.12 7.44
N PHE E 320 -14.17 -27.92 8.71
CA PHE E 320 -14.10 -26.59 9.32
C PHE E 320 -12.79 -25.90 8.98
N LEU E 321 -11.68 -26.54 9.38
CA LEU E 321 -10.34 -26.05 9.11
C LEU E 321 -10.10 -25.62 7.67
N ARG E 322 -10.87 -26.18 6.73
CA ARG E 322 -10.68 -25.90 5.31
C ARG E 322 -9.20 -26.19 4.90
N LEU E 323 -8.72 -27.36 5.31
CA LEU E 323 -7.40 -27.88 4.97
C LEU E 323 -7.52 -29.39 4.61
N SER E 324 -6.77 -29.81 3.61
CA SER E 324 -6.70 -31.20 3.19
C SER E 324 -5.22 -31.55 3.14
N ALA E 325 -4.89 -32.84 3.10
CA ALA E 325 -3.51 -33.24 2.91
C ALA E 325 -3.43 -34.40 1.92
N LEU E 326 -2.22 -34.69 1.43
CA LEU E 326 -2.00 -35.76 0.46
C LEU E 326 -0.62 -36.40 0.68
N ARG E 327 -0.55 -37.71 0.61
CA ARG E 327 0.69 -38.42 0.88
C ARG E 327 1.15 -39.22 -0.33
N GLY E 328 2.42 -39.14 -0.65
CA GLY E 328 2.91 -39.80 -1.85
C GLY E 328 4.12 -40.66 -1.60
N SER E 329 4.08 -41.90 -2.08
CA SER E 329 5.24 -42.78 -2.03
C SER E 329 5.41 -43.45 -3.38
N ILE E 330 6.43 -43.04 -4.14
CA ILE E 330 6.68 -43.62 -5.44
C ILE E 330 8.15 -44.01 -5.59
N ARG E 331 8.45 -44.81 -6.61
CA ARG E 331 9.81 -45.30 -6.80
C ARG E 331 10.41 -44.75 -8.09
N GLN E 332 11.72 -44.95 -8.26
CA GLN E 332 12.45 -44.35 -9.37
C GLN E 332 11.63 -44.30 -10.67
N ASN E 333 11.82 -43.25 -11.43
CA ASN E 333 11.13 -43.03 -12.70
C ASN E 333 9.59 -43.04 -12.70
N ALA E 334 8.98 -43.44 -11.59
CA ALA E 334 7.53 -43.29 -11.46
C ALA E 334 7.15 -41.81 -11.51
N MET E 335 6.39 -41.41 -12.51
CA MET E 335 5.96 -40.02 -12.58
C MET E 335 4.49 -39.86 -12.18
N VAL E 336 4.18 -38.77 -11.46
CA VAL E 336 2.79 -38.42 -11.23
C VAL E 336 2.37 -37.57 -12.41
N LEU E 337 1.32 -38.00 -13.12
CA LEU E 337 0.87 -37.32 -14.34
C LEU E 337 0.48 -35.88 -14.06
N PRO E 338 0.73 -34.98 -15.02
CA PRO E 338 0.48 -33.53 -14.87
C PRO E 338 -0.90 -33.18 -14.32
N GLN E 339 -0.94 -32.52 -13.17
CA GLN E 339 -2.19 -32.21 -12.47
C GLN E 339 -2.19 -30.76 -11.96
N TRP E 340 -3.38 -30.19 -11.80
CA TRP E 340 -3.55 -28.94 -11.09
C TRP E 340 -4.69 -29.08 -10.07
N ASN E 341 -4.62 -28.37 -8.95
CA ASN E 341 -5.74 -28.38 -8.03
C ASN E 341 -6.68 -27.28 -8.45
N ALA E 342 -7.94 -27.60 -8.63
CA ALA E 342 -8.88 -26.59 -9.08
C ALA E 342 -9.16 -25.59 -7.97
N ASN E 343 -9.01 -26.01 -6.72
CA ASN E 343 -9.56 -25.22 -5.62
C ASN E 343 -8.72 -25.14 -4.37
N ALA E 344 -7.40 -25.21 -4.49
CA ALA E 344 -6.56 -25.05 -3.31
C ALA E 344 -5.14 -24.68 -3.62
N ASN E 345 -4.54 -23.90 -2.75
CA ASN E 345 -3.11 -23.73 -2.86
C ASN E 345 -2.48 -24.96 -2.22
N ALA E 346 -1.31 -25.35 -2.72
CA ALA E 346 -0.64 -26.52 -2.20
C ALA E 346 0.75 -26.18 -1.70
N VAL E 347 1.17 -26.88 -0.67
CA VAL E 347 2.55 -26.80 -0.26
C VAL E 347 3.07 -28.23 -0.24
N LEU E 348 4.11 -28.46 -1.02
CA LEU E 348 4.69 -29.80 -1.13
C LEU E 348 5.98 -29.87 -0.29
N TYR E 349 5.99 -30.79 0.67
CA TYR E 349 7.19 -31.01 1.48
C TYR E 349 7.75 -32.39 1.20
N VAL E 350 8.99 -32.44 0.75
CA VAL E 350 9.64 -33.71 0.49
C VAL E 350 10.15 -34.35 1.78
N THR E 351 9.53 -35.46 2.20
CA THR E 351 9.97 -36.16 3.42
C THR E 351 11.18 -37.09 3.23
N ASP E 352 11.29 -37.71 2.05
CA ASP E 352 12.32 -38.72 1.74
C ASP E 352 12.69 -38.69 0.26
N GLY E 353 13.97 -38.86 -0.05
CA GLY E 353 14.41 -38.98 -1.43
C GLY E 353 14.29 -37.74 -2.29
N GLU E 354 14.88 -37.78 -3.48
CA GLU E 354 14.88 -36.63 -4.38
C GLU E 354 13.95 -36.84 -5.57
N ALA E 355 13.56 -35.75 -6.21
CA ALA E 355 12.66 -35.84 -7.36
C ALA E 355 12.72 -34.59 -8.23
N HIS E 356 12.28 -34.71 -9.46
CA HIS E 356 12.35 -33.63 -10.40
C HIS E 356 10.95 -33.19 -10.80
N VAL E 357 10.65 -31.91 -10.61
CA VAL E 357 9.30 -31.47 -10.90
C VAL E 357 9.30 -30.30 -11.85
N GLN E 358 8.14 -30.09 -12.48
CA GLN E 358 7.92 -29.00 -13.41
C GLN E 358 6.62 -28.35 -13.00
N VAL E 359 6.62 -27.03 -12.94
CA VAL E 359 5.42 -26.28 -12.59
C VAL E 359 5.17 -25.28 -13.67
N VAL E 360 3.93 -25.27 -14.16
CA VAL E 360 3.55 -24.34 -15.22
C VAL E 360 2.46 -23.41 -14.70
N ASN E 361 2.65 -22.12 -14.93
CA ASN E 361 1.71 -21.10 -14.42
C ASN E 361 0.63 -20.72 -15.45
N ASP E 362 -0.13 -19.67 -15.14
CA ASP E 362 -1.25 -19.28 -15.99
C ASP E 362 -0.84 -18.60 -17.29
N ASN E 363 0.37 -18.06 -17.34
CA ASN E 363 0.91 -17.54 -18.59
C ASN E 363 1.49 -18.64 -19.47
N GLY E 364 1.51 -19.87 -18.93
CA GLY E 364 1.91 -21.03 -19.72
C GLY E 364 3.41 -21.17 -19.74
N ASP E 365 4.05 -20.51 -18.79
CA ASP E 365 5.49 -20.51 -18.67
C ASP E 365 5.91 -21.54 -17.64
N ARG E 366 7.10 -22.11 -17.80
CA ARG E 366 7.68 -23.01 -16.80
C ARG E 366 8.26 -22.20 -15.67
N VAL E 367 7.56 -22.12 -14.54
CA VAL E 367 8.12 -21.39 -13.38
C VAL E 367 9.02 -22.24 -12.49
N PHE E 368 9.07 -23.54 -12.76
CA PHE E 368 9.96 -24.42 -12.02
C PHE E 368 10.36 -25.60 -12.88
N ASP E 369 11.58 -26.06 -12.71
CA ASP E 369 12.10 -27.17 -13.48
C ASP E 369 13.43 -27.58 -12.90
N GLY E 370 13.41 -28.48 -11.92
CA GLY E 370 14.61 -28.98 -11.32
C GLY E 370 14.31 -29.87 -10.14
N GLN E 371 15.35 -30.23 -9.38
CA GLN E 371 15.20 -31.14 -8.25
C GLN E 371 14.71 -30.44 -7.00
N VAL E 372 13.80 -31.13 -6.31
CA VAL E 372 13.40 -30.75 -4.95
C VAL E 372 13.52 -32.01 -4.09
N SER E 373 14.45 -31.98 -3.13
CA SER E 373 14.81 -33.15 -2.33
C SER E 373 14.34 -33.11 -0.88
N GLN E 374 14.90 -33.97 -0.05
CA GLN E 374 14.40 -34.06 1.32
C GLN E 374 14.56 -32.75 2.04
N GLY E 375 13.54 -32.39 2.83
CA GLY E 375 13.59 -31.21 3.68
C GLY E 375 13.13 -29.91 3.03
N GLN E 376 12.72 -29.97 1.78
CA GLN E 376 12.34 -28.78 1.04
C GLN E 376 10.85 -28.64 0.80
N LEU E 377 10.41 -27.41 0.53
CA LEU E 377 9.01 -27.10 0.30
C LEU E 377 8.87 -26.49 -1.07
N LEU E 378 7.85 -26.90 -1.80
CA LEU E 378 7.56 -26.26 -3.08
C LEU E 378 6.17 -25.72 -2.99
N SER E 379 5.97 -24.49 -3.45
CA SER E 379 4.62 -23.94 -3.45
C SER E 379 3.88 -24.16 -4.78
N ILE E 380 2.65 -24.62 -4.70
CA ILE E 380 1.86 -24.87 -5.92
C ILE E 380 0.49 -24.19 -5.85
N PRO E 381 0.43 -22.91 -6.25
CA PRO E 381 -0.84 -22.18 -6.26
C PRO E 381 -1.93 -22.85 -7.10
N GLN E 382 -3.16 -22.66 -6.66
CA GLN E 382 -4.38 -23.06 -7.35
C GLN E 382 -4.34 -22.71 -8.84
N GLY E 383 -4.35 -23.72 -9.70
CA GLY E 383 -4.27 -23.49 -11.12
C GLY E 383 -2.95 -23.86 -11.76
N PHE E 384 -1.86 -23.72 -11.01
CA PHE E 384 -0.55 -24.08 -11.55
C PHE E 384 -0.50 -25.57 -11.75
N SER E 385 0.12 -26.01 -12.85
CA SER E 385 0.20 -27.43 -13.19
C SER E 385 1.54 -28.09 -12.83
N VAL E 386 1.46 -29.28 -12.24
CA VAL E 386 2.62 -29.96 -11.70
C VAL E 386 2.74 -31.34 -12.30
N VAL E 387 3.95 -31.69 -12.67
CA VAL E 387 4.26 -33.06 -13.01
C VAL E 387 5.50 -33.41 -12.19
N LYS E 388 5.39 -34.39 -11.31
CA LYS E 388 6.54 -34.79 -10.51
C LYS E 388 7.07 -36.13 -11.00
N ARG E 389 8.36 -36.40 -10.79
CA ARG E 389 9.02 -37.61 -11.28
C ARG E 389 10.21 -38.04 -10.39
N ALA E 390 10.12 -39.21 -9.76
CA ALA E 390 11.14 -39.64 -8.79
C ALA E 390 12.50 -39.90 -9.40
N THR E 391 13.54 -39.67 -8.60
CA THR E 391 14.91 -39.61 -9.08
C THR E 391 15.79 -40.49 -8.21
N SER E 392 15.35 -40.66 -6.98
CA SER E 392 16.00 -41.53 -6.02
C SER E 392 15.35 -42.91 -6.05
N GLU E 393 15.90 -43.84 -5.28
CA GLU E 393 15.29 -45.15 -5.12
C GLU E 393 13.80 -44.93 -4.90
N GLN E 394 13.45 -44.30 -3.77
CA GLN E 394 12.06 -43.88 -3.54
C GLN E 394 11.92 -42.42 -3.11
N PHE E 395 10.82 -41.82 -3.55
CA PHE E 395 10.51 -40.44 -3.30
C PHE E 395 9.22 -40.42 -2.50
N ARG E 396 9.27 -39.89 -1.28
CA ARG E 396 8.08 -39.82 -0.46
C ARG E 396 7.85 -38.39 0.01
N TRP E 397 6.60 -37.93 -0.11
CA TRP E 397 6.31 -36.54 0.10
C TRP E 397 4.95 -36.35 0.75
N ILE E 398 4.70 -35.13 1.19
CA ILE E 398 3.45 -34.79 1.81
C ILE E 398 2.96 -33.51 1.15
N GLU E 399 1.65 -33.39 0.94
CA GLU E 399 1.08 -32.20 0.31
C GLU E 399 0.03 -31.61 1.21
N PHE E 400 0.14 -30.31 1.48
CA PHE E 400 -0.88 -29.59 2.21
C PHE E 400 -1.65 -28.67 1.24
N LYS E 401 -2.97 -28.83 1.22
CA LYS E 401 -3.80 -28.08 0.31
C LYS E 401 -4.81 -27.26 1.10
N THR E 402 -5.01 -26.01 0.71
CA THR E 402 -5.95 -25.14 1.43
C THR E 402 -7.42 -25.37 1.06
N ASN E 403 -7.90 -26.59 1.27
CA ASN E 403 -9.32 -26.92 1.06
C ASN E 403 -9.64 -28.24 1.76
N ALA E 404 -10.75 -28.27 2.50
CA ALA E 404 -11.17 -29.46 3.24
C ALA E 404 -11.38 -30.66 2.33
N ASN E 405 -11.59 -30.38 1.05
CA ASN E 405 -11.64 -31.44 0.06
C ASN E 405 -11.05 -30.94 -1.24
N ALA E 406 -9.73 -31.08 -1.39
CA ALA E 406 -9.05 -30.58 -2.59
C ALA E 406 -9.48 -31.42 -3.76
N GLN E 407 -9.57 -30.80 -4.93
CA GLN E 407 -10.05 -31.48 -6.12
C GLN E 407 -8.98 -31.49 -7.20
N ILE E 408 -8.36 -32.63 -7.44
CA ILE E 408 -7.24 -32.71 -8.38
C ILE E 408 -7.76 -32.80 -9.81
N ASN E 409 -7.12 -32.10 -10.73
CA ASN E 409 -7.48 -32.19 -12.15
C ASN E 409 -6.28 -32.60 -12.97
N THR E 410 -6.48 -33.59 -13.82
CA THR E 410 -5.36 -34.24 -14.44
C THR E 410 -5.35 -33.86 -15.93
N LEU E 411 -4.16 -33.73 -16.53
CA LEU E 411 -4.07 -33.37 -17.95
C LEU E 411 -3.77 -34.57 -18.87
N ALA E 412 -3.74 -35.77 -18.28
CA ALA E 412 -3.54 -36.97 -19.07
C ALA E 412 -4.07 -38.21 -18.35
N GLY E 413 -4.30 -39.27 -19.12
CA GLY E 413 -4.73 -40.52 -18.54
C GLY E 413 -6.23 -40.62 -18.48
N ARG E 414 -6.71 -41.62 -17.75
CA ARG E 414 -8.11 -42.01 -17.76
C ARG E 414 -9.09 -40.89 -17.39
N THR E 415 -8.68 -40.04 -16.45
CA THR E 415 -9.55 -38.97 -15.96
C THR E 415 -9.15 -37.56 -16.40
N SER E 416 -8.34 -37.47 -17.46
CA SER E 416 -7.80 -36.20 -17.87
C SER E 416 -8.91 -35.26 -18.32
N VAL E 417 -8.58 -33.98 -18.45
CA VAL E 417 -9.52 -33.00 -18.97
C VAL E 417 -9.71 -33.25 -20.48
N LEU E 418 -8.63 -33.59 -21.18
CA LEU E 418 -8.74 -33.93 -22.60
C LEU E 418 -9.67 -35.13 -22.82
N ARG E 419 -9.76 -36.00 -21.82
CA ARG E 419 -10.55 -37.19 -21.95
C ARG E 419 -12.00 -36.84 -22.15
N GLY E 420 -12.47 -35.83 -21.43
CA GLY E 420 -13.87 -35.42 -21.49
C GLY E 420 -14.14 -34.44 -22.62
N LEU E 421 -13.13 -34.29 -23.47
CA LEU E 421 -13.16 -33.32 -24.53
C LEU E 421 -13.42 -33.97 -25.90
N PRO E 422 -14.49 -33.54 -26.58
CA PRO E 422 -14.75 -33.89 -27.98
C PRO E 422 -13.48 -33.89 -28.81
N LEU E 423 -13.27 -34.92 -29.61
CA LEU E 423 -12.06 -35.04 -30.41
C LEU E 423 -11.85 -33.90 -31.40
N GLU E 424 -12.94 -33.39 -31.99
CA GLU E 424 -12.80 -32.27 -32.93
C GLU E 424 -12.30 -31.00 -32.22
N VAL E 425 -12.63 -30.87 -30.94
CA VAL E 425 -12.08 -29.80 -30.13
C VAL E 425 -10.56 -29.98 -30.00
N ILE E 426 -10.14 -31.19 -29.69
CA ILE E 426 -8.73 -31.47 -29.55
C ILE E 426 -7.95 -31.33 -30.86
N SER E 427 -8.53 -31.77 -31.97
CA SER E 427 -7.82 -31.76 -33.24
C SER E 427 -7.76 -30.38 -33.86
N ASN E 428 -8.81 -29.59 -33.64
CA ASN E 428 -8.83 -28.27 -34.23
C ASN E 428 -8.00 -27.32 -33.43
N GLY E 429 -8.07 -27.51 -32.10
CA GLY E 429 -7.32 -26.73 -31.13
C GLY E 429 -5.80 -26.88 -31.18
N TYR E 430 -5.29 -28.10 -31.35
CA TYR E 430 -3.83 -28.27 -31.31
C TYR E 430 -3.25 -28.28 -32.70
N GLN E 431 -4.15 -28.25 -33.67
CA GLN E 431 -3.80 -28.43 -35.07
C GLN E 431 -3.01 -29.71 -35.23
N ILE E 432 -3.69 -30.82 -34.97
CA ILE E 432 -3.23 -32.17 -35.26
C ILE E 432 -4.36 -33.00 -35.90
N SER E 433 -4.00 -34.16 -36.44
CA SER E 433 -4.94 -35.04 -37.11
C SER E 433 -5.90 -35.72 -36.14
N LEU E 434 -7.02 -36.22 -36.63
CA LEU E 434 -7.94 -37.01 -35.80
C LEU E 434 -7.22 -38.15 -35.12
N GLU E 435 -6.20 -38.71 -35.79
CA GLU E 435 -5.44 -39.85 -35.28
C GLU E 435 -4.55 -39.44 -34.09
N GLU E 436 -3.61 -38.54 -34.36
CA GLU E 436 -2.87 -37.84 -33.31
C GLU E 436 -3.78 -37.49 -32.11
N ALA E 437 -4.98 -37.01 -32.40
CA ALA E 437 -5.93 -36.63 -31.35
C ALA E 437 -6.52 -37.83 -30.62
N ARG E 438 -6.79 -38.89 -31.37
CA ARG E 438 -7.40 -40.11 -30.85
C ARG E 438 -6.49 -40.67 -29.77
N ARG E 439 -5.19 -40.51 -29.96
CA ARG E 439 -4.21 -41.04 -29.01
C ARG E 439 -3.87 -40.04 -27.91
N VAL E 440 -3.73 -38.77 -28.27
CA VAL E 440 -3.50 -37.69 -27.30
C VAL E 440 -4.60 -37.67 -26.26
N LYS E 441 -5.70 -38.32 -26.58
CA LYS E 441 -6.85 -38.33 -25.70
C LYS E 441 -6.89 -39.62 -24.90
N PHE E 442 -6.35 -40.69 -25.50
CA PHE E 442 -6.64 -42.04 -25.07
C PHE E 442 -5.45 -42.91 -24.67
N ASN E 443 -4.30 -42.75 -25.33
CA ASN E 443 -3.16 -43.64 -25.07
C ASN E 443 -2.90 -43.92 -23.60
N THR E 444 -2.67 -42.85 -22.84
CA THR E 444 -2.40 -43.01 -21.42
C THR E 444 -3.60 -43.63 -20.73
N ILE E 445 -3.45 -44.88 -20.32
CA ILE E 445 -4.55 -45.64 -19.75
C ILE E 445 -4.59 -45.51 -18.22
N GLU E 446 -3.48 -45.10 -17.63
CA GLU E 446 -3.42 -44.91 -16.18
C GLU E 446 -4.03 -43.57 -15.78
N THR E 447 -4.44 -43.49 -14.51
CA THR E 447 -5.14 -42.33 -13.97
C THR E 447 -4.22 -41.28 -13.34
N THR E 448 -3.18 -41.73 -12.62
CA THR E 448 -2.32 -40.84 -11.84
C THR E 448 -0.84 -41.15 -11.91
N LEU E 449 -0.46 -42.42 -11.70
CA LEU E 449 0.95 -42.84 -11.75
C LEU E 449 1.28 -43.51 -13.07
N THR E 450 2.53 -43.39 -13.49
CA THR E 450 2.94 -43.95 -14.75
C THR E 450 4.47 -43.97 -14.87
N HIS E 451 4.99 -44.75 -15.82
CA HIS E 451 6.43 -44.90 -15.98
C HIS E 451 6.98 -43.76 -16.84
N SER E 452 8.19 -43.31 -16.53
CA SER E 452 8.79 -42.24 -17.29
C SER E 452 9.38 -42.75 -18.58
N SER E 453 8.47 -43.04 -19.52
CA SER E 453 8.80 -43.66 -20.80
C SER E 453 7.60 -43.56 -21.75
N GLY E 454 7.87 -43.22 -23.02
CA GLY E 454 6.83 -43.18 -24.03
C GLY E 454 7.04 -44.25 -25.08
N PRO E 455 6.18 -44.28 -26.11
CA PRO E 455 6.24 -45.27 -27.20
C PRO E 455 7.66 -45.48 -27.74
N PHE F 3 0.11 -2.75 8.53
CA PHE F 3 -0.37 -3.81 7.63
C PHE F 3 0.75 -4.31 6.73
N PRO F 4 0.77 -5.60 6.39
CA PRO F 4 -0.22 -6.62 6.74
C PRO F 4 0.11 -7.14 8.13
N ASN F 5 0.51 -6.22 8.99
CA ASN F 5 0.87 -6.56 10.35
C ASN F 5 -0.04 -5.86 11.33
N GLU F 6 -1.27 -5.66 10.91
CA GLU F 6 -2.31 -4.96 11.69
C GLU F 6 -2.51 -5.54 13.09
N CYS F 7 -1.76 -6.57 13.45
CA CYS F 7 -1.90 -7.14 14.79
C CYS F 7 -0.58 -7.30 15.54
N GLN F 8 0.46 -6.64 15.03
CA GLN F 8 1.65 -6.35 15.80
C GLN F 8 1.30 -5.17 16.71
N LEU F 9 0.70 -5.50 17.86
CA LEU F 9 0.30 -4.52 18.86
C LEU F 9 1.18 -4.66 20.10
N ASP F 10 1.79 -3.55 20.49
CA ASP F 10 2.68 -3.51 21.64
C ASP F 10 1.95 -2.88 22.81
N GLN F 11 0.79 -2.31 22.51
CA GLN F 11 0.02 -1.56 23.48
C GLN F 11 -1.43 -1.34 23.07
N LEU F 12 -2.35 -1.68 23.98
CA LEU F 12 -3.76 -1.39 23.82
C LEU F 12 -4.14 -0.23 24.74
N ASN F 13 -5.30 0.37 24.51
CA ASN F 13 -5.72 1.54 25.27
C ASN F 13 -7.22 1.67 25.39
N ALA F 14 -7.73 1.83 26.61
CA ALA F 14 -9.12 2.21 26.82
C ALA F 14 -9.45 3.39 25.91
N LEU F 15 -10.34 3.15 24.96
CA LEU F 15 -10.63 4.07 23.86
C LEU F 15 -11.94 4.82 24.04
N GLU F 16 -12.05 5.96 23.39
CA GLU F 16 -13.25 6.78 23.46
C GLU F 16 -13.58 7.33 22.08
N PRO F 17 -14.80 7.91 21.92
CA PRO F 17 -15.17 8.36 20.58
C PRO F 17 -14.15 9.33 20.01
N SER F 18 -13.99 9.38 18.69
CA SER F 18 -12.99 10.29 18.14
C SER F 18 -13.63 11.34 17.31
N HIS F 19 -14.95 11.25 17.16
CA HIS F 19 -15.71 12.15 16.29
C HIS F 19 -17.12 12.22 16.84
N VAL F 20 -17.67 13.42 16.95
CA VAL F 20 -19.04 13.55 17.40
C VAL F 20 -19.86 14.25 16.34
N LEU F 21 -21.06 13.75 16.13
CA LEU F 21 -21.98 14.35 15.19
C LEU F 21 -23.08 14.94 16.04
N LYS F 22 -23.19 16.26 16.02
CA LYS F 22 -24.12 16.94 16.89
C LYS F 22 -25.48 17.14 16.21
N ALA F 23 -26.51 16.57 16.82
CA ALA F 23 -27.85 16.62 16.25
C ALA F 23 -28.75 17.48 17.12
N GLU F 24 -29.85 17.94 16.52
CA GLU F 24 -30.85 18.71 17.24
C GLU F 24 -31.27 18.02 18.54
N ALA F 25 -31.54 16.72 18.51
CA ALA F 25 -31.95 16.03 19.73
C ALA F 25 -31.03 14.91 20.19
N GLY F 26 -29.76 14.99 19.83
CA GLY F 26 -28.81 14.00 20.31
C GLY F 26 -27.47 14.12 19.62
N ARG F 27 -26.55 13.20 19.92
CA ARG F 27 -25.30 13.11 19.18
C ARG F 27 -24.92 11.67 18.84
N ILE F 28 -24.25 11.49 17.70
CA ILE F 28 -23.73 10.20 17.26
C ILE F 28 -22.23 10.18 17.48
N GLU F 29 -21.74 9.32 18.36
CA GLU F 29 -20.32 9.33 18.71
C GLU F 29 -19.58 8.11 18.19
N VAL F 30 -18.66 8.34 17.25
CA VAL F 30 -17.98 7.23 16.59
C VAL F 30 -16.50 7.13 16.97
N TRP F 31 -16.05 5.92 17.28
CA TRP F 31 -14.65 5.67 17.58
C TRP F 31 -13.86 5.62 16.29
N ASP F 32 -12.54 5.77 16.40
CA ASP F 32 -11.67 5.69 15.25
C ASP F 32 -11.29 4.24 14.90
N HIS F 33 -11.69 3.78 13.72
CA HIS F 33 -11.42 2.41 13.32
C HIS F 33 -10.16 2.35 12.49
N HIS F 34 -9.43 3.46 12.40
CA HIS F 34 -8.07 3.44 11.85
C HIS F 34 -7.10 3.29 13.01
N ALA F 35 -7.63 3.27 14.23
CA ALA F 35 -6.78 3.01 15.37
C ALA F 35 -6.24 1.61 15.19
N PRO F 36 -4.91 1.45 15.27
CA PRO F 36 -4.22 0.17 15.13
C PRO F 36 -4.89 -0.91 15.93
N GLN F 37 -5.14 -0.63 17.20
CA GLN F 37 -5.81 -1.57 18.09
C GLN F 37 -7.16 -2.02 17.56
N LEU F 38 -7.84 -1.13 16.83
CA LEU F 38 -9.19 -1.37 16.29
C LEU F 38 -9.18 -1.90 14.87
N ARG F 39 -8.11 -1.61 14.13
CA ARG F 39 -7.94 -2.11 12.77
C ARG F 39 -7.73 -3.62 12.85
N CYS F 40 -6.93 -4.05 13.81
CA CYS F 40 -6.72 -5.47 14.09
C CYS F 40 -8.03 -6.22 14.33
N SER F 41 -8.87 -5.66 15.19
CA SER F 41 -10.12 -6.33 15.55
C SER F 41 -11.10 -6.39 14.39
N GLY F 42 -10.84 -5.60 13.35
CA GLY F 42 -11.68 -5.63 12.16
C GLY F 42 -13.10 -5.11 12.36
N VAL F 43 -13.27 -4.23 13.34
CA VAL F 43 -14.59 -3.66 13.62
C VAL F 43 -14.53 -2.16 13.91
N SER F 44 -15.67 -1.48 13.72
CA SER F 44 -15.82 -0.10 14.18
C SER F 44 -16.79 -0.07 15.37
N PHE F 45 -16.95 1.10 15.97
CA PHE F 45 -17.78 1.22 17.17
C PHE F 45 -18.42 2.59 17.27
N VAL F 46 -19.72 2.65 17.57
CA VAL F 46 -20.42 3.92 17.63
C VAL F 46 -21.38 3.95 18.81
N ARG F 47 -21.57 5.13 19.40
CA ARG F 47 -22.54 5.28 20.49
C ARG F 47 -23.55 6.34 20.12
N TYR F 48 -24.83 6.00 20.21
CA TYR F 48 -25.89 6.98 20.05
C TYR F 48 -26.26 7.49 21.44
N ILE F 49 -26.38 8.80 21.58
CA ILE F 49 -26.90 9.37 22.82
C ILE F 49 -28.11 10.22 22.54
N ILE F 50 -29.29 9.62 22.63
CA ILE F 50 -30.54 10.32 22.31
C ILE F 50 -31.25 10.95 23.54
N GLU F 51 -31.51 12.26 23.46
CA GLU F 51 -32.23 12.95 24.52
C GLU F 51 -33.72 12.68 24.37
N SER F 52 -34.52 13.12 25.34
CA SER F 52 -35.94 12.81 25.29
C SER F 52 -36.66 13.52 24.14
N LYS F 53 -37.65 12.84 23.57
CA LYS F 53 -38.40 13.34 22.42
C LYS F 53 -37.56 13.24 21.15
N GLY F 54 -36.38 12.64 21.28
CA GLY F 54 -35.46 12.53 20.17
C GLY F 54 -35.53 11.22 19.43
N LEU F 55 -35.44 11.31 18.11
CA LEU F 55 -35.61 10.19 17.20
C LEU F 55 -34.39 10.04 16.30
N TYR F 56 -33.72 8.89 16.37
CA TYR F 56 -32.62 8.60 15.46
C TYR F 56 -33.23 8.15 14.14
N LEU F 57 -33.13 8.98 13.10
CA LEU F 57 -33.81 8.71 11.83
C LEU F 57 -33.21 7.50 11.13
N PRO F 58 -34.07 6.75 10.40
CA PRO F 58 -33.77 5.49 9.71
C PRO F 58 -32.44 5.49 8.95
N SER F 59 -31.57 4.57 9.33
CA SER F 59 -30.35 4.32 8.57
C SER F 59 -30.24 2.85 8.21
N PHE F 60 -29.39 2.53 7.24
CA PHE F 60 -29.00 1.14 7.04
C PHE F 60 -27.51 1.00 6.77
N PHE F 61 -27.00 -0.21 6.91
CA PHE F 61 -25.56 -0.43 6.88
C PHE F 61 -25.08 -1.46 5.88
N SER F 62 -23.79 -1.39 5.57
CA SER F 62 -23.14 -2.28 4.61
C SER F 62 -22.45 -3.43 5.35
N THR F 63 -22.40 -3.31 6.67
CA THR F 63 -21.77 -4.31 7.52
C THR F 63 -22.82 -4.81 8.48
N ALA F 64 -22.62 -5.99 9.04
CA ALA F 64 -23.51 -6.45 10.10
C ALA F 64 -23.39 -5.50 11.29
N LYS F 65 -24.42 -5.47 12.11
CA LYS F 65 -24.48 -4.58 13.26
C LYS F 65 -24.99 -5.36 14.46
N LEU F 66 -24.45 -5.07 15.64
CA LEU F 66 -24.94 -5.65 16.88
C LEU F 66 -25.02 -4.53 17.91
N SER F 67 -26.23 -4.07 18.21
CA SER F 67 -26.44 -2.94 19.10
C SER F 67 -26.73 -3.42 20.53
N PHE F 68 -26.49 -2.55 21.50
CA PHE F 68 -26.80 -2.82 22.90
C PHE F 68 -27.29 -1.56 23.58
N VAL F 69 -28.43 -1.66 24.26
CA VAL F 69 -28.99 -0.50 24.95
C VAL F 69 -28.39 -0.45 26.34
N ALA F 70 -27.48 0.49 26.54
CA ALA F 70 -26.65 0.49 27.75
C ALA F 70 -27.29 1.30 28.85
N LYS F 71 -28.39 1.96 28.50
CA LYS F 71 -29.22 2.70 29.46
C LYS F 71 -30.31 3.53 28.79
N GLY F 72 -31.44 3.63 29.47
CA GLY F 72 -32.55 4.37 28.94
C GLY F 72 -33.56 3.41 28.40
N GLU F 73 -34.57 3.96 27.73
CA GLU F 73 -35.75 3.21 27.32
C GLU F 73 -36.25 3.81 26.01
N GLY F 74 -36.91 3.02 25.19
CA GLY F 74 -37.58 3.61 24.04
C GLY F 74 -38.26 2.66 23.06
N LEU F 75 -38.51 3.20 21.87
CA LEU F 75 -39.05 2.43 20.77
C LEU F 75 -37.96 2.27 19.73
N MET F 76 -37.99 1.13 19.02
CA MET F 76 -37.13 0.91 17.86
C MET F 76 -37.93 0.29 16.73
N GLY F 77 -37.48 0.49 15.49
CA GLY F 77 -38.16 -0.11 14.37
C GLY F 77 -37.19 -0.62 13.33
N ARG F 78 -37.27 -1.92 13.05
CA ARG F 78 -36.60 -2.49 11.89
C ARG F 78 -37.58 -2.56 10.73
N VAL F 79 -37.06 -2.37 9.53
CA VAL F 79 -37.84 -2.56 8.31
C VAL F 79 -37.01 -3.42 7.38
N VAL F 80 -37.51 -4.61 7.06
CA VAL F 80 -36.80 -5.52 6.16
C VAL F 80 -37.29 -5.45 4.72
N PRO F 81 -36.54 -6.09 3.79
CA PRO F 81 -36.92 -6.20 2.37
C PRO F 81 -38.17 -7.07 2.16
N GLY F 82 -39.29 -6.44 1.81
CA GLY F 82 -40.54 -7.14 1.60
C GLY F 82 -41.04 -7.84 2.86
N CYS F 83 -42.12 -7.33 3.43
CA CYS F 83 -42.65 -7.93 4.66
C CYS F 83 -44.07 -7.53 5.02
N ALA F 84 -44.71 -8.40 5.78
CA ALA F 84 -46.07 -8.20 6.25
C ALA F 84 -46.15 -6.99 7.17
N GLU F 85 -47.37 -6.61 7.56
CA GLU F 85 -47.58 -5.45 8.43
C GLU F 85 -48.02 -5.84 9.86
N THR F 86 -47.19 -5.44 10.82
CA THR F 86 -47.40 -5.76 12.23
C THR F 86 -48.41 -4.83 12.91
N PHE F 87 -47.94 -3.68 13.38
CA PHE F 87 -48.79 -2.73 14.09
C PHE F 87 -49.68 -1.88 13.19
N GLN F 88 -50.55 -1.11 13.82
CA GLN F 88 -51.50 -0.24 13.15
C GLN F 88 -51.62 1.02 13.99
N ASP F 89 -52.16 2.10 13.42
CA ASP F 89 -52.19 3.38 14.12
C ASP F 89 -53.49 4.18 14.03
N SER F 90 -54.42 3.88 14.94
CA SER F 90 -55.63 4.65 15.10
C SER F 90 -55.57 5.44 16.40
N SER F 91 -56.54 5.20 17.29
CA SER F 91 -56.59 5.89 18.59
C SER F 91 -57.40 5.13 19.66
N VAL F 92 -56.95 3.93 20.03
CA VAL F 92 -57.67 3.07 20.98
C VAL F 92 -59.18 3.31 20.99
N GLY F 138 -62.17 4.12 10.13
CA GLY F 138 -61.51 5.31 9.60
C GLY F 138 -60.13 5.02 9.06
N PHE F 139 -59.44 6.07 8.60
CA PHE F 139 -58.10 5.94 8.03
C PHE F 139 -56.99 5.86 9.09
N ARG F 140 -56.23 4.76 9.07
CA ARG F 140 -55.09 4.63 9.96
C ARG F 140 -53.79 4.33 9.22
N ASP F 141 -52.79 3.89 9.98
CA ASP F 141 -51.44 3.75 9.45
C ASP F 141 -50.91 2.35 9.68
N MET F 142 -50.47 1.71 8.62
CA MET F 142 -49.87 0.39 8.73
C MET F 142 -48.37 0.47 8.44
N HIS F 143 -47.59 -0.20 9.30
CA HIS F 143 -46.13 -0.17 9.22
C HIS F 143 -45.60 -1.37 9.99
N GLN F 144 -44.34 -1.74 9.74
CA GLN F 144 -43.76 -2.93 10.36
C GLN F 144 -43.76 -2.86 11.89
N LYS F 145 -43.33 -3.93 12.53
CA LYS F 145 -43.30 -4.00 13.98
C LYS F 145 -42.51 -2.85 14.60
N VAL F 146 -43.04 -2.33 15.70
CA VAL F 146 -42.38 -1.32 16.47
C VAL F 146 -42.21 -1.86 17.88
N GLU F 147 -40.98 -2.25 18.20
CA GLU F 147 -40.71 -2.87 19.49
C GLU F 147 -40.45 -1.81 20.57
N HIS F 148 -40.63 -2.20 21.83
CA HIS F 148 -40.13 -1.39 22.92
C HIS F 148 -38.79 -1.97 23.33
N ILE F 149 -37.88 -1.09 23.72
CA ILE F 149 -36.54 -1.51 24.10
C ILE F 149 -36.18 -0.89 25.44
N ARG F 150 -35.56 -1.70 26.30
CA ARG F 150 -35.19 -1.24 27.62
C ARG F 150 -33.74 -1.65 27.79
N THR F 151 -33.14 -1.25 28.89
CA THR F 151 -31.73 -1.56 29.10
C THR F 151 -31.46 -3.07 29.08
N GLY F 152 -30.34 -3.44 28.48
CA GLY F 152 -29.93 -4.82 28.44
C GLY F 152 -30.22 -5.45 27.10
N ASP F 153 -31.18 -4.88 26.39
CA ASP F 153 -31.56 -5.41 25.08
C ASP F 153 -30.36 -5.47 24.15
N THR F 154 -30.35 -6.53 23.35
CA THR F 154 -29.31 -6.77 22.37
C THR F 154 -29.99 -7.00 21.03
N ILE F 155 -29.64 -6.19 20.03
CA ILE F 155 -30.32 -6.19 18.74
C ILE F 155 -29.39 -6.57 17.60
N ALA F 156 -29.86 -7.49 16.74
CA ALA F 156 -29.11 -7.85 15.54
C ALA F 156 -29.61 -7.10 14.30
N THR F 157 -28.68 -6.77 13.41
CA THR F 157 -29.01 -6.12 12.13
C THR F 157 -28.20 -6.68 10.95
N HIS F 158 -28.89 -7.35 10.04
CA HIS F 158 -28.34 -7.78 8.75
C HIS F 158 -27.99 -6.53 7.96
N PRO F 159 -26.91 -6.57 7.17
CA PRO F 159 -26.70 -5.43 6.26
C PRO F 159 -27.99 -5.13 5.48
N GLY F 160 -28.25 -3.87 5.17
CA GLY F 160 -29.38 -3.51 4.33
C GLY F 160 -30.68 -3.32 5.08
N VAL F 161 -30.75 -3.83 6.30
CA VAL F 161 -31.89 -3.57 7.18
C VAL F 161 -31.83 -2.15 7.74
N ALA F 162 -32.95 -1.42 7.65
CA ALA F 162 -32.98 -0.07 8.20
C ALA F 162 -33.55 -0.06 9.61
N GLN F 163 -32.99 0.77 10.47
CA GLN F 163 -33.47 0.91 11.86
C GLN F 163 -33.58 2.35 12.31
N TRP F 164 -34.46 2.58 13.28
CA TRP F 164 -34.66 3.91 13.86
C TRP F 164 -35.02 3.82 15.34
N PHE F 165 -34.58 4.81 16.11
CA PHE F 165 -34.72 4.80 17.56
C PHE F 165 -35.35 6.09 18.08
N TYR F 166 -36.31 5.95 19.00
CA TYR F 166 -37.01 7.10 19.56
C TYR F 166 -37.00 7.01 21.06
N ASN F 167 -36.53 8.08 21.70
CA ASN F 167 -36.56 8.12 23.15
C ASN F 167 -37.89 8.66 23.67
N ASP F 168 -38.79 7.74 24.02
CA ASP F 168 -40.07 8.09 24.63
C ASP F 168 -39.88 8.36 26.10
N GLY F 169 -38.64 8.18 26.57
CA GLY F 169 -38.35 8.18 27.98
C GLY F 169 -37.86 9.49 28.58
N ASN F 170 -37.57 9.42 29.88
CA ASN F 170 -37.16 10.58 30.65
C ASN F 170 -35.66 10.79 30.53
N GLN F 171 -34.91 9.87 31.12
CA GLN F 171 -33.46 9.86 31.02
CA GLN F 171 -33.46 9.86 31.03
C GLN F 171 -33.05 9.70 29.57
N PRO F 172 -31.77 9.97 29.24
CA PRO F 172 -31.37 9.75 27.85
C PRO F 172 -31.32 8.27 27.48
N LEU F 173 -31.47 7.97 26.19
CA LEU F 173 -31.34 6.62 25.67
C LEU F 173 -29.94 6.42 25.13
N VAL F 174 -29.28 5.34 25.49
CA VAL F 174 -27.93 5.12 24.98
C VAL F 174 -27.82 3.75 24.33
N ILE F 175 -27.68 3.76 23.00
CA ILE F 175 -27.43 2.54 22.25
C ILE F 175 -25.96 2.52 21.87
N VAL F 176 -25.29 1.42 22.15
CA VAL F 176 -23.89 1.29 21.81
C VAL F 176 -23.78 0.15 20.78
N SER F 177 -22.89 0.27 19.80
CA SER F 177 -22.92 -0.59 18.61
C SER F 177 -21.57 -0.98 18.01
N VAL F 178 -21.41 -2.27 17.71
CA VAL F 178 -20.27 -2.74 16.90
C VAL F 178 -20.68 -2.89 15.44
N LEU F 179 -19.74 -2.62 14.54
CA LEU F 179 -19.95 -2.78 13.12
C LEU F 179 -18.83 -3.66 12.61
N ASP F 180 -19.19 -4.78 11.98
CA ASP F 180 -18.23 -5.80 11.57
C ASP F 180 -17.67 -5.46 10.20
N LEU F 181 -16.52 -4.81 10.16
CA LEU F 181 -15.96 -4.35 8.90
C LEU F 181 -15.35 -5.47 8.10
N ALA F 182 -14.83 -6.46 8.82
CA ALA F 182 -14.06 -7.53 8.19
C ALA F 182 -14.90 -8.70 7.66
N SER F 183 -16.19 -8.74 7.98
CA SER F 183 -17.04 -9.85 7.51
C SER F 183 -17.24 -9.84 5.99
N HIS F 184 -17.43 -11.03 5.43
CA HIS F 184 -17.70 -11.10 4.00
C HIS F 184 -19.02 -10.40 3.70
N GLN F 185 -19.84 -10.17 4.72
CA GLN F 185 -21.12 -9.49 4.54
C GLN F 185 -21.00 -8.04 4.07
N ASN F 186 -19.90 -7.39 4.43
CA ASN F 186 -19.58 -6.07 3.96
C ASN F 186 -18.84 -6.13 2.64
N GLN F 187 -19.54 -5.83 1.55
CA GLN F 187 -18.95 -5.87 0.22
C GLN F 187 -18.20 -4.59 -0.11
N LEU F 188 -18.17 -3.65 0.83
CA LEU F 188 -17.55 -2.37 0.54
C LEU F 188 -16.10 -2.24 1.02
N ASP F 189 -15.94 -1.62 2.18
CA ASP F 189 -14.67 -1.03 2.63
C ASP F 189 -14.35 -1.43 4.01
N ARG F 190 -13.13 -1.09 4.43
CA ARG F 190 -12.77 -1.14 5.83
C ARG F 190 -13.24 0.15 6.57
N ASN F 191 -14.41 0.66 6.20
CA ASN F 191 -15.06 1.79 6.86
C ASN F 191 -16.48 1.41 7.27
N PRO F 192 -17.00 2.00 8.35
CA PRO F 192 -18.43 1.85 8.64
C PRO F 192 -19.18 2.79 7.72
N ARG F 193 -20.22 2.34 7.04
CA ARG F 193 -20.91 3.19 6.10
C ARG F 193 -22.41 3.16 6.30
N PRO F 194 -22.92 4.14 7.05
CA PRO F 194 -24.33 4.40 7.25
C PRO F 194 -24.89 5.08 6.01
N PHE F 195 -26.03 4.58 5.56
CA PHE F 195 -26.75 5.26 4.49
C PHE F 195 -27.95 5.83 5.20
N TYR F 196 -28.14 7.13 5.07
CA TYR F 196 -29.24 7.79 5.75
C TYR F 196 -30.46 7.94 4.85
N LEU F 197 -31.57 7.39 5.27
CA LEU F 197 -32.82 7.58 4.55
C LEU F 197 -33.33 9.04 4.61
N ALA F 198 -33.27 9.67 5.78
CA ALA F 198 -33.93 10.97 5.95
C ALA F 198 -32.99 12.07 6.41
N GLY F 199 -32.30 11.83 7.53
CA GLY F 199 -31.50 12.86 8.15
C GLY F 199 -30.46 13.49 7.25
N ASN F 200 -30.21 14.78 7.49
CA ASN F 200 -29.07 15.47 6.90
C ASN F 200 -27.89 15.51 7.89
N ASN F 201 -26.68 15.27 7.40
CA ASN F 201 -25.49 15.41 8.22
C ASN F 201 -24.59 16.39 7.53
N PRO F 202 -24.53 17.61 8.07
CA PRO F 202 -23.77 18.63 7.37
C PRO F 202 -22.29 18.49 7.74
N GLN F 203 -21.99 17.84 8.84
CA GLN F 203 -20.60 17.56 9.18
C GLN F 203 -19.97 16.54 8.24
N GLY F 204 -20.81 15.70 7.63
CA GLY F 204 -20.36 14.69 6.69
C GLY F 204 -19.60 13.52 7.30
N GLN F 205 -18.94 12.76 6.43
CA GLN F 205 -18.30 11.51 6.85
C GLN F 205 -16.93 11.72 7.45
N VAL F 206 -16.89 12.33 8.63
CA VAL F 206 -15.61 12.71 9.24
C VAL F 206 -14.79 11.53 9.75
N TRP F 207 -15.42 10.36 9.88
CA TRP F 207 -14.76 9.12 10.33
C TRP F 207 -14.05 8.37 9.21
N ILE F 208 -14.23 8.83 7.96
CA ILE F 208 -13.52 8.30 6.80
C ILE F 208 -12.52 9.36 6.29
N GLU F 209 -11.48 8.93 5.60
CA GLU F 209 -10.35 9.83 5.30
C GLU F 209 -10.48 10.91 4.23
N GLY F 210 -10.78 10.50 3.01
CA GLY F 210 -10.71 11.45 1.91
C GLY F 210 -11.89 12.41 1.82
N ARG F 211 -12.66 12.51 2.89
CA ARG F 211 -13.96 13.17 2.82
C ARG F 211 -13.92 14.69 2.60
N GLU F 212 -12.80 15.30 2.92
CA GLU F 212 -12.63 16.75 2.76
C GLU F 212 -13.94 17.51 3.05
N GLN F 213 -14.32 17.50 4.32
CA GLN F 213 -15.32 18.40 4.85
C GLN F 213 -16.45 18.80 3.91
N GLN F 214 -17.12 17.82 3.32
CA GLN F 214 -18.33 18.16 2.60
C GLN F 214 -19.51 17.41 3.20
N PRO F 215 -20.68 18.03 3.17
CA PRO F 215 -21.87 17.56 3.89
C PRO F 215 -22.31 16.18 3.42
N GLN F 216 -23.04 15.46 4.26
CA GLN F 216 -23.48 14.11 3.93
C GLN F 216 -24.99 14.01 3.90
N LYS F 217 -25.53 14.10 2.70
CA LYS F 217 -26.96 14.19 2.52
C LYS F 217 -27.62 12.82 2.68
N ASN F 218 -28.93 12.82 2.87
CA ASN F 218 -29.68 11.57 2.79
C ASN F 218 -29.69 11.01 1.38
N ILE F 219 -30.16 9.78 1.27
CA ILE F 219 -30.13 9.07 0.01
C ILE F 219 -31.06 9.66 -1.04
N LEU F 220 -32.23 10.15 -0.60
CA LEU F 220 -33.17 10.82 -1.49
C LEU F 220 -32.59 12.08 -2.09
N ASN F 221 -31.66 12.72 -1.40
CA ASN F 221 -31.02 13.91 -1.91
C ASN F 221 -30.31 13.68 -3.24
N GLY F 222 -29.78 12.49 -3.43
CA GLY F 222 -28.92 12.22 -4.58
C GLY F 222 -29.68 11.97 -5.86
N PHE F 223 -30.98 11.87 -5.75
CA PHE F 223 -31.80 11.72 -6.93
C PHE F 223 -32.36 13.09 -7.28
N THR F 224 -32.53 13.36 -8.56
CA THR F 224 -33.15 14.60 -8.96
C THR F 224 -34.60 14.58 -8.50
N PRO F 225 -35.14 15.75 -8.20
CA PRO F 225 -36.49 15.87 -7.66
C PRO F 225 -37.57 15.40 -8.66
N GLU F 226 -37.26 15.42 -9.95
CA GLU F 226 -38.24 14.96 -10.94
C GLU F 226 -38.43 13.46 -10.88
N VAL F 227 -37.35 12.70 -11.04
CA VAL F 227 -37.44 11.25 -10.96
C VAL F 227 -38.00 10.81 -9.59
N LEU F 228 -37.65 11.56 -8.56
CA LEU F 228 -38.11 11.28 -7.22
C LEU F 228 -39.61 11.43 -7.21
N ALA F 229 -40.09 12.50 -7.84
CA ALA F 229 -41.52 12.75 -7.95
C ALA F 229 -42.24 11.71 -8.83
N LYS F 230 -41.60 11.27 -9.91
CA LYS F 230 -42.15 10.20 -10.74
C LYS F 230 -42.22 8.92 -9.92
N ALA F 231 -41.14 8.63 -9.21
CA ALA F 231 -41.00 7.40 -8.44
C ALA F 231 -42.05 7.31 -7.32
N PHE F 232 -42.34 8.44 -6.70
CA PHE F 232 -43.30 8.47 -5.60
C PHE F 232 -44.69 8.95 -6.04
N LYS F 233 -44.81 9.42 -7.28
CA LYS F 233 -46.11 9.87 -7.75
C LYS F 233 -46.64 10.96 -6.83
N ILE F 234 -45.80 11.96 -6.63
CA ILE F 234 -46.09 13.06 -5.76
C ILE F 234 -45.65 14.32 -6.46
N ASP F 235 -45.98 15.46 -5.85
CA ASP F 235 -45.65 16.78 -6.39
C ASP F 235 -44.16 17.08 -6.26
N VAL F 236 -43.53 17.41 -7.39
CA VAL F 236 -42.10 17.76 -7.46
C VAL F 236 -41.64 18.78 -6.39
N ARG F 237 -42.58 19.45 -5.74
CA ARG F 237 -42.23 20.35 -4.66
C ARG F 237 -42.11 19.55 -3.37
N THR F 238 -43.06 18.64 -3.15
CA THR F 238 -42.96 17.68 -2.05
C THR F 238 -41.65 16.88 -2.19
N ALA F 239 -41.25 16.59 -3.43
CA ALA F 239 -40.01 15.85 -3.69
C ALA F 239 -38.78 16.57 -3.16
N GLN F 240 -38.73 17.89 -3.32
CA GLN F 240 -37.57 18.66 -2.85
C GLN F 240 -37.49 18.67 -1.32
N GLN F 241 -38.64 18.72 -0.65
CA GLN F 241 -38.65 18.68 0.80
C GLN F 241 -38.06 17.38 1.33
N LEU F 242 -38.27 16.31 0.56
CA LEU F 242 -37.79 14.99 0.92
C LEU F 242 -36.27 14.90 1.02
N GLN F 243 -35.57 15.81 0.33
CA GLN F 243 -34.13 15.76 0.24
C GLN F 243 -33.44 16.43 1.42
N ASN F 244 -34.23 17.09 2.26
CA ASN F 244 -33.72 17.97 3.30
C ASN F 244 -32.43 18.65 2.90
N GLN F 245 -32.44 19.36 1.78
CA GLN F 245 -31.28 20.16 1.41
C GLN F 245 -31.04 21.18 2.51
N GLN F 246 -29.87 21.10 3.15
CA GLN F 246 -29.47 22.09 4.17
C GLN F 246 -30.16 21.97 5.55
N ASP F 247 -30.92 20.89 5.78
CA ASP F 247 -31.50 20.63 7.09
C ASP F 247 -30.36 20.55 8.11
N ASN F 248 -30.37 21.46 9.08
CA ASN F 248 -29.25 21.59 10.02
C ASN F 248 -29.42 20.75 11.29
N ARG F 249 -30.48 19.96 11.35
CA ARG F 249 -30.78 19.13 12.53
C ARG F 249 -29.82 17.97 12.78
N GLY F 250 -29.26 17.42 11.70
CA GLY F 250 -28.52 16.19 11.83
C GLY F 250 -29.49 15.03 11.86
N ASN F 251 -29.00 13.85 12.22
CA ASN F 251 -29.81 12.64 12.04
C ASN F 251 -30.60 12.20 13.27
N ILE F 252 -30.35 12.83 14.42
CA ILE F 252 -31.16 12.60 15.62
C ILE F 252 -31.97 13.85 15.93
N ILE F 253 -33.29 13.81 15.69
CA ILE F 253 -34.11 15.03 15.72
C ILE F 253 -35.14 15.10 16.85
N ARG F 254 -35.62 16.32 17.11
CA ARG F 254 -36.69 16.52 18.08
C ARG F 254 -38.01 16.17 17.41
N VAL F 255 -38.85 15.45 18.14
CA VAL F 255 -40.12 15.11 17.58
C VAL F 255 -41.17 16.04 18.11
N GLN F 256 -41.54 17.02 17.28
CA GLN F 256 -42.71 17.82 17.57
C GLN F 256 -43.95 16.99 17.24
N GLY F 257 -44.76 16.70 18.26
CA GLY F 257 -46.07 16.14 18.03
C GLY F 257 -46.35 14.77 18.62
N PRO F 258 -47.49 14.19 18.22
CA PRO F 258 -48.12 12.99 18.75
C PRO F 258 -47.56 11.77 18.07
N PHE F 259 -46.45 11.29 18.58
CA PHE F 259 -45.77 10.12 18.02
C PHE F 259 -46.54 8.81 18.28
N SER F 260 -47.79 8.75 17.82
CA SER F 260 -48.62 7.56 17.96
C SER F 260 -48.12 6.47 17.03
N VAL F 261 -47.43 5.47 17.59
CA VAL F 261 -46.75 4.44 16.79
C VAL F 261 -47.20 3.00 17.13
N ILE F 262 -47.60 2.77 18.38
CA ILE F 262 -48.34 1.58 18.77
C ILE F 262 -49.57 2.05 19.53
N ARG F 263 -50.76 1.76 19.05
CA ARG F 263 -51.94 2.38 19.67
C ARG F 263 -52.70 1.52 20.68
N PRO F 264 -53.26 0.38 20.25
CA PRO F 264 -53.74 -0.55 21.26
C PRO F 264 -52.94 -1.85 21.18
N PRO F 265 -51.93 -2.02 22.04
CA PRO F 265 -51.31 -3.34 22.15
C PRO F 265 -52.33 -4.41 22.53
N LEU F 266 -53.21 -4.73 21.58
CA LEU F 266 -54.17 -5.81 21.76
C LEU F 266 -53.98 -6.82 20.63
N ARG F 267 -53.79 -8.07 21.00
CA ARG F 267 -53.61 -9.14 20.02
C ARG F 267 -54.93 -9.82 19.70
N SER F 268 -55.21 -9.98 18.41
CA SER F 268 -56.45 -10.63 17.96
C SER F 268 -56.16 -11.99 17.32
N THR F 281 -35.71 -17.17 3.50
CA THR F 281 -35.19 -16.39 4.62
C THR F 281 -35.91 -16.73 5.93
N ILE F 282 -35.84 -15.81 6.88
CA ILE F 282 -36.58 -15.94 8.13
C ILE F 282 -37.10 -14.57 8.53
N CYS F 283 -37.93 -13.98 7.67
CA CYS F 283 -38.55 -12.68 7.97
C CYS F 283 -39.28 -12.76 9.32
N SER F 284 -39.69 -13.96 9.70
CA SER F 284 -40.34 -14.15 10.99
C SER F 284 -39.35 -14.79 11.95
N ALA F 285 -38.44 -13.98 12.47
CA ALA F 285 -37.47 -14.45 13.45
C ALA F 285 -37.31 -13.44 14.57
N ARG F 286 -36.76 -13.90 15.69
CA ARG F 286 -36.49 -13.04 16.83
C ARG F 286 -35.06 -12.53 16.75
N CYS F 287 -34.90 -11.23 16.54
CA CYS F 287 -33.57 -10.63 16.44
C CYS F 287 -33.20 -9.75 17.65
N THR F 288 -34.03 -9.77 18.70
CA THR F 288 -33.80 -8.98 19.94
C THR F 288 -33.83 -9.83 21.22
N ASP F 289 -32.76 -9.76 22.01
CA ASP F 289 -32.69 -10.54 23.24
C ASP F 289 -32.20 -9.68 24.42
N ASN F 290 -32.41 -10.13 25.66
CA ASN F 290 -32.03 -9.30 26.81
C ASN F 290 -31.03 -9.90 27.80
N LEU F 291 -29.83 -9.33 27.82
CA LEU F 291 -28.69 -9.90 28.53
C LEU F 291 -28.64 -9.52 30.01
N ASP F 292 -29.41 -8.52 30.41
CA ASP F 292 -29.48 -8.16 31.82
C ASP F 292 -30.34 -9.15 32.64
N ASP F 293 -30.77 -10.23 32.01
CA ASP F 293 -31.56 -11.29 32.66
C ASP F 293 -30.70 -12.51 33.03
N PRO F 294 -30.46 -12.71 34.34
CA PRO F 294 -29.56 -13.72 34.90
C PRO F 294 -30.07 -15.17 34.88
N SER F 295 -31.29 -15.39 34.41
CA SER F 295 -31.81 -16.75 34.30
C SER F 295 -31.33 -17.40 33.02
N ASN F 296 -30.78 -16.58 32.12
CA ASN F 296 -30.18 -17.06 30.87
C ASN F 296 -28.67 -16.85 30.84
N ALA F 297 -28.08 -16.72 32.01
CA ALA F 297 -26.63 -16.62 32.13
C ALA F 297 -25.97 -18.00 32.13
N ASP F 298 -24.73 -18.07 31.66
CA ASP F 298 -23.97 -19.31 31.62
C ASP F 298 -23.50 -19.62 33.03
N VAL F 299 -23.13 -18.57 33.75
CA VAL F 299 -22.58 -18.67 35.10
C VAL F 299 -23.22 -17.58 35.96
N TYR F 300 -23.85 -17.98 37.06
CA TYR F 300 -24.57 -17.03 37.91
C TYR F 300 -24.35 -17.26 39.40
N LYS F 301 -23.24 -16.76 39.94
CA LYS F 301 -23.02 -16.78 41.38
C LYS F 301 -23.55 -15.47 41.95
N PRO F 302 -24.47 -15.54 42.94
CA PRO F 302 -25.18 -14.37 43.46
C PRO F 302 -24.39 -13.47 44.44
N GLN F 303 -23.34 -13.99 45.05
CA GLN F 303 -22.45 -13.14 45.83
C GLN F 303 -21.49 -12.39 44.91
N LEU F 304 -21.09 -13.02 43.80
CA LEU F 304 -20.10 -12.47 42.88
C LEU F 304 -20.67 -11.70 41.70
N GLY F 305 -21.69 -12.26 41.05
CA GLY F 305 -22.28 -11.62 39.89
C GLY F 305 -22.56 -12.62 38.77
N TYR F 306 -22.74 -12.12 37.54
CA TYR F 306 -23.08 -13.01 36.43
C TYR F 306 -22.46 -12.70 35.07
N ILE F 307 -22.48 -13.71 34.21
CA ILE F 307 -22.07 -13.55 32.81
C ILE F 307 -23.09 -14.19 31.86
N SER F 308 -23.55 -13.41 30.89
CA SER F 308 -24.53 -13.89 29.94
C SER F 308 -23.94 -13.89 28.54
N THR F 309 -24.54 -14.67 27.65
CA THR F 309 -24.02 -14.86 26.31
C THR F 309 -25.10 -14.92 25.25
N LEU F 310 -24.87 -14.20 24.15
CA LEU F 310 -25.71 -14.35 22.98
C LEU F 310 -24.96 -15.13 21.88
N ASN F 311 -25.04 -16.46 21.94
CA ASN F 311 -24.49 -17.35 20.91
C ASN F 311 -25.43 -17.51 19.72
N SER F 312 -24.94 -18.15 18.67
CA SER F 312 -25.82 -18.53 17.57
C SER F 312 -26.81 -19.59 18.07
N TYR F 313 -26.53 -20.18 19.24
CA TYR F 313 -27.47 -21.08 19.88
C TYR F 313 -28.72 -20.29 20.19
N ASP F 314 -28.51 -19.12 20.78
CA ASP F 314 -29.61 -18.33 21.30
C ASP F 314 -30.36 -17.52 20.23
N LEU F 315 -29.64 -16.73 19.43
CA LEU F 315 -30.26 -16.05 18.29
C LEU F 315 -29.75 -16.60 16.99
N PRO F 316 -30.38 -17.68 16.51
CA PRO F 316 -29.97 -18.42 15.30
C PRO F 316 -29.62 -17.53 14.12
N ILE F 317 -30.33 -16.42 13.93
CA ILE F 317 -29.98 -15.43 12.90
C ILE F 317 -28.50 -15.00 12.95
N LEU F 318 -27.90 -15.07 14.14
CA LEU F 318 -26.49 -14.72 14.31
C LEU F 318 -25.52 -15.62 13.52
N ARG F 319 -25.94 -16.84 13.16
CA ARG F 319 -25.10 -17.73 12.36
C ARG F 319 -24.69 -17.02 11.09
N PHE F 320 -25.53 -16.11 10.63
CA PHE F 320 -25.27 -15.42 9.39
C PHE F 320 -24.37 -14.22 9.63
N LEU F 321 -24.68 -13.46 10.68
CA LEU F 321 -23.97 -12.23 11.02
C LEU F 321 -22.49 -12.40 11.40
N ARG F 322 -22.08 -13.62 11.74
CA ARG F 322 -20.73 -13.86 12.23
C ARG F 322 -20.43 -12.91 13.42
N LEU F 323 -21.35 -12.84 14.39
CA LEU F 323 -21.20 -11.96 15.58
C LEU F 323 -21.79 -12.54 16.88
N SER F 324 -20.97 -12.66 17.91
CA SER F 324 -21.41 -13.10 19.23
C SER F 324 -21.44 -11.90 20.20
N ALA F 325 -22.14 -12.03 21.31
CA ALA F 325 -22.05 -11.03 22.36
C ALA F 325 -21.90 -11.67 23.75
N LEU F 326 -21.56 -10.85 24.74
CA LEU F 326 -21.38 -11.29 26.12
C LEU F 326 -21.47 -10.17 27.16
N ARG F 327 -22.54 -10.19 27.96
CA ARG F 327 -22.74 -9.21 29.01
C ARG F 327 -22.26 -9.73 30.36
N GLY F 328 -21.66 -8.85 31.15
CA GLY F 328 -21.17 -9.23 32.46
C GLY F 328 -21.39 -8.15 33.50
N SER F 329 -21.62 -8.60 34.74
CA SER F 329 -21.88 -7.73 35.87
C SER F 329 -21.36 -8.37 37.15
N ILE F 330 -20.33 -7.78 37.76
CA ILE F 330 -19.74 -8.34 38.96
C ILE F 330 -19.58 -7.36 40.13
N ARG F 331 -19.71 -7.85 41.37
CA ARG F 331 -19.50 -7.01 42.56
C ARG F 331 -18.02 -6.74 42.69
N GLN F 332 -17.67 -5.63 43.33
CA GLN F 332 -16.28 -5.28 43.56
C GLN F 332 -15.42 -6.49 43.92
N ASN F 333 -14.19 -6.46 43.44
CA ASN F 333 -13.18 -7.47 43.80
C ASN F 333 -13.38 -8.85 43.19
N ALA F 334 -14.53 -9.06 42.55
CA ALA F 334 -14.71 -10.30 41.81
C ALA F 334 -13.77 -10.26 40.62
N MET F 335 -13.23 -11.42 40.28
CA MET F 335 -12.23 -11.50 39.22
C MET F 335 -12.69 -12.44 38.14
N VAL F 336 -12.57 -11.98 36.90
CA VAL F 336 -12.81 -12.84 35.75
C VAL F 336 -11.48 -13.47 35.39
N LEU F 337 -11.40 -14.78 35.59
CA LEU F 337 -10.18 -15.55 35.43
C LEU F 337 -9.54 -15.36 34.06
N PRO F 338 -8.20 -15.36 34.03
CA PRO F 338 -7.42 -15.15 32.81
C PRO F 338 -7.91 -16.03 31.68
N GLN F 339 -8.43 -15.42 30.62
CA GLN F 339 -9.03 -16.16 29.51
C GLN F 339 -8.68 -15.57 28.14
N TRP F 340 -8.87 -16.37 27.09
CA TRP F 340 -8.73 -15.87 25.75
C TRP F 340 -9.85 -16.38 24.85
N ASN F 341 -10.17 -15.63 23.81
CA ASN F 341 -11.08 -16.10 22.81
C ASN F 341 -10.34 -16.98 21.81
N ALA F 342 -10.84 -18.19 21.59
CA ALA F 342 -10.17 -19.13 20.68
C ALA F 342 -10.38 -18.73 19.23
N ASN F 343 -11.56 -18.24 18.88
CA ASN F 343 -11.88 -17.96 17.49
C ASN F 343 -12.57 -16.63 17.18
N ALA F 344 -12.24 -15.57 17.92
CA ALA F 344 -12.78 -14.26 17.58
C ALA F 344 -12.01 -13.13 18.23
N ASN F 345 -11.97 -12.01 17.52
CA ASN F 345 -11.60 -10.74 18.11
C ASN F 345 -12.79 -10.26 18.88
N ALA F 346 -12.56 -9.68 20.04
CA ALA F 346 -13.62 -9.10 20.81
C ALA F 346 -13.39 -7.61 21.01
N VAL F 347 -14.38 -6.95 21.60
CA VAL F 347 -14.34 -5.52 21.84
C VAL F 347 -15.19 -5.23 23.10
N LEU F 348 -14.55 -4.64 24.11
CA LEU F 348 -15.16 -4.52 25.42
C LEU F 348 -15.53 -3.08 25.75
N TYR F 349 -16.81 -2.87 26.08
CA TYR F 349 -17.31 -1.56 26.47
C TYR F 349 -17.77 -1.62 27.92
N VAL F 350 -17.37 -0.63 28.71
CA VAL F 350 -17.79 -0.63 30.10
C VAL F 350 -19.05 0.20 30.23
N THR F 351 -20.12 -0.40 30.75
CA THR F 351 -21.36 0.37 30.92
C THR F 351 -21.49 0.95 32.33
N ASP F 352 -20.79 0.35 33.28
CA ASP F 352 -20.91 0.76 34.67
C ASP F 352 -19.66 0.45 35.47
N GLY F 353 -19.10 1.47 36.10
CA GLY F 353 -18.02 1.24 37.03
C GLY F 353 -16.67 1.12 36.37
N GLU F 354 -15.76 0.46 37.08
CA GLU F 354 -14.42 0.32 36.60
C GLU F 354 -13.80 -0.93 37.15
N ALA F 355 -12.83 -1.45 36.40
CA ALA F 355 -12.12 -2.65 36.79
C ALA F 355 -10.69 -2.52 36.31
N HIS F 356 -9.78 -3.18 37.01
CA HIS F 356 -8.42 -3.23 36.59
C HIS F 356 -8.24 -4.49 35.75
N VAL F 357 -7.74 -4.31 34.54
CA VAL F 357 -7.62 -5.42 33.61
C VAL F 357 -6.20 -5.48 33.08
N GLN F 358 -5.78 -6.67 32.72
CA GLN F 358 -4.51 -6.87 32.03
C GLN F 358 -4.71 -7.69 30.76
N VAL F 359 -4.12 -7.22 29.66
CA VAL F 359 -4.17 -7.95 28.41
C VAL F 359 -2.75 -8.36 27.99
N VAL F 360 -2.58 -9.64 27.69
CA VAL F 360 -1.28 -10.15 27.24
C VAL F 360 -1.28 -10.74 25.82
N ASN F 361 -0.49 -10.13 24.93
CA ASN F 361 -0.39 -10.58 23.56
C ASN F 361 0.48 -11.83 23.37
N ASP F 362 0.77 -12.13 22.11
CA ASP F 362 1.43 -13.39 21.75
C ASP F 362 2.94 -13.38 21.96
N ASN F 363 3.48 -12.24 22.40
CA ASN F 363 4.91 -12.14 22.68
C ASN F 363 5.15 -12.35 24.16
N GLY F 364 4.04 -12.42 24.91
CA GLY F 364 4.11 -12.58 26.34
C GLY F 364 4.26 -11.24 27.01
N ASP F 365 4.11 -10.17 26.24
CA ASP F 365 4.23 -8.82 26.76
C ASP F 365 2.90 -8.36 27.32
N ARG F 366 2.93 -7.52 28.34
CA ARG F 366 1.71 -6.92 28.85
C ARG F 366 1.39 -5.72 27.96
N VAL F 367 0.28 -5.79 27.23
CA VAL F 367 -0.06 -4.74 26.26
C VAL F 367 -1.10 -3.79 26.81
N PHE F 368 -1.57 -4.08 28.02
CA PHE F 368 -2.48 -3.20 28.73
C PHE F 368 -2.50 -3.56 30.20
N ASP F 369 -2.45 -2.57 31.07
CA ASP F 369 -2.41 -2.82 32.50
C ASP F 369 -2.89 -1.58 33.27
N GLY F 370 -4.20 -1.35 33.21
CA GLY F 370 -4.78 -0.16 33.82
C GLY F 370 -6.27 -0.25 34.13
N GLN F 371 -6.82 0.90 34.51
CA GLN F 371 -8.23 0.99 34.85
C GLN F 371 -9.04 1.14 33.57
N VAL F 372 -10.28 0.64 33.58
CA VAL F 372 -11.17 0.84 32.44
C VAL F 372 -12.55 1.15 33.00
N SER F 373 -13.19 2.19 32.50
CA SER F 373 -14.38 2.71 33.18
C SER F 373 -15.50 3.14 32.23
N GLN F 374 -16.63 3.47 32.81
CA GLN F 374 -17.82 3.79 32.02
C GLN F 374 -17.52 4.49 30.71
N GLY F 375 -17.94 3.87 29.60
CA GLY F 375 -17.90 4.51 28.30
C GLY F 375 -16.64 4.32 27.50
N GLN F 376 -15.64 3.67 28.10
CA GLN F 376 -14.43 3.34 27.36
C GLN F 376 -14.57 1.98 26.69
N LEU F 377 -13.81 1.78 25.62
CA LEU F 377 -13.89 0.57 24.81
C LEU F 377 -12.50 0.00 24.70
N LEU F 378 -12.36 -1.30 24.97
CA LEU F 378 -11.05 -1.94 24.90
C LEU F 378 -11.08 -3.10 23.93
N SER F 379 -10.11 -3.13 23.03
CA SER F 379 -10.01 -4.13 21.97
C SER F 379 -9.17 -5.35 22.43
N ILE F 380 -9.68 -6.56 22.15
CA ILE F 380 -9.03 -7.80 22.56
C ILE F 380 -9.02 -8.83 21.43
N PRO F 381 -7.97 -8.81 20.58
CA PRO F 381 -7.92 -9.66 19.39
C PRO F 381 -7.87 -11.14 19.74
N GLN F 382 -8.27 -11.99 18.80
CA GLN F 382 -8.17 -13.43 18.99
C GLN F 382 -6.79 -13.84 19.50
N GLY F 383 -6.77 -14.52 20.64
CA GLY F 383 -5.53 -15.04 21.18
C GLY F 383 -5.00 -14.27 22.38
N PHE F 384 -5.19 -12.95 22.36
CA PHE F 384 -4.77 -12.15 23.50
C PHE F 384 -5.49 -12.66 24.75
N SER F 385 -4.75 -12.78 25.84
CA SER F 385 -5.27 -13.29 27.12
C SER F 385 -5.48 -12.13 28.10
N VAL F 386 -6.61 -12.17 28.79
CA VAL F 386 -7.12 -11.04 29.56
C VAL F 386 -7.49 -11.45 30.96
N VAL F 387 -7.34 -10.53 31.91
CA VAL F 387 -7.92 -10.73 33.23
C VAL F 387 -8.60 -9.44 33.68
N LYS F 388 -9.79 -9.57 34.26
CA LYS F 388 -10.48 -8.39 34.76
C LYS F 388 -10.76 -8.55 36.25
N ARG F 389 -10.57 -7.48 37.03
CA ARG F 389 -10.94 -7.47 38.43
C ARG F 389 -11.74 -6.21 38.77
N ALA F 390 -13.00 -6.37 39.12
CA ALA F 390 -13.87 -5.23 39.43
C ALA F 390 -13.28 -4.39 40.54
N THR F 391 -13.51 -3.09 40.47
CA THR F 391 -12.84 -2.13 41.34
C THR F 391 -13.82 -1.20 42.02
N SER F 392 -14.95 -0.98 41.34
CA SER F 392 -16.04 -0.17 41.86
C SER F 392 -16.99 -1.12 42.56
N GLU F 393 -18.10 -0.60 43.09
CA GLU F 393 -19.09 -1.45 43.74
C GLU F 393 -19.59 -2.55 42.82
N GLN F 394 -19.90 -2.16 41.58
CA GLN F 394 -20.29 -3.11 40.56
C GLN F 394 -19.56 -2.71 39.29
N PHE F 395 -18.94 -3.69 38.63
CA PHE F 395 -18.37 -3.51 37.30
C PHE F 395 -19.31 -4.16 36.30
N ARG F 396 -19.74 -3.43 35.28
CA ARG F 396 -20.61 -4.05 34.28
C ARG F 396 -20.24 -3.71 32.86
N TRP F 397 -20.10 -4.74 32.06
CA TRP F 397 -19.56 -4.56 30.73
C TRP F 397 -20.35 -5.34 29.69
N ILE F 398 -20.05 -5.06 28.43
CA ILE F 398 -20.59 -5.78 27.30
C ILE F 398 -19.41 -6.08 26.38
N GLU F 399 -19.28 -7.34 25.96
CA GLU F 399 -18.25 -7.74 24.99
C GLU F 399 -18.91 -8.08 23.67
N PHE F 400 -18.36 -7.60 22.58
CA PHE F 400 -18.78 -7.99 21.24
C PHE F 400 -17.70 -8.85 20.61
N LYS F 401 -18.06 -10.04 20.14
CA LYS F 401 -17.09 -10.97 19.54
C LYS F 401 -17.39 -11.21 18.05
N THR F 402 -16.34 -11.34 17.24
CA THR F 402 -16.52 -11.54 15.79
C THR F 402 -16.68 -13.00 15.40
N ASN F 403 -17.58 -13.71 16.07
CA ASN F 403 -17.92 -15.07 15.71
C ASN F 403 -19.32 -15.38 16.22
N ALA F 404 -20.13 -16.08 15.44
CA ALA F 404 -21.50 -16.40 15.88
C ALA F 404 -21.53 -17.21 17.19
N ASN F 405 -20.54 -18.07 17.39
CA ASN F 405 -20.37 -18.76 18.66
C ASN F 405 -18.93 -18.62 19.10
N ALA F 406 -18.70 -17.76 20.09
CA ALA F 406 -17.34 -17.53 20.53
C ALA F 406 -16.94 -18.66 21.46
N GLN F 407 -15.72 -19.17 21.26
CA GLN F 407 -15.16 -20.15 22.16
C GLN F 407 -14.13 -19.52 23.11
N ILE F 408 -14.51 -19.40 24.38
CA ILE F 408 -13.64 -18.90 25.43
C ILE F 408 -12.83 -20.03 26.08
N ASN F 409 -11.50 -19.95 25.99
CA ASN F 409 -10.63 -20.90 26.70
C ASN F 409 -10.01 -20.22 27.90
N THR F 410 -10.07 -20.88 29.05
CA THR F 410 -9.60 -20.27 30.29
C THR F 410 -8.17 -20.72 30.64
N LEU F 411 -7.41 -19.87 31.32
CA LEU F 411 -6.04 -20.19 31.68
C LEU F 411 -5.91 -20.74 33.08
N ALA F 412 -6.85 -20.39 33.94
CA ALA F 412 -6.87 -20.91 35.31
C ALA F 412 -8.29 -21.22 35.71
N GLY F 413 -8.47 -22.30 36.45
CA GLY F 413 -9.80 -22.69 36.87
C GLY F 413 -10.11 -24.09 36.45
N ARG F 414 -11.32 -24.54 36.76
CA ARG F 414 -11.69 -25.94 36.61
C ARG F 414 -11.75 -26.44 35.16
N THR F 415 -11.84 -25.52 34.20
CA THR F 415 -11.80 -25.91 32.79
C THR F 415 -10.59 -25.30 32.08
N SER F 416 -9.51 -25.13 32.82
CA SER F 416 -8.30 -24.50 32.32
C SER F 416 -7.64 -25.36 31.26
N VAL F 417 -6.91 -24.72 30.33
CA VAL F 417 -6.07 -25.45 29.39
C VAL F 417 -5.03 -26.26 30.15
N LEU F 418 -4.62 -25.74 31.32
CA LEU F 418 -3.60 -26.38 32.16
C LEU F 418 -4.16 -27.59 32.88
N ARG F 419 -5.40 -27.48 33.32
CA ARG F 419 -6.09 -28.59 33.92
C ARG F 419 -5.94 -29.78 32.99
N GLY F 420 -5.90 -29.50 31.69
CA GLY F 420 -5.85 -30.53 30.65
C GLY F 420 -4.46 -31.07 30.39
N LEU F 421 -3.50 -30.59 31.16
CA LEU F 421 -2.11 -31.02 30.99
C LEU F 421 -1.71 -32.10 32.00
N PRO F 422 -0.95 -33.10 31.54
CA PRO F 422 -0.26 -34.05 32.42
C PRO F 422 0.62 -33.30 33.41
N LEU F 423 0.58 -33.67 34.68
CA LEU F 423 1.35 -32.97 35.69
C LEU F 423 2.78 -32.79 35.24
N GLU F 424 3.36 -33.82 34.62
CA GLU F 424 4.77 -33.79 34.28
C GLU F 424 5.11 -32.74 33.20
N VAL F 425 4.14 -32.44 32.34
CA VAL F 425 4.33 -31.37 31.36
C VAL F 425 4.43 -30.02 32.07
N ILE F 426 3.61 -29.84 33.10
CA ILE F 426 3.59 -28.60 33.86
C ILE F 426 4.88 -28.43 34.65
N SER F 427 5.26 -29.45 35.40
CA SER F 427 6.46 -29.35 36.24
C SER F 427 7.73 -29.16 35.42
N ASN F 428 7.92 -29.91 34.33
CA ASN F 428 9.11 -29.68 33.50
C ASN F 428 9.01 -28.38 32.75
N GLY F 429 7.79 -27.97 32.44
CA GLY F 429 7.54 -26.80 31.62
C GLY F 429 7.90 -25.50 32.32
N TYR F 430 7.65 -25.48 33.62
CA TYR F 430 7.89 -24.28 34.41
C TYR F 430 9.03 -24.50 35.39
N GLN F 431 9.55 -25.74 35.40
CA GLN F 431 10.51 -26.17 36.39
C GLN F 431 10.02 -25.86 37.80
N ILE F 432 9.04 -26.64 38.25
CA ILE F 432 8.50 -26.54 39.60
C ILE F 432 8.26 -27.94 40.20
N SER F 433 7.91 -27.96 41.50
CA SER F 433 7.63 -29.20 42.22
C SER F 433 6.52 -29.99 41.57
N LEU F 434 6.62 -31.31 41.63
CA LEU F 434 5.52 -32.14 41.23
C LEU F 434 4.30 -31.76 42.08
N GLU F 435 4.57 -31.24 43.27
CA GLU F 435 3.54 -30.85 44.22
C GLU F 435 3.10 -29.41 43.99
N GLU F 436 3.99 -28.60 43.43
CA GLU F 436 3.63 -27.23 43.05
C GLU F 436 2.73 -27.32 41.82
N ALA F 437 3.04 -28.25 40.92
CA ALA F 437 2.18 -28.46 39.75
C ALA F 437 0.82 -28.93 40.25
N ARG F 438 0.82 -29.94 41.12
CA ARG F 438 -0.42 -30.44 41.69
C ARG F 438 -1.26 -29.24 42.14
N ARG F 439 -0.59 -28.24 42.72
CA ARG F 439 -1.26 -27.05 43.23
C ARG F 439 -1.76 -26.10 42.15
N VAL F 440 -0.87 -25.65 41.27
CA VAL F 440 -1.25 -24.69 40.25
C VAL F 440 -2.43 -25.19 39.42
N LYS F 441 -2.43 -26.50 39.17
CA LYS F 441 -3.42 -27.14 38.30
C LYS F 441 -4.81 -27.34 38.94
N PHE F 442 -4.83 -27.55 40.25
CA PHE F 442 -6.07 -27.95 40.90
C PHE F 442 -6.63 -27.01 41.98
N ASN F 443 -5.78 -26.16 42.56
CA ASN F 443 -6.19 -25.34 43.70
C ASN F 443 -7.38 -24.43 43.43
N THR F 444 -7.45 -23.84 42.24
CA THR F 444 -8.65 -23.08 41.88
C THR F 444 -9.74 -24.02 41.41
N ILE F 445 -10.88 -23.96 42.07
CA ILE F 445 -11.98 -24.86 41.71
C ILE F 445 -13.01 -24.19 40.83
N GLU F 446 -13.07 -22.86 40.84
CA GLU F 446 -14.02 -22.15 40.00
C GLU F 446 -13.64 -22.11 38.50
N THR F 447 -14.66 -22.00 37.66
CA THR F 447 -14.52 -22.04 36.21
C THR F 447 -14.08 -20.71 35.61
N THR F 448 -14.91 -19.68 35.82
CA THR F 448 -14.79 -18.38 35.17
C THR F 448 -14.66 -17.26 36.19
N LEU F 449 -15.66 -17.18 37.09
CA LEU F 449 -15.79 -16.14 38.12
C LEU F 449 -15.23 -16.59 39.48
N THR F 450 -14.52 -15.69 40.16
CA THR F 450 -14.02 -16.00 41.50
C THR F 450 -13.97 -14.76 42.43
N HIS F 451 -13.65 -14.96 43.70
CA HIS F 451 -13.46 -13.84 44.62
C HIS F 451 -11.97 -13.58 44.82
N SER F 452 -11.60 -12.34 45.17
CA SER F 452 -10.19 -12.01 45.45
C SER F 452 -10.02 -10.69 46.22
N SER F 453 -8.84 -10.11 46.11
CA SER F 453 -8.55 -8.82 46.71
C SER F 453 -7.30 -8.20 46.08
N GLY F 454 -7.47 -7.09 45.37
CA GLY F 454 -6.38 -6.43 44.66
C GLY F 454 -5.27 -5.90 45.55
N PRO F 455 -4.14 -5.51 44.94
CA PRO F 455 -2.94 -5.01 45.64
C PRO F 455 -3.26 -3.90 46.63
C1 GOL G . 2.62 13.16 -24.33
O1 GOL G . 1.83 13.97 -25.18
C2 GOL G . 1.62 12.56 -23.35
O2 GOL G . 0.34 12.47 -23.95
C3 GOL G . 2.03 11.21 -22.77
O3 GOL G . 0.87 10.60 -22.23
S SO4 H . 27.60 -11.54 -28.87
O1 SO4 H . 27.53 -12.58 -29.90
O2 SO4 H . 28.52 -10.49 -29.31
O3 SO4 H . 26.27 -10.99 -28.62
O4 SO4 H . 28.09 -12.13 -27.63
C1 GOL I . 1.12 21.29 14.13
O1 GOL I . 0.38 20.28 14.81
C2 GOL I . 1.15 22.49 15.06
O2 GOL I . 2.25 23.35 14.83
C3 GOL I . 1.29 22.07 16.51
O3 GOL I . 2.12 23.03 17.11
C1 GOL J . 28.01 -5.04 1.69
O1 GOL J . 28.89 -6.00 1.12
C2 GOL J . 26.76 -5.77 2.20
O2 GOL J . 26.57 -7.01 1.55
C3 GOL J . 25.47 -5.00 2.01
O3 GOL J . 24.46 -5.97 2.23
S SO4 K . 18.11 13.65 -0.58
O1 SO4 K . 17.85 12.57 -1.51
O2 SO4 K . 17.99 14.92 -1.31
O3 SO4 K . 17.11 13.58 0.50
O4 SO4 K . 19.45 13.54 -0.02
C1 GOL L . -11.65 -14.53 -19.99
O1 GOL L . -11.94 -15.82 -20.49
C2 GOL L . -10.64 -14.04 -20.99
O2 GOL L . -10.26 -15.23 -21.67
C3 GOL L . -9.46 -13.32 -20.31
O3 GOL L . -9.91 -12.63 -19.17
S SO4 M . -35.17 10.06 -15.42
O1 SO4 M . -36.29 9.35 -16.01
O2 SO4 M . -35.68 11.01 -14.43
O3 SO4 M . -34.27 9.07 -14.79
O4 SO4 M . -34.45 10.79 -16.48
C1 GOL N . 6.44 -20.60 15.09
O1 GOL N . 6.37 -20.31 13.72
C2 GOL N . 6.41 -22.11 15.36
O2 GOL N . 6.68 -22.43 16.72
C3 GOL N . 5.06 -22.74 15.11
O3 GOL N . 4.98 -23.80 16.05
C1 GOL O . -21.12 5.68 12.25
O1 GOL O . -21.17 6.97 11.66
C2 GOL O . -22.55 5.14 12.38
O2 GOL O . -22.70 4.43 13.59
C3 GOL O . -23.63 6.22 12.27
O3 GOL O . -24.81 5.75 12.88
S SO4 P . -4.99 -6.94 39.88
O1 SO4 P . -5.46 -7.16 38.51
O2 SO4 P . -5.62 -5.75 40.43
O3 SO4 P . -5.32 -8.12 40.69
O4 SO4 P . -3.55 -6.75 39.84
#